data_4D09
#
_entry.id   4D09
#
_cell.length_a   56.140
_cell.length_b   73.430
_cell.length_c   91.620
_cell.angle_alpha   109.37
_cell.angle_beta   91.82
_cell.angle_gamma   91.05
#
_symmetry.space_group_name_H-M   'P 1'
#
loop_
_entity.id
_entity.type
_entity.pdbx_description
1 polymer "CGMP-DEPENDENT 3', 5'-CYCLIC PHOSPHODIESTERASE"
2 non-polymer N-benzyl-4-methyl-1-phenyl[1,2,4]triazolo[4,3-a]quinoxaline-8-carboxamide
3 non-polymer 'ZINC ION'
4 non-polymer 'MAGNESIUM ION'
5 water water
#
_entity_poly.entity_id   1
_entity_poly.type   'polypeptide(L)'
_entity_poly.pdbx_seq_one_letter_code
;MGSDDEYTKLLHDGIQPVAAIDSNFASFTYTPRSLPEDDTSMAILSMLQDMNFINNYKIDCPTLARFCLMVKKGYRDPPY
HNWMHAFSVSHFCYLLYKNLELTNYLEDIEIFALFISCMCHDLDHRGTNNSFQVASKSVLAALYSSEGSVMERHHFAQAI
AILNTHGCNIFDHFSRKDYQRMLDLMRDIILATDLAHHLRIFKDLQKMAEVGYDRNNKQHHRLLLCLLMTSCDLSDQTKG
WKTTRKIAELIYKEFFSQGDLEKAMGNRPMEMMDREKAYIPELQISFMEHIAMPIYKLLQDLFPKAAELYERVASNREHW
TKVSHKFTIRGLPSNNSLDFLDEEYERHHHHHH
;
_entity_poly.pdbx_strand_id   A,B,C,D
#
# COMPACT_ATOMS: atom_id res chain seq x y z
N ASP A 4 -13.41 -8.71 -2.19
CA ASP A 4 -13.43 -9.88 -1.29
C ASP A 4 -14.26 -11.06 -1.81
N ASP A 5 -15.22 -10.80 -2.70
CA ASP A 5 -16.17 -11.84 -3.12
C ASP A 5 -15.51 -12.94 -3.95
N GLU A 6 -14.59 -12.54 -4.83
CA GLU A 6 -13.79 -13.50 -5.58
C GLU A 6 -12.92 -14.32 -4.63
N TYR A 7 -12.30 -13.63 -3.67
CA TYR A 7 -11.49 -14.27 -2.64
C TYR A 7 -12.35 -15.19 -1.78
N THR A 8 -13.54 -14.73 -1.42
CA THR A 8 -14.50 -15.50 -0.63
C THR A 8 -14.81 -16.82 -1.34
N LYS A 9 -15.18 -16.73 -2.62
CA LYS A 9 -15.58 -17.91 -3.39
C LYS A 9 -14.41 -18.84 -3.69
N LEU A 10 -13.25 -18.25 -3.98
CA LEU A 10 -12.03 -19.02 -4.21
C LEU A 10 -11.56 -19.74 -2.93
N LEU A 11 -11.81 -19.13 -1.77
CA LEU A 11 -11.38 -19.72 -0.49
C LEU A 11 -12.35 -20.77 0.02
N HIS A 12 -13.64 -20.44 0.04
CA HIS A 12 -14.64 -21.23 0.75
C HIS A 12 -15.36 -22.28 -0.11
N ASP A 13 -15.47 -22.05 -1.43
CA ASP A 13 -16.15 -23.00 -2.31
C ASP A 13 -15.41 -24.34 -2.41
N GLY A 14 -14.09 -24.32 -2.21
CA GLY A 14 -13.27 -25.52 -2.28
C GLY A 14 -12.49 -25.62 -3.58
N ILE A 15 -11.58 -26.59 -3.67
CA ILE A 15 -10.75 -26.77 -4.86
C ILE A 15 -11.27 -27.88 -5.78
N GLN A 16 -11.53 -27.54 -7.03
CA GLN A 16 -12.02 -28.51 -8.02
C GLN A 16 -10.88 -29.41 -8.48
N PRO A 17 -11.20 -30.67 -8.85
CA PRO A 17 -10.16 -31.53 -9.39
C PRO A 17 -9.77 -31.06 -10.79
N VAL A 18 -8.52 -31.33 -11.17
CA VAL A 18 -8.02 -30.89 -12.49
C VAL A 18 -8.81 -31.47 -13.66
N ALA A 19 -9.37 -32.66 -13.50
CA ALA A 19 -10.20 -33.26 -14.55
C ALA A 19 -11.49 -32.45 -14.77
N ALA A 20 -12.04 -31.87 -13.70
CA ALA A 20 -13.29 -31.11 -13.79
C ALA A 20 -13.13 -29.79 -14.54
N ILE A 21 -11.90 -29.32 -14.68
CA ILE A 21 -11.61 -28.12 -15.47
C ILE A 21 -11.70 -28.50 -16.93
N ASP A 22 -10.95 -29.53 -17.30
CA ASP A 22 -11.03 -30.11 -18.64
C ASP A 22 -10.59 -31.56 -18.58
N SER A 23 -11.18 -32.39 -19.41
CA SER A 23 -10.82 -33.81 -19.45
C SER A 23 -9.36 -34.00 -19.90
N ASN A 24 -8.90 -33.12 -20.79
CA ASN A 24 -7.53 -33.18 -21.32
C ASN A 24 -6.52 -32.31 -20.59
N PHE A 25 -6.90 -31.78 -19.43
CA PHE A 25 -6.10 -30.75 -18.75
C PHE A 25 -4.63 -31.12 -18.55
N ALA A 26 -4.33 -32.40 -18.32
CA ALA A 26 -2.98 -32.83 -18.02
C ALA A 26 -2.21 -33.30 -19.26
N SER A 27 -2.72 -33.00 -20.44
CA SER A 27 -2.11 -33.43 -21.70
C SER A 27 -1.48 -32.26 -22.46
N PHE A 28 -0.34 -32.50 -23.09
CA PHE A 28 0.30 -31.52 -23.98
C PHE A 28 -0.59 -31.00 -25.11
N THR A 29 -1.53 -31.80 -25.58
CA THR A 29 -2.43 -31.39 -26.67
C THR A 29 -3.46 -30.32 -26.26
N TYR A 30 -3.71 -30.20 -24.96
CA TYR A 30 -4.65 -29.22 -24.45
C TYR A 30 -4.08 -27.80 -24.48
N THR A 31 -4.93 -26.83 -24.84
CA THR A 31 -4.53 -25.42 -24.94
C THR A 31 -5.17 -24.62 -23.81
N PRO A 32 -4.37 -24.25 -22.79
CA PRO A 32 -4.93 -23.56 -21.62
C PRO A 32 -5.52 -22.17 -21.90
N ARG A 33 -5.18 -21.57 -23.04
CA ARG A 33 -5.79 -20.28 -23.43
C ARG A 33 -7.30 -20.40 -23.71
N SER A 34 -7.78 -21.60 -23.99
CA SER A 34 -9.22 -21.82 -24.21
C SER A 34 -10.04 -21.83 -22.92
N LEU A 35 -9.37 -21.84 -21.78
CA LEU A 35 -10.03 -21.72 -20.50
C LEU A 35 -10.35 -20.24 -20.29
N PRO A 36 -11.60 -19.91 -19.91
CA PRO A 36 -11.95 -18.51 -19.71
C PRO A 36 -11.23 -17.90 -18.51
N GLU A 37 -10.77 -16.66 -18.67
CA GLU A 37 -9.94 -15.99 -17.66
C GLU A 37 -10.51 -16.07 -16.23
N ASP A 38 -11.82 -15.88 -16.08
CA ASP A 38 -12.47 -15.92 -14.74
C ASP A 38 -12.40 -17.30 -14.03
N ASP A 39 -12.00 -18.34 -14.77
CA ASP A 39 -11.75 -19.64 -14.18
C ASP A 39 -10.30 -19.87 -13.79
N THR A 40 -9.37 -19.01 -14.23
CA THR A 40 -7.94 -19.34 -14.15
C THR A 40 -7.37 -19.41 -12.72
N SER A 41 -7.93 -18.63 -11.81
CA SER A 41 -7.47 -18.65 -10.43
C SER A 41 -7.79 -19.98 -9.77
N MET A 42 -8.96 -20.55 -10.10
CA MET A 42 -9.33 -21.88 -9.60
C MET A 42 -8.36 -22.93 -10.13
N ALA A 43 -8.10 -22.91 -11.43
CA ALA A 43 -7.18 -23.83 -12.08
C ALA A 43 -5.75 -23.75 -11.51
N ILE A 44 -5.33 -22.55 -11.08
CA ILE A 44 -4.04 -22.41 -10.40
C ILE A 44 -4.06 -23.21 -9.10
N LEU A 45 -5.12 -23.04 -8.30
CA LEU A 45 -5.24 -23.77 -7.04
C LEU A 45 -5.31 -25.28 -7.26
N SER A 46 -6.08 -25.70 -8.26
CA SER A 46 -6.27 -27.12 -8.55
C SER A 46 -4.97 -27.77 -9.00
N MET A 47 -4.16 -27.06 -9.78
CA MET A 47 -2.84 -27.56 -10.18
C MET A 47 -1.93 -27.70 -8.97
N LEU A 48 -1.92 -26.68 -8.11
CA LEU A 48 -1.14 -26.72 -6.88
C LEU A 48 -1.59 -27.86 -5.99
N GLN A 49 -2.90 -28.03 -5.87
CA GLN A 49 -3.44 -29.17 -5.13
C GLN A 49 -2.94 -30.46 -5.76
N ASP A 50 -3.15 -30.61 -7.06
CA ASP A 50 -2.82 -31.84 -7.76
C ASP A 50 -1.32 -32.21 -7.77
N MET A 51 -0.45 -31.20 -7.78
CA MET A 51 1.00 -31.43 -7.64
C MET A 51 1.40 -31.64 -6.18
N ASN A 52 0.41 -31.61 -5.29
CA ASN A 52 0.58 -31.80 -3.85
C ASN A 52 1.50 -30.80 -3.13
N PHE A 53 1.66 -29.61 -3.71
CA PHE A 53 2.41 -28.54 -3.08
C PHE A 53 1.66 -27.92 -1.90
N ILE A 54 0.34 -27.79 -2.00
CA ILE A 54 -0.46 -27.24 -0.89
C ILE A 54 -0.29 -28.05 0.40
N ASN A 55 -0.47 -29.36 0.30
CA ASN A 55 -0.29 -30.27 1.45
C ASN A 55 1.18 -30.39 1.90
N ASN A 56 2.06 -30.78 0.98
CA ASN A 56 3.46 -31.03 1.29
C ASN A 56 4.14 -29.85 2.01
N TYR A 57 3.86 -28.63 1.55
CA TYR A 57 4.41 -27.43 2.20
C TYR A 57 3.44 -26.74 3.16
N LYS A 58 2.34 -27.42 3.49
CA LYS A 58 1.33 -26.92 4.43
C LYS A 58 0.99 -25.47 4.17
N ILE A 59 0.69 -25.16 2.91
CA ILE A 59 0.40 -23.79 2.52
C ILE A 59 -0.93 -23.42 3.15
N ASP A 60 -1.00 -22.22 3.73
CA ASP A 60 -2.22 -21.70 4.28
C ASP A 60 -3.15 -21.31 3.12
N CYS A 61 -4.40 -21.78 3.18
CA CYS A 61 -5.35 -21.55 2.10
C CYS A 61 -5.87 -20.12 2.00
N PRO A 62 -6.19 -19.50 3.15
CA PRO A 62 -6.49 -18.08 3.06
C PRO A 62 -5.33 -17.31 2.41
N THR A 63 -4.12 -17.54 2.89
CA THR A 63 -2.93 -16.88 2.35
C THR A 63 -2.77 -17.15 0.85
N LEU A 64 -2.92 -18.40 0.45
CA LEU A 64 -2.74 -18.82 -0.94
C LEU A 64 -3.77 -18.18 -1.90
N ALA A 65 -5.01 -18.09 -1.44
CA ALA A 65 -6.06 -17.44 -2.21
C ALA A 65 -5.66 -16.00 -2.50
N ARG A 66 -5.38 -15.24 -1.45
CA ARG A 66 -4.99 -13.84 -1.65
C ARG A 66 -3.81 -13.74 -2.62
N PHE A 67 -2.77 -14.51 -2.37
CA PHE A 67 -1.55 -14.49 -3.18
C PHE A 67 -1.84 -14.69 -4.66
N CYS A 68 -2.60 -15.75 -4.96
CA CYS A 68 -2.97 -16.07 -6.34
C CYS A 68 -3.71 -14.93 -7.05
N LEU A 69 -4.65 -14.31 -6.36
CA LEU A 69 -5.40 -13.18 -6.91
C LEU A 69 -4.51 -11.94 -7.07
N MET A 70 -3.62 -11.74 -6.10
CA MET A 70 -2.67 -10.63 -6.12
C MET A 70 -1.69 -10.75 -7.29
N VAL A 71 -1.24 -11.97 -7.56
CA VAL A 71 -0.39 -12.23 -8.72
C VAL A 71 -1.17 -11.94 -10.02
N LYS A 72 -2.44 -12.35 -10.07
CA LYS A 72 -3.29 -12.12 -11.26
C LYS A 72 -3.54 -10.64 -11.49
N LYS A 73 -3.87 -9.94 -10.42
CA LYS A 73 -4.13 -8.50 -10.51
C LYS A 73 -2.84 -7.68 -10.56
N GLY A 74 -1.71 -8.37 -10.63
CA GLY A 74 -0.40 -7.73 -10.79
C GLY A 74 0.04 -7.67 -12.22
N TYR A 75 -0.81 -8.16 -13.13
CA TYR A 75 -0.58 -8.08 -14.57
C TYR A 75 -1.46 -7.01 -15.18
N ARG A 76 -0.85 -6.21 -16.05
CA ARG A 76 -1.59 -5.23 -16.85
C ARG A 76 -2.10 -5.97 -18.07
N ASP A 77 -2.53 -5.26 -19.11
CA ASP A 77 -3.20 -5.91 -20.25
C ASP A 77 -2.68 -5.49 -21.64
N PRO A 78 -1.37 -5.67 -21.89
CA PRO A 78 -0.88 -5.49 -23.23
C PRO A 78 -1.28 -6.68 -24.09
N PRO A 79 -1.19 -6.56 -25.42
CA PRO A 79 -1.62 -7.67 -26.25
C PRO A 79 -1.12 -9.06 -25.79
N TYR A 80 0.17 -9.19 -25.49
CA TYR A 80 0.73 -10.51 -25.16
C TYR A 80 1.14 -10.73 -23.69
N HIS A 81 1.86 -9.79 -23.07
CA HIS A 81 2.41 -10.01 -21.71
C HIS A 81 1.42 -9.72 -20.56
N ASN A 82 0.29 -10.43 -20.60
CA ASN A 82 -0.83 -10.25 -19.67
C ASN A 82 -0.99 -11.50 -18.80
N TRP A 83 -2.06 -11.57 -18.00
CA TRP A 83 -2.25 -12.69 -17.07
C TRP A 83 -2.34 -14.06 -17.74
N MET A 84 -3.01 -14.14 -18.88
CA MET A 84 -3.21 -15.40 -19.59
C MET A 84 -1.89 -16.03 -20.09
N HIS A 85 -0.87 -15.19 -20.33
CA HIS A 85 0.45 -15.68 -20.68
C HIS A 85 1.10 -16.34 -19.47
N ALA A 86 1.05 -15.63 -18.35
CA ALA A 86 1.52 -16.18 -17.09
C ALA A 86 0.79 -17.46 -16.76
N PHE A 87 -0.53 -17.48 -16.97
CA PHE A 87 -1.32 -18.66 -16.65
C PHE A 87 -0.93 -19.84 -17.54
N SER A 88 -0.86 -19.61 -18.85
CA SER A 88 -0.53 -20.67 -19.79
C SER A 88 0.92 -21.13 -19.65
N VAL A 89 1.79 -20.23 -19.20
CA VAL A 89 3.17 -20.61 -18.90
C VAL A 89 3.22 -21.50 -17.65
N SER A 90 2.42 -21.18 -16.63
CA SER A 90 2.33 -21.97 -15.41
C SER A 90 1.75 -23.36 -15.71
N HIS A 91 0.72 -23.38 -16.55
CA HIS A 91 0.12 -24.63 -16.99
C HIS A 91 1.13 -25.56 -17.64
N PHE A 92 2.01 -25.03 -18.48
CA PHE A 92 3.02 -25.88 -19.13
C PHE A 92 3.95 -26.44 -18.07
N CYS A 93 4.22 -25.66 -17.02
CA CYS A 93 5.02 -26.16 -15.90
C CYS A 93 4.32 -27.35 -15.24
N TYR A 94 3.02 -27.24 -15.05
CA TYR A 94 2.21 -28.36 -14.58
C TYR A 94 2.31 -29.58 -15.52
N LEU A 95 2.28 -29.33 -16.83
CA LEU A 95 2.38 -30.40 -17.84
C LEU A 95 3.71 -31.17 -17.81
N LEU A 96 4.79 -30.48 -17.49
CA LEU A 96 6.10 -31.11 -17.41
C LEU A 96 6.18 -32.01 -16.17
N TYR A 97 5.58 -31.57 -15.07
CA TYR A 97 5.50 -32.37 -13.84
C TYR A 97 4.74 -33.68 -14.10
N LYS A 98 3.55 -33.56 -14.69
CA LYS A 98 2.69 -34.72 -14.95
C LYS A 98 3.29 -35.71 -15.96
N ASN A 99 3.83 -35.19 -17.07
CA ASN A 99 4.26 -36.01 -18.22
C ASN A 99 5.74 -36.36 -18.30
N LEU A 100 6.61 -35.69 -17.52
CA LEU A 100 8.07 -35.89 -17.66
C LEU A 100 8.85 -36.22 -16.38
N GLU A 101 8.17 -36.45 -15.26
CA GLU A 101 8.83 -36.99 -14.07
C GLU A 101 10.04 -36.15 -13.63
N LEU A 102 9.75 -34.91 -13.24
CA LEU A 102 10.76 -33.94 -12.86
C LEU A 102 11.45 -34.28 -11.54
N THR A 103 10.75 -35.09 -10.74
CA THR A 103 11.23 -35.56 -9.45
C THR A 103 12.50 -36.42 -9.52
N ASN A 104 12.76 -37.05 -10.66
CA ASN A 104 14.03 -37.75 -10.87
C ASN A 104 15.22 -36.82 -11.14
N TYR A 105 14.95 -35.58 -11.51
CA TYR A 105 16.02 -34.59 -11.80
C TYR A 105 16.15 -33.49 -10.72
N LEU A 106 15.03 -33.08 -10.13
CA LEU A 106 15.01 -31.87 -9.32
C LEU A 106 14.46 -32.12 -7.92
N GLU A 107 14.90 -31.31 -6.97
CA GLU A 107 14.32 -31.34 -5.63
C GLU A 107 12.88 -30.83 -5.63
N ASP A 108 12.06 -31.34 -4.71
CA ASP A 108 10.69 -30.86 -4.57
C ASP A 108 10.62 -29.34 -4.52
N ILE A 109 11.48 -28.72 -3.71
CA ILE A 109 11.43 -27.27 -3.54
C ILE A 109 11.77 -26.51 -4.82
N GLU A 110 12.68 -27.07 -5.62
CA GLU A 110 13.04 -26.46 -6.90
C GLU A 110 11.86 -26.49 -7.88
N ILE A 111 11.07 -27.57 -7.81
CA ILE A 111 9.90 -27.73 -8.67
C ILE A 111 8.80 -26.75 -8.23
N PHE A 112 8.68 -26.55 -6.91
CA PHE A 112 7.71 -25.61 -6.35
C PHE A 112 8.08 -24.20 -6.76
N ALA A 113 9.39 -23.90 -6.76
CA ALA A 113 9.89 -22.57 -7.11
C ALA A 113 9.57 -22.21 -8.56
N LEU A 114 9.88 -23.14 -9.47
CA LEU A 114 9.61 -22.98 -10.92
C LEU A 114 8.17 -22.61 -11.20
N PHE A 115 7.25 -23.30 -10.54
CA PHE A 115 5.83 -23.09 -10.79
C PHE A 115 5.41 -21.71 -10.30
N ILE A 116 5.87 -21.34 -9.11
CA ILE A 116 5.57 -20.02 -8.57
C ILE A 116 6.26 -18.91 -9.38
N SER A 117 7.50 -19.15 -9.78
CA SER A 117 8.20 -18.24 -10.69
C SER A 117 7.40 -18.04 -11.98
N CYS A 118 6.94 -19.14 -12.60
CA CYS A 118 6.04 -19.05 -13.76
C CYS A 118 4.84 -18.13 -13.55
N MET A 119 4.20 -18.20 -12.38
CA MET A 119 3.08 -17.30 -12.08
C MET A 119 3.52 -15.84 -12.04
N CYS A 120 4.70 -15.58 -11.51
CA CYS A 120 5.19 -14.23 -11.27
C CYS A 120 6.19 -13.65 -12.28
N HIS A 121 6.57 -14.42 -13.29
CA HIS A 121 7.76 -14.02 -14.07
C HIS A 121 7.60 -12.77 -14.95
N ASP A 122 6.38 -12.30 -15.16
CA ASP A 122 6.15 -11.13 -16.01
C ASP A 122 5.23 -10.11 -15.38
N LEU A 123 5.20 -10.10 -14.05
CA LEU A 123 4.36 -9.16 -13.31
C LEU A 123 4.63 -7.71 -13.72
N ASP A 124 3.55 -6.95 -13.87
CA ASP A 124 3.61 -5.51 -14.13
C ASP A 124 4.37 -5.14 -15.42
N HIS A 125 4.30 -6.02 -16.43
CA HIS A 125 4.90 -5.78 -17.73
C HIS A 125 4.10 -4.68 -18.45
N ARG A 126 4.80 -3.83 -19.23
CA ARG A 126 4.19 -2.68 -19.91
C ARG A 126 4.29 -2.75 -21.45
N GLY A 127 4.19 -3.96 -22.00
CA GLY A 127 4.32 -4.17 -23.43
C GLY A 127 5.60 -3.67 -24.08
N THR A 128 6.66 -3.51 -23.29
CA THR A 128 7.92 -2.97 -23.77
C THR A 128 9.08 -3.81 -23.22
N ASN A 129 10.17 -3.91 -23.98
CA ASN A 129 11.33 -4.73 -23.57
C ASN A 129 12.38 -3.90 -22.84
N ASN A 130 13.55 -4.49 -22.59
CA ASN A 130 14.56 -3.83 -21.75
C ASN A 130 15.20 -2.64 -22.45
N SER A 131 15.38 -2.78 -23.75
CA SER A 131 16.01 -1.72 -24.50
C SER A 131 15.20 -0.44 -24.37
N PHE A 132 13.87 -0.56 -24.44
CA PHE A 132 12.99 0.60 -24.33
C PHE A 132 13.08 1.30 -22.98
N GLN A 133 13.37 0.54 -21.93
CA GLN A 133 13.49 1.11 -20.59
C GLN A 133 14.64 2.12 -20.51
N VAL A 134 15.77 1.77 -21.12
CA VAL A 134 16.92 2.66 -21.16
C VAL A 134 16.65 3.82 -22.11
N ALA A 135 16.05 3.52 -23.27
CA ALA A 135 15.81 4.56 -24.27
C ALA A 135 14.85 5.63 -23.77
N SER A 136 13.77 5.19 -23.13
CA SER A 136 12.77 6.09 -22.59
C SER A 136 13.15 6.64 -21.23
N LYS A 137 14.29 6.19 -20.69
CA LYS A 137 14.73 6.55 -19.35
C LYS A 137 13.59 6.42 -18.33
N SER A 138 13.01 5.22 -18.28
CA SER A 138 11.91 4.96 -17.35
C SER A 138 12.43 4.75 -15.93
N VAL A 139 11.52 4.74 -14.96
CA VAL A 139 11.86 4.44 -13.56
C VAL A 139 12.62 3.12 -13.39
N LEU A 140 12.23 2.11 -14.15
CA LEU A 140 12.83 0.77 -14.00
C LEU A 140 14.31 0.75 -14.40
N ALA A 141 14.66 1.46 -15.47
CA ALA A 141 16.06 1.56 -15.90
C ALA A 141 16.87 2.27 -14.84
N ALA A 142 16.32 3.38 -14.33
CA ALA A 142 16.97 4.14 -13.27
C ALA A 142 17.35 3.21 -12.12
N LEU A 143 16.45 2.28 -11.79
CA LEU A 143 16.69 1.31 -10.72
C LEU A 143 17.73 0.26 -11.11
N TYR A 144 17.58 -0.35 -12.28
CA TYR A 144 18.17 -1.65 -12.55
C TYR A 144 19.13 -1.74 -13.75
N SER A 145 19.23 -0.69 -14.55
CA SER A 145 19.97 -0.76 -15.82
C SER A 145 21.44 -1.13 -15.65
N SER A 146 22.04 -0.86 -14.50
CA SER A 146 23.45 -1.14 -14.29
C SER A 146 23.81 -2.63 -14.10
N GLU A 147 22.83 -3.50 -13.89
CA GLU A 147 23.10 -4.96 -13.95
C GLU A 147 22.35 -5.68 -15.06
N GLY A 148 21.57 -4.95 -15.85
CA GLY A 148 20.84 -5.57 -16.96
C GLY A 148 19.57 -6.27 -16.51
N SER A 149 18.95 -6.98 -17.45
CA SER A 149 17.70 -7.67 -17.21
C SER A 149 16.72 -6.77 -16.43
N VAL A 150 16.47 -5.58 -16.95
CA VAL A 150 15.71 -4.57 -16.25
C VAL A 150 14.32 -5.06 -15.86
N MET A 151 13.49 -5.38 -16.85
CA MET A 151 12.13 -5.89 -16.62
C MET A 151 12.12 -7.11 -15.72
N GLU A 152 13.04 -8.04 -15.94
CA GLU A 152 13.04 -9.29 -15.20
C GLU A 152 13.32 -9.05 -13.72
N ARG A 153 14.27 -8.16 -13.42
CA ARG A 153 14.53 -7.73 -12.05
C ARG A 153 13.29 -7.08 -11.44
N HIS A 154 12.63 -6.22 -12.20
CA HIS A 154 11.36 -5.64 -11.78
C HIS A 154 10.30 -6.72 -11.54
N HIS A 155 10.27 -7.73 -12.41
CA HIS A 155 9.33 -8.82 -12.27
C HIS A 155 9.56 -9.53 -10.94
N PHE A 156 10.83 -9.78 -10.64
CA PHE A 156 11.22 -10.39 -9.38
C PHE A 156 10.82 -9.51 -8.19
N ALA A 157 11.23 -8.25 -8.22
CA ALA A 157 10.90 -7.29 -7.16
C ALA A 157 9.40 -7.22 -6.86
N GLN A 158 8.58 -7.21 -7.91
CA GLN A 158 7.12 -7.16 -7.76
C GLN A 158 6.54 -8.39 -7.09
N ALA A 159 7.17 -9.54 -7.34
CA ALA A 159 6.73 -10.80 -6.76
C ALA A 159 7.03 -10.79 -5.26
N ILE A 160 8.20 -10.24 -4.92
CA ILE A 160 8.62 -10.08 -3.54
C ILE A 160 7.69 -9.11 -2.81
N ALA A 161 7.31 -8.02 -3.49
CA ALA A 161 6.37 -7.06 -2.93
C ALA A 161 5.04 -7.72 -2.59
N ILE A 162 4.58 -8.60 -3.47
CA ILE A 162 3.38 -9.41 -3.20
C ILE A 162 3.56 -10.30 -1.96
N LEU A 163 4.73 -10.92 -1.82
CA LEU A 163 5.03 -11.73 -0.62
C LEU A 163 5.09 -10.89 0.65
N ASN A 164 5.69 -9.71 0.57
CA ASN A 164 5.79 -8.78 1.72
C ASN A 164 4.53 -7.94 1.98
N THR A 165 3.45 -8.17 1.21
CA THR A 165 2.16 -7.58 1.53
C THR A 165 1.50 -8.46 2.59
N HIS A 166 0.82 -7.82 3.55
CA HIS A 166 0.30 -8.51 4.72
C HIS A 166 -0.75 -9.54 4.34
N GLY A 167 -0.57 -10.75 4.83
CA GLY A 167 -1.48 -11.86 4.55
C GLY A 167 -1.27 -12.54 3.19
N CYS A 168 -0.16 -12.24 2.52
CA CYS A 168 0.12 -12.80 1.19
C CYS A 168 1.35 -13.71 1.13
N ASN A 169 2.05 -13.88 2.24
CA ASN A 169 3.31 -14.61 2.23
C ASN A 169 3.11 -16.11 2.39
N ILE A 170 2.91 -16.79 1.27
CA ILE A 170 2.68 -18.23 1.28
C ILE A 170 3.84 -19.04 1.86
N PHE A 171 5.01 -18.43 2.01
CA PHE A 171 6.18 -19.09 2.61
C PHE A 171 6.47 -18.66 4.05
N ASP A 172 5.53 -17.96 4.69
CA ASP A 172 5.73 -17.38 6.04
C ASP A 172 6.27 -18.34 7.11
N HIS A 173 5.90 -19.60 6.96
CA HIS A 173 6.13 -20.61 7.98
C HIS A 173 7.39 -21.43 7.68
N PHE A 174 8.01 -21.18 6.53
CA PHE A 174 9.26 -21.84 6.17
C PHE A 174 10.36 -21.45 7.14
N SER A 175 11.31 -22.34 7.37
CA SER A 175 12.53 -21.98 8.10
C SER A 175 13.26 -20.86 7.36
N ARG A 176 14.17 -20.17 8.04
CA ARG A 176 15.00 -19.15 7.40
C ARG A 176 15.73 -19.70 6.19
N LYS A 177 16.12 -20.97 6.27
CA LYS A 177 16.92 -21.60 5.23
C LYS A 177 16.08 -22.00 4.02
N ASP A 178 14.82 -22.35 4.26
CA ASP A 178 13.90 -22.69 3.18
C ASP A 178 13.36 -21.43 2.49
N TYR A 179 13.00 -20.44 3.29
CA TYR A 179 12.60 -19.13 2.78
C TYR A 179 13.67 -18.56 1.87
N GLN A 180 14.91 -18.53 2.35
CA GLN A 180 16.01 -17.95 1.58
C GLN A 180 16.28 -18.75 0.31
N ARG A 181 16.15 -20.07 0.39
CA ARG A 181 16.32 -20.94 -0.78
C ARG A 181 15.24 -20.66 -1.85
N MET A 182 14.00 -20.53 -1.41
CA MET A 182 12.87 -20.25 -2.28
C MET A 182 13.02 -18.91 -3.02
N LEU A 183 13.45 -17.88 -2.30
CA LEU A 183 13.63 -16.55 -2.90
C LEU A 183 14.88 -16.52 -3.80
N ASP A 184 15.90 -17.27 -3.40
CA ASP A 184 17.07 -17.45 -4.26
C ASP A 184 16.68 -18.10 -5.57
N LEU A 185 15.85 -19.13 -5.49
CA LEU A 185 15.39 -19.84 -6.67
C LEU A 185 14.61 -18.90 -7.57
N MET A 186 13.68 -18.18 -6.98
CA MET A 186 12.86 -17.22 -7.72
C MET A 186 13.73 -16.20 -8.46
N ARG A 187 14.75 -15.67 -7.80
CA ARG A 187 15.70 -14.78 -8.48
C ARG A 187 16.28 -15.46 -9.73
N ASP A 188 16.98 -16.57 -9.54
CA ASP A 188 17.59 -17.34 -10.64
C ASP A 188 16.61 -17.61 -11.77
N ILE A 189 15.47 -18.17 -11.42
CA ILE A 189 14.52 -18.67 -12.42
C ILE A 189 13.92 -17.51 -13.22
N ILE A 190 13.48 -16.46 -12.54
CA ILE A 190 12.88 -15.31 -13.23
C ILE A 190 13.90 -14.57 -14.11
N LEU A 191 15.14 -14.43 -13.66
CA LEU A 191 16.16 -13.75 -14.47
C LEU A 191 16.53 -14.52 -15.74
N ALA A 192 16.33 -15.84 -15.72
CA ALA A 192 16.55 -16.69 -16.90
C ALA A 192 15.52 -16.44 -18.00
N THR A 193 14.42 -15.77 -17.68
CA THR A 193 13.36 -15.47 -18.64
C THR A 193 13.78 -14.40 -19.65
N ASP A 194 14.83 -13.66 -19.32
CA ASP A 194 15.51 -12.80 -20.28
C ASP A 194 16.17 -13.72 -21.29
N LEU A 195 15.74 -13.64 -22.53
CA LEU A 195 16.35 -14.46 -23.58
C LEU A 195 17.85 -14.18 -23.78
N ALA A 196 18.30 -13.01 -23.34
CA ALA A 196 19.73 -12.67 -23.34
C ALA A 196 20.49 -13.63 -22.46
N HIS A 197 19.92 -13.97 -21.31
CA HIS A 197 20.54 -14.90 -20.40
C HIS A 197 20.61 -16.28 -21.02
N HIS A 198 19.49 -16.71 -21.58
CA HIS A 198 19.43 -18.00 -22.24
C HIS A 198 20.55 -18.16 -23.27
N LEU A 199 20.77 -17.14 -24.09
CA LEU A 199 21.81 -17.19 -25.13
C LEU A 199 23.24 -17.30 -24.58
N ARG A 200 23.48 -16.79 -23.37
CA ARG A 200 24.77 -16.95 -22.69
C ARG A 200 24.94 -18.36 -22.16
N ILE A 201 23.88 -18.94 -21.61
CA ILE A 201 24.02 -20.29 -21.00
C ILE A 201 23.80 -21.42 -22.00
N PHE A 202 23.64 -21.10 -23.28
CA PHE A 202 23.26 -22.07 -24.29
C PHE A 202 24.32 -23.12 -24.54
N LYS A 203 25.58 -22.70 -24.62
CA LYS A 203 26.70 -23.63 -24.73
C LYS A 203 26.71 -24.56 -23.52
N ASP A 204 26.59 -24.00 -22.32
CA ASP A 204 26.58 -24.79 -21.11
C ASP A 204 25.45 -25.81 -21.08
N LEU A 205 24.30 -25.43 -21.65
CA LEU A 205 23.15 -26.33 -21.76
C LEU A 205 23.42 -27.48 -22.73
N GLN A 206 24.07 -27.17 -23.85
CA GLN A 206 24.54 -28.19 -24.77
C GLN A 206 25.52 -29.17 -24.11
N LYS A 207 26.56 -28.63 -23.46
CA LYS A 207 27.45 -29.45 -22.64
C LYS A 207 26.68 -30.44 -21.75
N MET A 208 25.73 -29.92 -20.97
CA MET A 208 24.92 -30.72 -20.04
C MET A 208 24.18 -31.87 -20.75
N ALA A 209 23.58 -31.57 -21.91
CA ALA A 209 22.88 -32.59 -22.68
C ALA A 209 23.82 -33.67 -23.22
N GLU A 210 24.98 -33.28 -23.73
CA GLU A 210 25.98 -34.22 -24.30
C GLU A 210 26.45 -35.28 -23.30
N VAL A 211 26.95 -34.79 -22.16
CA VAL A 211 27.48 -35.66 -21.10
C VAL A 211 26.39 -36.47 -20.40
N GLY A 212 25.19 -35.90 -20.29
CA GLY A 212 24.08 -36.53 -19.60
C GLY A 212 23.84 -35.92 -18.23
N TYR A 213 22.56 -35.77 -17.87
CA TYR A 213 22.17 -35.11 -16.64
C TYR A 213 22.70 -35.82 -15.40
N ASP A 214 23.15 -35.04 -14.42
CA ASP A 214 23.67 -35.57 -13.17
C ASP A 214 22.96 -34.91 -12.00
N ARG A 215 22.04 -35.66 -11.39
CA ARG A 215 21.26 -35.18 -10.26
C ARG A 215 22.13 -34.74 -9.08
N ASN A 216 23.34 -35.26 -8.96
CA ASN A 216 24.25 -34.82 -7.89
C ASN A 216 25.00 -33.51 -8.18
N ASN A 217 24.87 -32.99 -9.41
CA ASN A 217 25.59 -31.80 -9.84
C ASN A 217 24.74 -30.53 -9.69
N LYS A 218 25.16 -29.63 -8.79
CA LYS A 218 24.40 -28.43 -8.45
C LYS A 218 24.29 -27.43 -9.60
N GLN A 219 25.29 -27.40 -10.47
CA GLN A 219 25.21 -26.58 -11.68
C GLN A 219 24.16 -27.12 -12.65
N HIS A 220 24.03 -28.44 -12.73
CA HIS A 220 23.09 -29.07 -13.66
C HIS A 220 21.63 -28.78 -13.30
N HIS A 221 21.33 -28.75 -11.99
CA HIS A 221 20.03 -28.28 -11.47
C HIS A 221 19.75 -26.84 -11.90
N ARG A 222 20.72 -25.95 -11.68
CA ARG A 222 20.58 -24.53 -12.04
C ARG A 222 20.33 -24.35 -13.52
N LEU A 223 21.06 -25.11 -14.32
CA LEU A 223 20.97 -25.07 -15.77
C LEU A 223 19.65 -25.64 -16.24
N LEU A 224 19.29 -26.80 -15.70
CA LEU A 224 18.02 -27.41 -16.03
C LEU A 224 16.85 -26.49 -15.67
N LEU A 225 16.90 -25.86 -14.50
CA LEU A 225 15.83 -24.94 -14.09
C LEU A 225 15.63 -23.80 -15.08
N CYS A 226 16.72 -23.30 -15.65
CA CYS A 226 16.65 -22.23 -16.66
C CYS A 226 15.97 -22.73 -17.92
N LEU A 227 16.44 -23.87 -18.41
CA LEU A 227 15.89 -24.48 -19.63
C LEU A 227 14.38 -24.74 -19.53
N LEU A 228 13.91 -25.24 -18.40
CA LEU A 228 12.48 -25.53 -18.23
C LEU A 228 11.62 -24.26 -18.14
N MET A 229 12.21 -23.18 -17.62
CA MET A 229 11.53 -21.90 -17.51
C MET A 229 11.29 -21.31 -18.90
N THR A 230 12.36 -21.28 -19.70
CA THR A 230 12.28 -20.86 -21.09
C THR A 230 11.32 -21.75 -21.87
N SER A 231 11.39 -23.05 -21.64
CA SER A 231 10.46 -24.00 -22.24
C SER A 231 9.01 -23.63 -21.94
N CYS A 232 8.74 -23.28 -20.69
CA CYS A 232 7.41 -22.82 -20.32
C CYS A 232 7.10 -21.47 -21.00
N ASP A 233 8.03 -20.54 -20.89
CA ASP A 233 7.84 -19.19 -21.43
C ASP A 233 7.44 -19.22 -22.92
N LEU A 234 8.02 -20.13 -23.69
CA LEU A 234 7.75 -20.23 -25.14
C LEU A 234 6.76 -21.35 -25.49
N SER A 235 6.04 -21.87 -24.49
CA SER A 235 5.21 -23.07 -24.68
C SER A 235 4.03 -22.90 -25.65
N ASP A 236 3.68 -21.67 -26.02
CA ASP A 236 2.64 -21.46 -27.03
C ASP A 236 2.98 -22.12 -28.36
N GLN A 237 4.28 -22.28 -28.62
CA GLN A 237 4.78 -22.81 -29.87
C GLN A 237 4.61 -24.32 -29.98
N THR A 238 4.30 -24.98 -28.85
CA THR A 238 4.19 -26.44 -28.81
C THR A 238 2.76 -26.93 -28.95
N LYS A 239 1.85 -26.06 -29.40
CA LYS A 239 0.43 -26.40 -29.54
C LYS A 239 0.09 -26.54 -31.03
N GLY A 240 -1.18 -26.36 -31.39
CA GLY A 240 -1.57 -26.38 -32.80
C GLY A 240 -1.08 -25.15 -33.55
N TRP A 241 -1.10 -25.24 -34.87
CA TRP A 241 -0.83 -24.08 -35.73
C TRP A 241 -1.61 -22.85 -35.26
N LYS A 242 -2.90 -23.01 -35.03
CA LYS A 242 -3.79 -21.91 -34.68
C LYS A 242 -3.26 -21.07 -33.54
N THR A 243 -2.73 -21.72 -32.51
CA THR A 243 -2.17 -21.02 -31.33
C THR A 243 -0.96 -20.16 -31.73
N THR A 244 -0.07 -20.72 -32.55
CA THR A 244 1.08 -19.97 -33.05
C THR A 244 0.64 -18.74 -33.82
N ARG A 245 -0.38 -18.92 -34.63
CA ARG A 245 -0.94 -17.84 -35.45
C ARG A 245 -1.38 -16.69 -34.55
N LYS A 246 -2.20 -17.00 -33.55
CA LYS A 246 -2.75 -15.99 -32.64
C LYS A 246 -1.67 -15.31 -31.80
N ILE A 247 -0.69 -16.09 -31.34
CA ILE A 247 0.38 -15.57 -30.50
C ILE A 247 1.34 -14.67 -31.30
N ALA A 248 1.50 -14.94 -32.59
CA ALA A 248 2.28 -14.04 -33.43
C ALA A 248 1.57 -12.69 -33.54
N GLU A 249 0.26 -12.76 -33.77
CA GLU A 249 -0.59 -11.58 -33.86
C GLU A 249 -0.54 -10.71 -32.60
N LEU A 250 -0.54 -11.35 -31.43
CA LEU A 250 -0.52 -10.65 -30.16
C LEU A 250 0.84 -10.02 -29.83
N ILE A 251 1.92 -10.74 -30.12
CA ILE A 251 3.23 -10.23 -29.75
C ILE A 251 3.66 -9.10 -30.71
N TYR A 252 3.33 -9.25 -31.98
CA TYR A 252 3.70 -8.24 -32.96
C TYR A 252 2.84 -6.99 -32.82
N LYS A 253 1.62 -7.13 -32.33
CA LYS A 253 0.86 -5.96 -31.95
C LYS A 253 1.59 -5.22 -30.83
N GLU A 254 1.92 -5.96 -29.77
CA GLU A 254 2.68 -5.44 -28.63
C GLU A 254 3.96 -4.77 -29.12
N PHE A 255 4.74 -5.51 -29.92
CA PHE A 255 6.03 -5.03 -30.44
C PHE A 255 5.89 -3.77 -31.29
N PHE A 256 4.95 -3.78 -32.23
CA PHE A 256 4.76 -2.63 -33.12
C PHE A 256 4.35 -1.39 -32.34
N SER A 257 3.50 -1.55 -31.34
CA SER A 257 3.16 -0.43 -30.47
C SER A 257 4.42 0.21 -29.89
N GLN A 258 5.38 -0.60 -29.48
CA GLN A 258 6.63 -0.05 -28.96
C GLN A 258 7.33 0.76 -30.04
N GLY A 259 7.39 0.20 -31.25
CA GLY A 259 8.06 0.86 -32.37
C GLY A 259 7.49 2.24 -32.61
N ASP A 260 6.16 2.31 -32.63
CA ASP A 260 5.45 3.58 -32.77
C ASP A 260 5.94 4.62 -31.76
N LEU A 261 6.13 4.20 -30.51
CA LEU A 261 6.61 5.09 -29.46
C LEU A 261 8.07 5.46 -29.71
N GLU A 262 8.88 4.48 -30.07
CA GLU A 262 10.31 4.73 -30.32
C GLU A 262 10.54 5.82 -31.35
N LYS A 263 9.80 5.79 -32.46
CA LYS A 263 9.96 6.81 -33.50
C LYS A 263 9.19 8.12 -33.23
N ALA A 264 8.28 8.13 -32.25
CA ALA A 264 7.75 9.41 -31.75
C ALA A 264 8.82 10.10 -30.90
N MET A 265 9.65 9.30 -30.23
CA MET A 265 10.80 9.79 -29.49
C MET A 265 12.04 9.94 -30.38
N GLY A 266 11.88 9.79 -31.70
CA GLY A 266 12.93 10.06 -32.66
C GLY A 266 13.99 8.99 -32.83
N ASN A 267 13.63 7.74 -32.58
CA ASN A 267 14.55 6.61 -32.74
C ASN A 267 14.08 5.63 -33.82
N ARG A 268 15.03 4.91 -34.40
CA ARG A 268 14.73 3.90 -35.41
C ARG A 268 14.50 2.60 -34.68
N PRO A 269 13.27 2.06 -34.71
CA PRO A 269 13.06 0.78 -34.05
C PRO A 269 13.78 -0.37 -34.76
N MET A 270 14.00 -1.47 -34.02
CA MET A 270 14.60 -2.68 -34.60
C MET A 270 13.57 -3.27 -35.57
N GLU A 271 14.03 -3.73 -36.74
CA GLU A 271 13.12 -4.23 -37.79
C GLU A 271 11.81 -4.80 -37.23
N MET A 272 11.93 -5.72 -36.28
CA MET A 272 10.77 -6.45 -35.75
C MET A 272 9.77 -5.61 -34.96
N MET A 273 10.17 -4.43 -34.49
CA MET A 273 9.24 -3.51 -33.82
C MET A 273 8.57 -2.58 -34.84
N ASP A 274 9.07 -2.60 -36.07
CA ASP A 274 8.67 -1.61 -37.07
C ASP A 274 7.57 -2.17 -37.95
N ARG A 275 6.36 -1.64 -37.81
CA ARG A 275 5.22 -2.13 -38.58
C ARG A 275 5.38 -1.93 -40.09
N GLU A 276 6.13 -0.91 -40.50
CA GLU A 276 6.41 -0.68 -41.91
C GLU A 276 7.42 -1.68 -42.48
N LYS A 277 8.37 -2.13 -41.67
CA LYS A 277 9.47 -2.99 -42.14
C LYS A 277 9.33 -4.48 -41.81
N ALA A 278 8.62 -4.81 -40.72
CA ALA A 278 8.61 -6.20 -40.22
C ALA A 278 7.82 -7.17 -41.11
N TYR A 279 8.52 -8.14 -41.68
CA TYR A 279 7.88 -9.22 -42.41
C TYR A 279 7.66 -10.42 -41.48
N ILE A 280 6.44 -10.53 -40.97
CA ILE A 280 6.12 -11.46 -39.88
C ILE A 280 6.45 -12.92 -40.18
N PRO A 281 6.26 -13.37 -41.43
CA PRO A 281 6.64 -14.77 -41.70
C PRO A 281 8.12 -15.11 -41.48
N GLU A 282 9.03 -14.26 -41.96
CA GLU A 282 10.47 -14.52 -41.79
C GLU A 282 10.90 -14.40 -40.33
N LEU A 283 10.29 -13.46 -39.61
CA LEU A 283 10.59 -13.26 -38.20
C LEU A 283 10.10 -14.43 -37.33
N GLN A 284 8.88 -14.92 -37.62
CA GLN A 284 8.35 -16.11 -36.93
C GLN A 284 9.21 -17.36 -37.17
N ILE A 285 9.59 -17.58 -38.42
CA ILE A 285 10.40 -18.74 -38.77
C ILE A 285 11.79 -18.62 -38.16
N SER A 286 12.30 -17.39 -38.13
CA SER A 286 13.63 -17.13 -37.60
C SER A 286 13.72 -17.33 -36.06
N PHE A 287 12.72 -16.81 -35.34
CA PHE A 287 12.57 -17.06 -33.91
C PHE A 287 12.45 -18.57 -33.64
N MET A 288 11.61 -19.24 -34.40
CA MET A 288 11.46 -20.69 -34.27
C MET A 288 12.76 -21.45 -34.51
N GLU A 289 13.50 -21.09 -35.56
CA GLU A 289 14.72 -21.80 -35.95
C GLU A 289 15.87 -21.58 -35.00
N HIS A 290 16.11 -20.33 -34.64
CA HIS A 290 17.29 -19.96 -33.83
C HIS A 290 17.06 -20.04 -32.33
N ILE A 291 15.82 -19.87 -31.89
CA ILE A 291 15.52 -19.79 -30.47
C ILE A 291 14.60 -20.91 -30.02
N ALA A 292 13.36 -20.94 -30.51
CA ALA A 292 12.38 -21.91 -30.01
C ALA A 292 12.76 -23.38 -30.28
N MET A 293 13.21 -23.69 -31.49
CA MET A 293 13.42 -25.10 -31.84
C MET A 293 14.58 -25.75 -31.09
N PRO A 294 15.73 -25.06 -30.98
CA PRO A 294 16.84 -25.69 -30.25
C PRO A 294 16.61 -25.90 -28.75
N ILE A 295 15.69 -25.14 -28.16
CA ILE A 295 15.32 -25.29 -26.74
C ILE A 295 14.60 -26.61 -26.48
N TYR A 296 13.67 -26.94 -27.37
CA TYR A 296 12.90 -28.17 -27.25
C TYR A 296 13.66 -29.36 -27.80
N LYS A 297 14.66 -29.11 -28.64
CA LYS A 297 15.65 -30.11 -29.00
C LYS A 297 16.44 -30.53 -27.77
N LEU A 298 16.92 -29.55 -27.01
CA LEU A 298 17.61 -29.81 -25.74
C LEU A 298 16.69 -30.44 -24.71
N LEU A 299 15.45 -29.99 -24.65
CA LEU A 299 14.45 -30.61 -23.77
C LEU A 299 14.24 -32.07 -24.17
N GLN A 300 14.18 -32.34 -25.47
CA GLN A 300 14.10 -33.71 -25.98
C GLN A 300 15.36 -34.52 -25.65
N ASP A 301 16.53 -33.90 -25.72
CA ASP A 301 17.79 -34.57 -25.44
C ASP A 301 17.87 -35.03 -23.99
N LEU A 302 17.28 -34.26 -23.08
CA LEU A 302 17.27 -34.61 -21.65
C LEU A 302 16.07 -35.46 -21.24
N PHE A 303 14.93 -35.24 -21.89
CA PHE A 303 13.72 -36.02 -21.65
C PHE A 303 13.28 -36.62 -22.97
N PRO A 304 13.49 -37.94 -23.15
CA PRO A 304 13.05 -38.59 -24.39
C PRO A 304 11.55 -38.51 -24.63
N LYS A 305 10.77 -38.44 -23.54
CA LYS A 305 9.32 -38.26 -23.62
C LYS A 305 8.88 -36.86 -24.03
N ALA A 306 9.82 -35.92 -24.17
CA ALA A 306 9.54 -34.59 -24.69
C ALA A 306 9.76 -34.47 -26.20
N ALA A 307 9.88 -35.59 -26.91
CA ALA A 307 10.04 -35.56 -28.37
C ALA A 307 8.86 -34.90 -29.08
N GLU A 308 7.63 -35.22 -28.65
CA GLU A 308 6.43 -34.66 -29.28
C GLU A 308 6.40 -33.12 -29.30
N LEU A 309 7.06 -32.51 -28.32
CA LEU A 309 7.12 -31.05 -28.20
C LEU A 309 8.00 -30.43 -29.25
N TYR A 310 9.21 -30.97 -29.42
CA TYR A 310 10.07 -30.56 -30.52
C TYR A 310 9.38 -30.77 -31.87
N GLU A 311 8.72 -31.92 -32.01
CA GLU A 311 8.08 -32.31 -33.27
C GLU A 311 7.00 -31.33 -33.70
N ARG A 312 6.25 -30.82 -32.71
CA ARG A 312 5.15 -29.92 -33.00
C ARG A 312 5.69 -28.53 -33.34
N VAL A 313 6.74 -28.11 -32.65
CA VAL A 313 7.39 -26.82 -32.95
C VAL A 313 7.98 -26.88 -34.35
N ALA A 314 8.67 -27.98 -34.66
CA ALA A 314 9.24 -28.17 -35.99
C ALA A 314 8.17 -28.16 -37.08
N SER A 315 7.02 -28.76 -36.78
CA SER A 315 5.90 -28.81 -37.71
C SER A 315 5.23 -27.46 -37.83
N ASN A 316 5.05 -26.77 -36.70
CA ASN A 316 4.52 -25.40 -36.75
C ASN A 316 5.42 -24.44 -37.53
N ARG A 317 6.73 -24.67 -37.51
CA ARG A 317 7.67 -23.92 -38.35
C ARG A 317 7.44 -24.21 -39.82
N GLU A 318 7.28 -25.49 -40.16
CA GLU A 318 6.95 -25.88 -41.53
C GLU A 318 5.64 -25.24 -41.98
N HIS A 319 4.68 -25.17 -41.07
CA HIS A 319 3.38 -24.57 -41.38
C HIS A 319 3.51 -23.10 -41.78
N TRP A 320 4.41 -22.38 -41.13
CA TRP A 320 4.64 -20.97 -41.45
C TRP A 320 5.22 -20.80 -42.84
N THR A 321 6.21 -21.61 -43.19
CA THR A 321 6.83 -21.54 -44.52
C THR A 321 5.80 -21.80 -45.62
N LYS A 322 4.88 -22.72 -45.38
CA LYS A 322 3.82 -23.05 -46.34
C LYS A 322 2.78 -21.92 -46.51
N VAL A 323 2.58 -21.11 -45.47
CA VAL A 323 1.58 -20.05 -45.51
C VAL A 323 2.20 -18.67 -45.81
N SER A 324 3.52 -18.64 -45.96
CA SER A 324 4.26 -17.40 -46.16
C SER A 324 3.81 -16.68 -47.44
N HIS A 325 3.36 -17.44 -48.44
CA HIS A 325 2.92 -16.86 -49.72
C HIS A 325 1.62 -16.05 -49.63
N LYS A 326 0.81 -16.30 -48.60
CA LYS A 326 -0.41 -15.53 -48.38
C LYS A 326 -0.13 -14.06 -48.00
N PHE A 327 1.11 -13.74 -47.60
CA PHE A 327 1.50 -12.36 -47.33
C PHE A 327 1.86 -11.56 -48.59
N THR A 328 1.85 -12.21 -49.76
CA THR A 328 1.99 -11.51 -51.06
C THR A 328 0.61 -11.42 -51.68
N ILE A 329 0.19 -10.20 -52.02
CA ILE A 329 -1.14 -9.96 -52.58
C ILE A 329 -1.21 -10.32 -54.08
N ARG A 330 -2.08 -11.29 -54.40
CA ARG A 330 -2.34 -11.73 -55.76
C ARG A 330 -3.66 -11.11 -56.25
N GLY A 331 -3.70 -10.73 -57.53
CA GLY A 331 -4.87 -10.06 -58.07
C GLY A 331 -5.13 -8.77 -57.34
N LEU A 332 -6.41 -8.40 -57.22
CA LEU A 332 -6.82 -7.24 -56.44
C LEU A 332 -7.16 -7.69 -55.02
N PRO A 333 -7.10 -6.76 -54.04
CA PRO A 333 -7.35 -7.12 -52.65
C PRO A 333 -8.84 -7.08 -52.20
N SER A 334 -9.74 -7.62 -53.03
CA SER A 334 -11.15 -7.85 -52.65
C SER A 334 -12.00 -6.60 -52.46
N ASN A 335 -11.39 -5.49 -52.06
CA ASN A 335 -11.91 -4.16 -52.37
C ASN A 335 -12.11 -3.97 -53.87
N ASN A 336 -11.28 -4.65 -54.65
CA ASN A 336 -11.06 -4.35 -56.06
C ASN A 336 -10.50 -2.94 -56.22
N SER A 337 -9.78 -2.50 -55.20
CA SER A 337 -9.22 -1.16 -55.15
C SER A 337 -7.71 -1.23 -55.01
N LEU A 338 -7.04 -0.22 -55.55
CA LEU A 338 -5.62 0.00 -55.29
C LEU A 338 -5.43 1.39 -54.68
N ASP A 339 -6.39 1.81 -53.84
CA ASP A 339 -6.27 3.05 -53.05
C ASP A 339 -5.13 2.97 -52.05
N PHE A 340 -4.84 1.77 -51.56
CA PHE A 340 -3.76 1.54 -50.62
C PHE A 340 -2.37 1.98 -51.13
N LEU A 341 -2.23 2.18 -52.45
CA LEU A 341 -0.95 2.58 -53.05
C LEU A 341 -0.68 4.09 -53.10
N ASP A 342 -1.68 4.92 -52.80
CA ASP A 342 -1.53 6.39 -52.89
C ASP A 342 -0.59 6.97 -51.84
N GLU A 343 0.69 6.58 -51.88
CA GLU A 343 1.72 7.05 -50.94
C GLU A 343 3.12 6.69 -51.45
N ASP B 5 -4.20 12.99 9.43
CA ASP B 5 -4.36 14.44 9.72
C ASP B 5 -3.17 15.11 10.43
N GLU B 6 -2.00 14.47 10.41
CA GLU B 6 -0.75 15.17 10.71
C GLU B 6 -0.42 16.05 9.50
N TYR B 7 -0.82 15.58 8.33
CA TYR B 7 -0.67 16.30 7.08
C TYR B 7 -1.41 17.65 7.07
N THR B 8 -2.57 17.69 7.74
CA THR B 8 -3.34 18.92 7.89
C THR B 8 -2.55 19.98 8.66
N LYS B 9 -2.03 19.58 9.83
CA LYS B 9 -1.21 20.45 10.65
C LYS B 9 0.00 20.96 9.86
N LEU B 10 0.79 20.01 9.35
CA LEU B 10 1.99 20.36 8.61
C LEU B 10 1.68 21.25 7.42
N LEU B 11 0.56 21.00 6.73
CA LEU B 11 0.18 21.82 5.58
C LEU B 11 -0.34 23.20 5.97
N HIS B 12 -1.42 23.23 6.76
CA HIS B 12 -2.20 24.45 6.94
C HIS B 12 -1.74 25.40 8.08
N ASP B 13 -1.14 24.86 9.16
CA ASP B 13 -0.55 25.71 10.23
C ASP B 13 0.36 26.78 9.63
N GLY B 14 1.26 26.37 8.75
CA GLY B 14 2.20 27.29 8.13
C GLY B 14 3.60 27.12 8.70
N ILE B 15 4.57 27.73 8.03
CA ILE B 15 5.99 27.43 8.24
C ILE B 15 6.66 28.54 9.05
N GLN B 16 7.09 28.20 10.27
CA GLN B 16 7.78 29.12 11.18
C GLN B 16 9.15 29.54 10.65
N PRO B 17 9.64 30.72 11.11
CA PRO B 17 11.05 31.02 10.85
C PRO B 17 11.94 30.08 11.66
N VAL B 18 13.11 29.76 11.12
CA VAL B 18 14.05 28.85 11.80
C VAL B 18 14.35 29.28 13.24
N ALA B 19 14.47 30.59 13.47
CA ALA B 19 14.83 31.11 14.79
C ALA B 19 13.72 30.92 15.80
N ALA B 20 12.48 30.75 15.33
CA ALA B 20 11.35 30.45 16.21
C ALA B 20 11.32 28.98 16.68
N ILE B 21 11.92 28.08 15.91
CA ILE B 21 12.10 26.69 16.37
C ILE B 21 13.03 26.71 17.58
N ASP B 22 14.16 27.39 17.43
CA ASP B 22 15.15 27.57 18.48
C ASP B 22 16.10 28.68 18.05
N SER B 23 16.45 29.58 18.97
CA SER B 23 17.24 30.77 18.59
C SER B 23 18.61 30.42 18.03
N ASN B 24 19.15 29.26 18.41
CA ASN B 24 20.48 28.86 17.96
C ASN B 24 20.41 27.80 16.85
N PHE B 25 19.27 27.70 16.18
CA PHE B 25 18.97 26.61 15.24
C PHE B 25 19.93 26.57 14.04
N ALA B 26 20.52 27.71 13.69
CA ALA B 26 21.48 27.77 12.59
C ALA B 26 22.95 27.86 13.07
N SER B 27 23.25 27.38 14.28
CA SER B 27 24.63 27.27 14.76
C SER B 27 25.14 25.82 14.75
N PHE B 28 26.46 25.66 14.72
CA PHE B 28 27.08 24.34 14.79
C PHE B 28 26.97 23.70 16.18
N THR B 29 26.67 24.50 17.20
CA THR B 29 26.54 23.96 18.56
C THR B 29 25.15 23.38 18.78
N TYR B 30 24.20 23.74 17.94
CA TYR B 30 22.86 23.22 18.07
C TYR B 30 22.80 21.72 17.76
N THR B 31 22.08 21.00 18.61
CA THR B 31 21.94 19.55 18.56
C THR B 31 20.52 19.19 18.10
N PRO B 32 20.34 18.83 16.80
CA PRO B 32 19.00 18.65 16.23
C PRO B 32 18.18 17.49 16.78
N ARG B 33 18.85 16.54 17.44
CA ARG B 33 18.14 15.45 18.11
C ARG B 33 17.40 15.93 19.37
N SER B 34 17.74 17.13 19.85
CA SER B 34 17.00 17.76 20.95
C SER B 34 15.54 18.00 20.58
N LEU B 35 15.30 18.31 19.30
CA LEU B 35 13.97 18.63 18.83
C LEU B 35 13.05 17.42 18.88
N PRO B 36 11.86 17.57 19.49
CA PRO B 36 10.86 16.50 19.50
C PRO B 36 10.52 15.99 18.11
N GLU B 37 10.27 14.69 17.98
CA GLU B 37 10.11 14.06 16.67
C GLU B 37 8.88 14.53 15.89
N ASP B 38 7.83 14.94 16.60
CA ASP B 38 6.64 15.50 15.96
C ASP B 38 6.87 16.83 15.27
N ASP B 39 7.90 17.57 15.68
CA ASP B 39 8.22 18.88 15.09
C ASP B 39 9.28 18.81 14.00
N THR B 40 9.71 17.62 13.63
CA THR B 40 10.84 17.50 12.71
C THR B 40 10.41 17.72 11.26
N SER B 41 9.24 17.22 10.88
CA SER B 41 8.68 17.48 9.55
C SER B 41 8.48 18.98 9.27
N MET B 42 8.04 19.75 10.27
CA MET B 42 7.84 21.19 10.09
C MET B 42 9.17 21.91 10.06
N ALA B 43 10.13 21.42 10.84
CA ALA B 43 11.51 21.89 10.81
C ALA B 43 12.15 21.69 9.45
N ILE B 44 11.84 20.59 8.78
CA ILE B 44 12.27 20.38 7.39
C ILE B 44 11.74 21.49 6.49
N LEU B 45 10.44 21.77 6.58
CA LEU B 45 9.85 22.86 5.79
C LEU B 45 10.49 24.20 6.10
N SER B 46 10.77 24.44 7.38
CA SER B 46 11.40 25.70 7.82
C SER B 46 12.76 25.92 7.19
N MET B 47 13.58 24.87 7.17
CA MET B 47 14.90 24.92 6.58
C MET B 47 14.80 25.15 5.08
N LEU B 48 13.86 24.47 4.43
CA LEU B 48 13.62 24.64 3.00
C LEU B 48 13.16 26.06 2.67
N GLN B 49 12.27 26.62 3.48
CA GLN B 49 11.76 27.95 3.24
C GLN B 49 12.84 29.00 3.45
N ASP B 50 13.67 28.81 4.48
CA ASP B 50 14.80 29.72 4.76
C ASP B 50 15.88 29.63 3.68
N MET B 51 16.06 28.43 3.14
CA MET B 51 16.99 28.22 2.03
C MET B 51 16.40 28.72 0.72
N ASN B 52 15.09 28.95 0.70
CA ASN B 52 14.40 29.57 -0.43
C ASN B 52 14.13 28.60 -1.59
N PHE B 53 14.22 27.29 -1.32
CA PHE B 53 14.00 26.25 -2.34
C PHE B 53 12.55 26.08 -2.71
N ILE B 54 11.65 26.36 -1.77
CA ILE B 54 10.21 26.30 -2.06
C ILE B 54 9.88 27.29 -3.17
N ASN B 55 10.43 28.51 -3.06
CA ASN B 55 10.23 29.54 -4.09
C ASN B 55 11.05 29.31 -5.35
N ASN B 56 12.38 29.17 -5.23
CA ASN B 56 13.25 28.89 -6.39
C ASN B 56 12.68 27.84 -7.32
N TYR B 57 12.07 26.81 -6.73
CA TYR B 57 11.52 25.70 -7.49
C TYR B 57 10.01 25.64 -7.47
N LYS B 58 9.35 26.68 -6.96
CA LYS B 58 7.87 26.78 -6.95
C LYS B 58 7.20 25.50 -6.44
N ILE B 59 7.71 24.98 -5.33
CA ILE B 59 7.27 23.68 -4.85
C ILE B 59 5.86 23.79 -4.29
N ASP B 60 4.99 22.92 -4.80
CA ASP B 60 3.61 22.85 -4.34
C ASP B 60 3.61 22.41 -2.88
N CYS B 61 3.00 23.23 -2.04
CA CYS B 61 3.03 23.01 -0.59
C CYS B 61 2.33 21.69 -0.17
N PRO B 62 1.14 21.39 -0.72
CA PRO B 62 0.55 20.07 -0.45
C PRO B 62 1.47 18.91 -0.85
N THR B 63 2.19 19.08 -1.95
CA THR B 63 3.08 18.07 -2.48
C THR B 63 4.30 17.87 -1.58
N LEU B 64 4.85 18.98 -1.08
CA LEU B 64 5.97 18.94 -0.15
C LEU B 64 5.59 18.26 1.19
N ALA B 65 4.47 18.67 1.77
CA ALA B 65 3.95 18.04 2.99
C ALA B 65 3.82 16.54 2.83
N ARG B 66 3.19 16.09 1.75
CA ARG B 66 3.04 14.66 1.51
C ARG B 66 4.38 13.96 1.38
N PHE B 67 5.31 14.60 0.68
CA PHE B 67 6.66 14.07 0.45
C PHE B 67 7.44 13.91 1.76
N CYS B 68 7.50 14.99 2.52
CA CYS B 68 8.17 14.94 3.82
C CYS B 68 7.64 13.80 4.68
N LEU B 69 6.31 13.70 4.81
CA LEU B 69 5.70 12.62 5.62
C LEU B 69 5.94 11.22 5.07
N MET B 70 5.94 11.07 3.75
CA MET B 70 6.26 9.78 3.11
C MET B 70 7.73 9.40 3.34
N VAL B 71 8.61 10.40 3.31
CA VAL B 71 10.02 10.18 3.63
C VAL B 71 10.15 9.67 5.06
N LYS B 72 9.44 10.33 5.97
CA LYS B 72 9.49 9.99 7.38
C LYS B 72 9.04 8.54 7.66
N LYS B 73 7.86 8.16 7.15
CA LYS B 73 7.37 6.80 7.40
C LYS B 73 8.08 5.73 6.56
N GLY B 74 8.91 6.16 5.60
CA GLY B 74 9.73 5.24 4.81
C GLY B 74 10.97 4.77 5.54
N TYR B 75 11.24 5.34 6.69
CA TYR B 75 12.27 4.83 7.59
C TYR B 75 11.64 3.85 8.57
N ARG B 76 12.43 2.92 9.07
CA ARG B 76 11.98 2.00 10.11
C ARG B 76 12.55 2.50 11.42
N ASP B 77 12.45 1.68 12.48
CA ASP B 77 12.93 2.08 13.80
C ASP B 77 14.03 1.17 14.34
N PRO B 78 15.12 0.98 13.58
CA PRO B 78 16.27 0.34 14.23
C PRO B 78 16.95 1.35 15.16
N PRO B 79 17.76 0.88 16.11
CA PRO B 79 18.32 1.79 17.12
C PRO B 79 18.87 3.12 16.57
N TYR B 80 19.61 3.06 15.45
CA TYR B 80 20.32 4.24 14.90
C TYR B 80 19.85 4.69 13.51
N HIS B 81 19.68 3.76 12.58
CA HIS B 81 19.35 4.15 11.21
C HIS B 81 17.86 4.37 11.04
N ASN B 82 17.38 5.47 11.62
CA ASN B 82 15.97 5.83 11.63
C ASN B 82 15.78 7.27 11.19
N TRP B 83 14.53 7.74 11.13
CA TRP B 83 14.21 9.10 10.69
C TRP B 83 15.01 10.19 11.41
N MET B 84 15.19 10.05 12.72
CA MET B 84 15.92 11.05 13.48
C MET B 84 17.36 11.14 13.00
N HIS B 85 17.94 10.01 12.59
CA HIS B 85 19.27 10.06 11.97
C HIS B 85 19.23 10.94 10.74
N ALA B 86 18.31 10.61 9.84
CA ALA B 86 18.16 11.37 8.60
C ALA B 86 17.82 12.84 8.84
N PHE B 87 17.05 13.13 9.89
CA PHE B 87 16.68 14.52 10.16
C PHE B 87 17.91 15.34 10.58
N SER B 88 18.70 14.80 11.50
CA SER B 88 19.93 15.47 11.90
C SER B 88 20.88 15.64 10.73
N VAL B 89 20.98 14.62 9.89
CA VAL B 89 21.84 14.68 8.71
C VAL B 89 21.40 15.82 7.78
N SER B 90 20.09 15.94 7.58
CA SER B 90 19.51 17.02 6.74
C SER B 90 19.74 18.38 7.40
N HIS B 91 19.59 18.41 8.71
CA HIS B 91 19.85 19.63 9.46
C HIS B 91 21.31 20.08 9.33
N PHE B 92 22.25 19.14 9.28
CA PHE B 92 23.65 19.52 9.05
C PHE B 92 23.85 20.07 7.62
N CYS B 93 23.17 19.50 6.63
CA CYS B 93 23.22 20.06 5.30
C CYS B 93 22.83 21.55 5.38
N TYR B 94 21.76 21.83 6.11
CA TYR B 94 21.25 23.19 6.28
C TYR B 94 22.29 24.09 6.97
N LEU B 95 22.87 23.58 8.06
CA LEU B 95 23.98 24.28 8.73
C LEU B 95 25.16 24.59 7.80
N LEU B 96 25.48 23.69 6.88
CA LEU B 96 26.57 23.92 5.94
C LEU B 96 26.23 25.03 4.96
N TYR B 97 24.99 25.03 4.48
CA TYR B 97 24.48 26.10 3.62
C TYR B 97 24.55 27.44 4.36
N LYS B 98 24.12 27.46 5.61
CA LYS B 98 24.05 28.72 6.37
C LYS B 98 25.41 29.25 6.77
N ASN B 99 26.33 28.37 7.18
CA ASN B 99 27.58 28.80 7.79
C ASN B 99 28.79 28.84 6.83
N LEU B 100 28.79 27.99 5.81
CA LEU B 100 29.91 27.95 4.86
C LEU B 100 29.63 28.67 3.54
N GLU B 101 28.39 29.10 3.34
CA GLU B 101 28.00 29.86 2.14
C GLU B 101 28.16 29.04 0.85
N LEU B 102 27.40 27.95 0.75
CA LEU B 102 27.53 27.01 -0.37
C LEU B 102 27.13 27.59 -1.74
N THR B 103 26.30 28.62 -1.73
CA THR B 103 25.97 29.34 -2.97
C THR B 103 27.19 29.94 -3.66
N ASN B 104 28.35 29.98 -2.98
CA ASN B 104 29.63 30.38 -3.60
C ASN B 104 30.44 29.24 -4.22
N TYR B 105 29.92 28.01 -4.12
CA TYR B 105 30.65 26.83 -4.56
C TYR B 105 29.81 25.95 -5.47
N LEU B 106 28.54 25.77 -5.10
CA LEU B 106 27.66 24.84 -5.79
C LEU B 106 26.51 25.59 -6.45
N GLU B 107 25.95 25.00 -7.51
CA GLU B 107 24.77 25.56 -8.15
C GLU B 107 23.58 25.33 -7.21
N ASP B 108 22.54 26.14 -7.34
CA ASP B 108 21.39 26.02 -6.47
C ASP B 108 20.83 24.59 -6.53
N ILE B 109 20.75 24.05 -7.75
CA ILE B 109 20.23 22.70 -7.99
C ILE B 109 21.06 21.61 -7.32
N GLU B 110 22.35 21.85 -7.14
CA GLU B 110 23.23 20.89 -6.47
C GLU B 110 22.96 20.86 -4.96
N ILE B 111 22.85 22.04 -4.36
CA ILE B 111 22.60 22.18 -2.93
C ILE B 111 21.24 21.57 -2.59
N PHE B 112 20.24 21.84 -3.41
CA PHE B 112 18.89 21.31 -3.26
C PHE B 112 18.91 19.79 -3.30
N ALA B 113 19.54 19.24 -4.33
CA ALA B 113 19.73 17.78 -4.41
C ALA B 113 20.50 17.22 -3.21
N LEU B 114 21.44 17.99 -2.65
CA LEU B 114 22.16 17.53 -1.46
C LEU B 114 21.20 17.38 -0.28
N PHE B 115 20.42 18.43 -0.02
CA PHE B 115 19.46 18.43 1.10
C PHE B 115 18.42 17.32 0.97
N ILE B 116 17.83 17.16 -0.22
CA ILE B 116 16.85 16.11 -0.45
C ILE B 116 17.48 14.73 -0.30
N SER B 117 18.69 14.57 -0.79
CA SER B 117 19.42 13.31 -0.62
C SER B 117 19.57 12.95 0.87
N CYS B 118 19.90 13.93 1.70
CA CYS B 118 19.99 13.72 3.14
C CYS B 118 18.68 13.17 3.71
N MET B 119 17.54 13.67 3.25
CA MET B 119 16.25 13.20 3.77
C MET B 119 16.03 11.73 3.42
N CYS B 120 16.52 11.32 2.26
CA CYS B 120 16.25 9.99 1.71
C CYS B 120 17.37 9.00 1.91
N HIS B 121 18.57 9.48 2.23
CA HIS B 121 19.78 8.66 2.04
C HIS B 121 19.83 7.31 2.76
N ASP B 122 19.04 7.11 3.81
CA ASP B 122 18.99 5.81 4.51
C ASP B 122 17.60 5.14 4.49
N LEU B 123 16.74 5.54 3.54
CA LEU B 123 15.37 5.02 3.46
C LEU B 123 15.29 3.51 3.58
N ASP B 124 14.41 3.04 4.44
CA ASP B 124 14.12 1.63 4.59
C ASP B 124 15.35 0.80 5.01
N HIS B 125 16.20 1.40 5.84
CA HIS B 125 17.33 0.68 6.43
C HIS B 125 16.78 -0.37 7.44
N ARG B 126 17.39 -1.56 7.47
CA ARG B 126 16.91 -2.65 8.32
C ARG B 126 17.85 -2.95 9.50
N GLY B 127 18.70 -1.98 9.82
CA GLY B 127 19.75 -2.18 10.79
C GLY B 127 20.79 -3.22 10.40
N THR B 128 21.09 -3.32 9.11
CA THR B 128 22.13 -4.24 8.64
C THR B 128 22.99 -3.60 7.55
N ASN B 129 24.27 -3.92 7.55
CA ASN B 129 25.21 -3.37 6.57
C ASN B 129 25.17 -4.14 5.26
N ASN B 130 25.96 -3.69 4.28
CA ASN B 130 26.05 -4.31 2.97
C ASN B 130 26.58 -5.74 3.02
N SER B 131 27.69 -5.92 3.71
CA SER B 131 28.23 -7.24 3.99
C SER B 131 27.08 -8.24 4.30
N PHE B 132 26.22 -7.91 5.25
CA PHE B 132 25.12 -8.81 5.63
C PHE B 132 24.17 -9.13 4.46
N GLN B 133 23.80 -8.11 3.68
CA GLN B 133 22.91 -8.31 2.55
C GLN B 133 23.50 -9.35 1.58
N VAL B 134 24.79 -9.19 1.25
CA VAL B 134 25.48 -10.12 0.35
C VAL B 134 25.64 -11.52 0.98
N ALA B 135 26.21 -11.57 2.18
CA ALA B 135 26.43 -12.84 2.88
C ALA B 135 25.14 -13.67 2.99
N SER B 136 24.07 -13.05 3.46
CA SER B 136 22.80 -13.74 3.66
C SER B 136 21.98 -13.85 2.37
N LYS B 137 22.55 -13.44 1.24
CA LYS B 137 21.87 -13.46 -0.05
C LYS B 137 20.45 -12.93 0.07
N SER B 138 20.34 -11.67 0.47
CA SER B 138 19.04 -11.01 0.62
C SER B 138 18.48 -10.59 -0.74
N VAL B 139 17.18 -10.35 -0.77
CA VAL B 139 16.49 -9.84 -1.96
C VAL B 139 17.24 -8.66 -2.60
N LEU B 140 17.74 -7.76 -1.78
CA LEU B 140 18.40 -6.56 -2.29
C LEU B 140 19.74 -6.89 -2.91
N ALA B 141 20.41 -7.91 -2.40
CA ALA B 141 21.64 -8.40 -2.97
C ALA B 141 21.38 -8.98 -4.36
N ALA B 142 20.30 -9.75 -4.46
CA ALA B 142 19.86 -10.35 -5.72
C ALA B 142 19.61 -9.32 -6.82
N LEU B 143 18.99 -8.19 -6.45
CA LEU B 143 18.69 -7.12 -7.40
C LEU B 143 19.96 -6.34 -7.76
N TYR B 144 20.77 -6.02 -6.75
CA TYR B 144 22.03 -5.30 -6.95
C TYR B 144 23.18 -6.23 -6.65
N SER B 145 23.57 -7.04 -7.64
CA SER B 145 24.43 -8.21 -7.40
C SER B 145 25.91 -8.04 -7.76
N SER B 146 26.25 -7.05 -8.60
CA SER B 146 27.57 -7.02 -9.21
C SER B 146 28.52 -5.92 -8.72
N GLU B 147 28.01 -4.76 -8.29
CA GLU B 147 28.89 -3.61 -7.99
C GLU B 147 28.87 -3.18 -6.51
N GLY B 148 28.32 -4.01 -5.62
CA GLY B 148 28.25 -3.65 -4.20
C GLY B 148 27.46 -2.36 -3.96
N SER B 149 27.65 -1.78 -2.77
CA SER B 149 26.83 -0.64 -2.33
C SER B 149 25.33 -0.99 -2.36
N VAL B 150 25.00 -2.17 -1.86
CA VAL B 150 23.66 -2.74 -2.01
C VAL B 150 22.58 -1.87 -1.35
N MET B 151 22.80 -1.50 -0.10
CA MET B 151 21.85 -0.70 0.65
C MET B 151 21.65 0.71 0.07
N GLU B 152 22.71 1.32 -0.44
CA GLU B 152 22.63 2.69 -0.98
C GLU B 152 21.83 2.74 -2.29
N ARG B 153 21.97 1.70 -3.09
CA ARG B 153 21.13 1.50 -4.26
C ARG B 153 19.65 1.42 -3.89
N HIS B 154 19.33 0.59 -2.90
CA HIS B 154 17.96 0.48 -2.39
C HIS B 154 17.40 1.80 -1.84
N HIS B 155 18.24 2.58 -1.15
CA HIS B 155 17.80 3.85 -0.57
C HIS B 155 17.36 4.80 -1.68
N PHE B 156 18.14 4.82 -2.76
CA PHE B 156 17.84 5.60 -3.94
C PHE B 156 16.55 5.14 -4.59
N ALA B 157 16.40 3.82 -4.67
CA ALA B 157 15.21 3.20 -5.22
C ALA B 157 13.96 3.63 -4.45
N GLN B 158 14.05 3.66 -3.13
CA GLN B 158 12.92 4.05 -2.29
C GLN B 158 12.59 5.53 -2.48
N ALA B 159 13.62 6.34 -2.76
CA ALA B 159 13.46 7.77 -3.00
C ALA B 159 12.70 8.03 -4.29
N ILE B 160 13.09 7.31 -5.34
CA ILE B 160 12.44 7.38 -6.64
C ILE B 160 10.97 6.97 -6.55
N ALA B 161 10.67 5.90 -5.80
CA ALA B 161 9.30 5.42 -5.64
C ALA B 161 8.43 6.44 -4.90
N ILE B 162 8.96 7.06 -3.86
CA ILE B 162 8.27 8.14 -3.15
C ILE B 162 8.00 9.31 -4.09
N LEU B 163 9.02 9.71 -4.84
CA LEU B 163 8.88 10.76 -5.82
C LEU B 163 7.85 10.43 -6.90
N ASN B 164 7.69 9.14 -7.23
CA ASN B 164 6.76 8.68 -8.26
C ASN B 164 5.37 8.32 -7.74
N THR B 165 5.16 8.53 -6.44
CA THR B 165 3.85 8.36 -5.83
C THR B 165 2.99 9.60 -6.09
N HIS B 166 1.68 9.39 -6.18
CA HIS B 166 0.73 10.45 -6.51
C HIS B 166 0.75 11.59 -5.49
N GLY B 167 1.14 12.77 -5.93
CA GLY B 167 1.14 13.97 -5.07
C GLY B 167 2.37 14.12 -4.19
N CYS B 168 3.43 13.40 -4.53
CA CYS B 168 4.70 13.45 -3.79
C CYS B 168 5.86 13.97 -4.62
N ASN B 169 5.63 14.27 -5.89
CA ASN B 169 6.74 14.68 -6.72
C ASN B 169 7.00 16.15 -6.56
N ILE B 170 7.94 16.46 -5.67
CA ILE B 170 8.39 17.81 -5.44
C ILE B 170 9.40 18.28 -6.49
N PHE B 171 9.61 17.49 -7.54
CA PHE B 171 10.50 17.90 -8.61
C PHE B 171 9.77 18.25 -9.89
N ASP B 172 8.45 18.11 -9.94
CA ASP B 172 7.77 18.21 -11.24
C ASP B 172 7.79 19.63 -11.81
N HIS B 173 8.16 20.62 -11.00
CA HIS B 173 8.50 21.94 -11.53
C HIS B 173 9.63 21.87 -12.57
N PHE B 174 10.67 21.08 -12.31
CA PHE B 174 11.81 20.96 -13.23
C PHE B 174 11.39 20.48 -14.62
N SER B 175 12.23 20.76 -15.62
CA SER B 175 12.06 20.23 -16.96
C SER B 175 12.57 18.80 -17.03
N ARG B 176 12.37 18.16 -18.17
CA ARG B 176 12.90 16.81 -18.44
C ARG B 176 14.38 16.71 -18.13
N LYS B 177 15.17 17.64 -18.66
CA LYS B 177 16.63 17.60 -18.49
C LYS B 177 17.03 17.75 -17.02
N ASP B 178 16.47 18.77 -16.35
CA ASP B 178 16.76 19.02 -14.93
C ASP B 178 16.15 17.95 -13.99
N TYR B 179 15.05 17.33 -14.41
CA TYR B 179 14.50 16.22 -13.63
C TYR B 179 15.48 15.04 -13.62
N GLN B 180 16.06 14.76 -14.79
CA GLN B 180 17.07 13.70 -14.91
C GLN B 180 18.36 14.07 -14.19
N ARG B 181 18.79 15.33 -14.31
CA ARG B 181 20.01 15.76 -13.62
C ARG B 181 19.84 15.60 -12.11
N MET B 182 18.68 15.99 -11.60
CA MET B 182 18.35 15.84 -10.19
C MET B 182 18.42 14.37 -9.78
N LEU B 183 17.80 13.49 -10.57
CA LEU B 183 17.80 12.05 -10.31
C LEU B 183 19.20 11.42 -10.30
N ASP B 184 20.06 11.83 -11.24
CA ASP B 184 21.46 11.38 -11.26
C ASP B 184 22.23 11.92 -10.07
N LEU B 185 22.01 13.18 -9.72
CA LEU B 185 22.59 13.77 -8.53
C LEU B 185 22.20 13.00 -7.28
N MET B 186 20.91 12.75 -7.11
CA MET B 186 20.45 11.97 -5.95
C MET B 186 21.17 10.64 -5.82
N ARG B 187 21.39 9.95 -6.95
CA ARG B 187 22.08 8.67 -6.91
C ARG B 187 23.53 8.86 -6.49
N ASP B 188 24.24 9.76 -7.16
CA ASP B 188 25.64 9.96 -6.86
C ASP B 188 25.89 10.36 -5.40
N ILE B 189 24.96 11.12 -4.84
CA ILE B 189 25.09 11.60 -3.46
C ILE B 189 24.76 10.48 -2.48
N ILE B 190 23.70 9.74 -2.77
CA ILE B 190 23.27 8.62 -1.96
C ILE B 190 24.31 7.51 -2.01
N LEU B 191 24.86 7.22 -3.18
CA LEU B 191 25.94 6.24 -3.29
C LEU B 191 27.19 6.67 -2.54
N ALA B 192 27.39 7.97 -2.40
CA ALA B 192 28.54 8.51 -1.70
C ALA B 192 28.53 8.18 -0.21
N THR B 193 27.36 7.80 0.32
CA THR B 193 27.19 7.51 1.75
C THR B 193 27.71 6.12 2.13
N ASP B 194 28.11 5.34 1.13
CA ASP B 194 28.89 4.13 1.37
C ASP B 194 30.33 4.55 1.72
N LEU B 195 30.73 4.33 2.97
CA LEU B 195 32.08 4.65 3.42
C LEU B 195 33.17 3.96 2.57
N ALA B 196 32.85 2.80 1.98
CA ALA B 196 33.78 2.16 1.05
C ALA B 196 34.06 3.13 -0.07
N HIS B 197 32.98 3.72 -0.61
CA HIS B 197 33.09 4.69 -1.68
C HIS B 197 33.88 5.93 -1.25
N HIS B 198 33.69 6.40 -0.01
CA HIS B 198 34.49 7.50 0.51
C HIS B 198 35.99 7.19 0.54
N LEU B 199 36.35 6.02 1.03
CA LEU B 199 37.76 5.65 1.09
C LEU B 199 38.39 5.55 -0.30
N ARG B 200 37.63 5.08 -1.29
CA ARG B 200 38.12 5.05 -2.68
C ARG B 200 38.50 6.43 -3.22
N ILE B 201 37.62 7.41 -3.05
CA ILE B 201 37.86 8.77 -3.56
C ILE B 201 38.68 9.66 -2.62
N PHE B 202 39.13 9.11 -1.49
CA PHE B 202 39.80 9.89 -0.45
C PHE B 202 41.01 10.66 -0.97
N LYS B 203 41.80 10.05 -1.85
CA LYS B 203 42.99 10.70 -2.43
C LYS B 203 42.60 11.89 -3.30
N ASP B 204 41.50 11.74 -4.04
CA ASP B 204 40.99 12.82 -4.86
C ASP B 204 40.34 13.93 -4.03
N LEU B 205 39.72 13.57 -2.91
CA LEU B 205 39.32 14.60 -1.95
C LEU B 205 40.58 15.32 -1.48
N GLN B 206 41.59 14.55 -1.14
CA GLN B 206 42.89 15.08 -0.68
C GLN B 206 43.52 16.05 -1.68
N LYS B 207 43.50 15.70 -2.97
CA LYS B 207 44.05 16.58 -4.02
C LYS B 207 43.31 17.91 -4.17
N MET B 208 41.99 17.86 -4.05
CA MET B 208 41.17 19.06 -4.19
C MET B 208 41.50 20.09 -3.12
N ALA B 209 41.89 19.61 -1.94
CA ALA B 209 42.28 20.44 -0.82
C ALA B 209 43.67 21.03 -1.00
N GLU B 210 44.60 20.23 -1.54
CA GLU B 210 45.96 20.71 -1.86
C GLU B 210 45.88 21.90 -2.82
N VAL B 211 45.19 21.68 -3.93
CA VAL B 211 45.14 22.62 -5.05
C VAL B 211 44.12 23.74 -4.79
N GLY B 212 43.13 23.44 -3.96
CA GLY B 212 42.08 24.40 -3.64
C GLY B 212 40.93 24.26 -4.61
N TYR B 213 39.72 24.48 -4.10
CA TYR B 213 38.48 24.31 -4.87
C TYR B 213 38.41 25.20 -6.11
N ASP B 214 37.76 24.68 -7.15
CA ASP B 214 37.63 25.37 -8.42
C ASP B 214 36.19 25.21 -8.90
N ARG B 215 35.41 26.29 -8.81
CA ARG B 215 33.97 26.25 -9.14
C ARG B 215 33.70 25.87 -10.60
N ASN B 216 34.69 26.08 -11.48
CA ASN B 216 34.56 25.73 -12.89
C ASN B 216 35.01 24.31 -13.21
N ASN B 217 35.56 23.62 -12.22
CA ASN B 217 35.95 22.24 -12.40
C ASN B 217 34.78 21.33 -12.02
N LYS B 218 34.13 20.76 -13.02
CA LYS B 218 32.94 19.93 -12.81
C LYS B 218 33.25 18.68 -11.95
N GLN B 219 34.46 18.14 -12.06
CA GLN B 219 34.90 17.06 -11.17
C GLN B 219 34.90 17.48 -9.69
N HIS B 220 35.37 18.70 -9.41
CA HIS B 220 35.36 19.25 -8.06
C HIS B 220 33.95 19.37 -7.44
N HIS B 221 32.97 19.74 -8.26
CA HIS B 221 31.58 19.78 -7.79
C HIS B 221 31.17 18.40 -7.29
N ARG B 222 31.48 17.38 -8.08
CA ARG B 222 31.14 15.99 -7.74
C ARG B 222 31.79 15.54 -6.43
N LEU B 223 33.06 15.88 -6.24
CA LEU B 223 33.80 15.47 -5.04
C LEU B 223 33.31 16.19 -3.80
N LEU B 224 33.15 17.51 -3.92
CA LEU B 224 32.61 18.31 -2.83
C LEU B 224 31.28 17.74 -2.37
N LEU B 225 30.40 17.46 -3.32
CA LEU B 225 29.09 16.89 -3.01
C LEU B 225 29.21 15.60 -2.20
N CYS B 226 30.25 14.81 -2.48
CA CYS B 226 30.51 13.57 -1.73
C CYS B 226 31.02 13.82 -0.30
N LEU B 227 31.98 14.73 -0.16
CA LEU B 227 32.54 15.09 1.14
C LEU B 227 31.50 15.74 2.04
N LEU B 228 30.79 16.72 1.51
CA LEU B 228 29.70 17.36 2.23
C LEU B 228 28.63 16.36 2.69
N MET B 229 28.35 15.33 1.89
CA MET B 229 27.33 14.35 2.25
C MET B 229 27.84 13.46 3.37
N THR B 230 29.10 13.03 3.24
CA THR B 230 29.77 12.29 4.30
C THR B 230 29.83 13.10 5.58
N SER B 231 30.11 14.39 5.44
CA SER B 231 30.11 15.31 6.58
C SER B 231 28.78 15.36 7.31
N CYS B 232 27.69 15.51 6.55
CA CYS B 232 26.36 15.46 7.14
C CYS B 232 26.09 14.10 7.79
N ASP B 233 26.47 13.02 7.11
CA ASP B 233 26.18 11.67 7.59
C ASP B 233 26.84 11.36 8.93
N LEU B 234 27.98 11.98 9.21
CA LEU B 234 28.75 11.74 10.44
C LEU B 234 28.67 12.92 11.43
N SER B 235 27.71 13.82 11.20
CA SER B 235 27.66 15.09 11.93
C SER B 235 27.38 14.97 13.44
N ASP B 236 26.84 13.82 13.87
CA ASP B 236 26.70 13.56 15.30
C ASP B 236 28.04 13.65 16.05
N GLN B 237 29.15 13.53 15.34
CA GLN B 237 30.47 13.61 15.94
C GLN B 237 30.97 15.06 16.06
N THR B 238 30.23 16.02 15.51
CA THR B 238 30.64 17.43 15.62
C THR B 238 29.92 18.19 16.73
N LYS B 239 29.20 17.48 17.58
CA LYS B 239 28.46 18.08 18.68
C LYS B 239 29.21 17.82 20.01
N GLY B 240 28.51 17.95 21.14
CA GLY B 240 29.11 17.69 22.44
C GLY B 240 29.36 16.22 22.69
N TRP B 241 30.15 15.92 23.72
CA TRP B 241 30.48 14.54 24.09
C TRP B 241 29.23 13.67 24.17
N LYS B 242 28.25 14.14 24.94
CA LYS B 242 27.02 13.39 25.24
C LYS B 242 26.35 12.82 23.98
N THR B 243 26.37 13.57 22.88
CA THR B 243 25.82 13.10 21.62
C THR B 243 26.64 11.95 21.03
N THR B 244 27.97 12.05 21.11
CA THR B 244 28.89 10.99 20.69
C THR B 244 28.67 9.70 21.47
N ARG B 245 28.43 9.83 22.77
CA ARG B 245 28.18 8.69 23.65
C ARG B 245 26.84 8.03 23.34
N LYS B 246 25.83 8.85 23.14
CA LYS B 246 24.49 8.37 22.79
C LYS B 246 24.51 7.64 21.44
N ILE B 247 25.14 8.24 20.45
CA ILE B 247 25.25 7.62 19.12
C ILE B 247 26.11 6.33 19.13
N ALA B 248 27.14 6.28 19.96
CA ALA B 248 27.89 5.04 20.16
C ALA B 248 26.96 3.93 20.62
N GLU B 249 26.19 4.23 21.67
CA GLU B 249 25.19 3.31 22.20
C GLU B 249 24.24 2.81 21.11
N LEU B 250 23.64 3.74 20.37
CA LEU B 250 22.67 3.39 19.32
C LEU B 250 23.31 2.54 18.22
N ILE B 251 24.42 3.02 17.66
CA ILE B 251 25.05 2.34 16.54
C ILE B 251 25.47 0.93 16.95
N TYR B 252 26.02 0.77 18.14
CA TYR B 252 26.52 -0.53 18.57
C TYR B 252 25.41 -1.48 18.99
N LYS B 253 24.30 -0.96 19.49
CA LYS B 253 23.14 -1.80 19.76
C LYS B 253 22.68 -2.45 18.47
N GLU B 254 22.56 -1.63 17.43
CA GLU B 254 22.19 -2.07 16.09
C GLU B 254 23.23 -3.05 15.51
N PHE B 255 24.51 -2.66 15.54
CA PHE B 255 25.59 -3.53 15.05
C PHE B 255 25.53 -4.89 15.70
N PHE B 256 25.27 -4.94 17.01
CA PHE B 256 25.24 -6.22 17.74
C PHE B 256 24.03 -7.09 17.41
N SER B 257 22.89 -6.45 17.11
CA SER B 257 21.72 -7.21 16.69
C SER B 257 21.99 -7.97 15.41
N GLN B 258 22.78 -7.38 14.51
CA GLN B 258 23.16 -8.05 13.26
C GLN B 258 24.07 -9.23 13.59
N GLY B 259 25.01 -9.03 14.51
CA GLY B 259 25.88 -10.09 14.99
C GLY B 259 25.17 -11.35 15.49
N ASP B 260 24.21 -11.16 16.41
CA ASP B 260 23.42 -12.27 16.95
C ASP B 260 22.69 -13.03 15.84
N LEU B 261 22.02 -12.27 14.98
CA LEU B 261 21.35 -12.85 13.83
C LEU B 261 22.34 -13.69 13.01
N GLU B 262 23.45 -13.09 12.61
CA GLU B 262 24.50 -13.81 11.89
C GLU B 262 24.97 -15.06 12.63
N LYS B 263 25.27 -14.94 13.92
CA LYS B 263 25.69 -16.10 14.72
C LYS B 263 24.63 -17.21 14.66
N ALA B 264 23.37 -16.81 14.82
CA ALA B 264 22.25 -17.74 14.85
C ALA B 264 22.08 -18.48 13.52
N MET B 265 22.43 -17.82 12.41
CA MET B 265 22.32 -18.45 11.08
C MET B 265 23.66 -18.94 10.51
N GLY B 266 24.60 -19.29 11.38
CA GLY B 266 25.83 -19.96 10.97
C GLY B 266 27.02 -19.09 10.57
N ASN B 267 26.78 -17.81 10.30
CA ASN B 267 27.83 -16.93 9.80
C ASN B 267 28.72 -16.40 10.92
N ARG B 268 29.99 -16.16 10.60
CA ARG B 268 30.94 -15.58 11.53
C ARG B 268 30.96 -14.07 11.35
N PRO B 269 30.51 -13.31 12.37
CA PRO B 269 30.39 -11.87 12.24
C PRO B 269 31.72 -11.13 12.40
N MET B 270 31.73 -9.86 11.99
CA MET B 270 32.88 -8.97 12.19
C MET B 270 33.02 -8.74 13.70
N GLU B 271 34.21 -8.37 14.16
CA GLU B 271 34.47 -8.18 15.59
C GLU B 271 33.57 -7.09 16.19
N MET B 272 33.29 -6.03 15.43
CA MET B 272 32.48 -4.91 15.92
C MET B 272 30.97 -5.20 15.99
N MET B 273 30.53 -6.33 15.43
CA MET B 273 29.13 -6.79 15.54
C MET B 273 28.99 -7.87 16.61
N ASP B 274 30.13 -8.36 17.10
CA ASP B 274 30.16 -9.43 18.07
C ASP B 274 30.19 -8.81 19.46
N ARG B 275 29.06 -8.81 20.14
CA ARG B 275 28.98 -8.26 21.49
C ARG B 275 29.98 -8.94 22.43
N GLU B 276 30.24 -10.22 22.21
CA GLU B 276 31.17 -10.96 23.05
C GLU B 276 32.66 -10.56 22.85
N LYS B 277 33.00 -9.96 21.71
CA LYS B 277 34.39 -9.53 21.41
C LYS B 277 34.63 -8.01 21.45
N ALA B 278 33.70 -7.23 20.90
CA ALA B 278 33.90 -5.78 20.69
C ALA B 278 34.26 -4.97 21.93
N TYR B 279 35.34 -4.20 21.82
CA TYR B 279 35.71 -3.25 22.86
C TYR B 279 35.39 -1.84 22.35
N ILE B 280 34.23 -1.34 22.75
CA ILE B 280 33.65 -0.12 22.20
C ILE B 280 34.62 1.08 22.15
N PRO B 281 35.17 1.50 23.30
CA PRO B 281 35.99 2.70 23.27
C PRO B 281 37.07 2.69 22.18
N GLU B 282 37.78 1.57 22.03
CA GLU B 282 38.83 1.46 21.02
C GLU B 282 38.26 1.57 19.60
N LEU B 283 37.12 0.92 19.37
CA LEU B 283 36.46 0.97 18.05
C LEU B 283 35.99 2.40 17.70
N GLN B 284 35.42 3.10 18.68
CA GLN B 284 35.02 4.49 18.51
C GLN B 284 36.20 5.34 18.13
N ILE B 285 37.29 5.17 18.88
CA ILE B 285 38.49 5.98 18.69
C ILE B 285 39.11 5.73 17.32
N SER B 286 39.30 4.48 16.94
CA SER B 286 39.81 4.15 15.60
C SER B 286 38.87 4.67 14.51
N PHE B 287 37.56 4.61 14.75
CA PHE B 287 36.61 5.18 13.81
C PHE B 287 36.74 6.70 13.77
N MET B 288 36.83 7.34 14.93
CA MET B 288 37.04 8.79 14.99
C MET B 288 38.38 9.20 14.35
N GLU B 289 39.46 8.50 14.72
CA GLU B 289 40.80 8.81 14.24
C GLU B 289 41.00 8.53 12.75
N HIS B 290 40.62 7.34 12.30
CA HIS B 290 40.90 6.91 10.91
C HIS B 290 39.84 7.28 9.85
N ILE B 291 38.64 7.72 10.25
CA ILE B 291 37.59 8.07 9.30
C ILE B 291 37.07 9.49 9.49
N ALA B 292 36.48 9.77 10.64
CA ALA B 292 35.80 11.05 10.88
C ALA B 292 36.73 12.26 10.88
N MET B 293 37.83 12.19 11.63
CA MET B 293 38.73 13.35 11.73
C MET B 293 39.29 13.81 10.38
N PRO B 294 39.84 12.87 9.58
CA PRO B 294 40.30 13.29 8.25
C PRO B 294 39.23 13.92 7.36
N ILE B 295 37.97 13.56 7.59
CA ILE B 295 36.84 14.14 6.86
C ILE B 295 36.65 15.61 7.21
N TYR B 296 36.66 15.93 8.49
CA TYR B 296 36.47 17.30 8.95
C TYR B 296 37.77 18.12 8.81
N LYS B 297 38.91 17.45 8.78
CA LYS B 297 40.18 18.08 8.39
C LYS B 297 40.10 18.57 6.95
N LEU B 298 39.67 17.67 6.06
CA LEU B 298 39.45 18.01 4.66
C LEU B 298 38.49 19.17 4.54
N LEU B 299 37.38 19.10 5.28
CA LEU B 299 36.38 20.16 5.23
C LEU B 299 36.96 21.50 5.71
N GLN B 300 37.77 21.46 6.77
CA GLN B 300 38.53 22.63 7.24
C GLN B 300 39.53 23.15 6.19
N ASP B 301 40.30 22.26 5.55
CA ASP B 301 41.22 22.68 4.48
C ASP B 301 40.50 23.46 3.36
N LEU B 302 39.28 23.04 3.03
CA LEU B 302 38.50 23.70 1.98
C LEU B 302 37.74 24.93 2.50
N PHE B 303 37.16 24.83 3.69
CA PHE B 303 36.36 25.91 4.26
C PHE B 303 36.93 26.32 5.62
N PRO B 304 37.68 27.43 5.66
CA PRO B 304 38.31 27.88 6.90
C PRO B 304 37.31 27.97 8.07
N LYS B 305 36.10 28.44 7.76
CA LYS B 305 35.02 28.56 8.74
C LYS B 305 34.52 27.21 9.28
N ALA B 306 34.86 26.11 8.61
CA ALA B 306 34.53 24.77 9.12
C ALA B 306 35.52 24.24 10.18
N ALA B 307 36.50 25.05 10.56
CA ALA B 307 37.57 24.60 11.44
C ALA B 307 37.06 24.13 12.79
N GLU B 308 36.08 24.84 13.35
CA GLU B 308 35.52 24.48 14.65
C GLU B 308 34.94 23.07 14.70
N LEU B 309 34.42 22.59 13.56
CA LEU B 309 33.91 21.23 13.45
C LEU B 309 35.01 20.18 13.63
N TYR B 310 36.18 20.43 13.06
CA TYR B 310 37.31 19.54 13.24
C TYR B 310 37.76 19.53 14.71
N GLU B 311 37.84 20.72 15.32
CA GLU B 311 38.28 20.84 16.72
C GLU B 311 37.37 20.06 17.66
N ARG B 312 36.05 20.10 17.45
CA ARG B 312 35.12 19.37 18.32
C ARG B 312 35.24 17.86 18.17
N VAL B 313 35.41 17.40 16.93
CA VAL B 313 35.58 15.97 16.66
C VAL B 313 36.88 15.48 17.29
N ALA B 314 37.91 16.32 17.27
CA ALA B 314 39.18 16.01 17.93
C ALA B 314 39.05 15.95 19.45
N SER B 315 38.33 16.92 20.03
CA SER B 315 38.04 16.93 21.46
C SER B 315 37.32 15.65 21.88
N ASN B 316 36.20 15.39 21.23
CA ASN B 316 35.41 14.21 21.56
C ASN B 316 36.25 12.93 21.47
N ARG B 317 37.26 12.94 20.60
CA ARG B 317 38.22 11.84 20.52
C ARG B 317 38.98 11.71 21.83
N GLU B 318 39.52 12.82 22.35
CA GLU B 318 40.19 12.82 23.66
C GLU B 318 39.25 12.31 24.77
N HIS B 319 38.06 12.91 24.88
CA HIS B 319 37.05 12.48 25.87
C HIS B 319 36.92 10.96 25.93
N TRP B 320 36.99 10.29 24.77
CA TRP B 320 36.92 8.82 24.71
C TRP B 320 38.12 8.16 25.35
N THR B 321 39.33 8.54 24.95
CA THR B 321 40.55 8.00 25.55
C THR B 321 40.57 8.28 27.06
N LYS B 322 40.16 9.48 27.45
CA LYS B 322 40.04 9.82 28.87
C LYS B 322 39.08 8.87 29.57
N VAL B 323 37.94 8.62 28.94
CA VAL B 323 36.90 7.79 29.54
C VAL B 323 37.04 6.31 29.15
N SER B 324 38.00 6.01 28.26
CA SER B 324 38.25 4.64 27.80
C SER B 324 38.44 3.62 28.92
N HIS B 325 39.24 3.97 29.92
CA HIS B 325 39.55 3.08 31.04
C HIS B 325 38.34 2.54 31.84
N LYS B 326 37.24 3.29 31.86
CA LYS B 326 36.03 2.87 32.59
C LYS B 326 35.37 1.60 32.04
N PHE B 327 35.71 1.22 30.81
CA PHE B 327 35.26 -0.07 30.27
C PHE B 327 35.96 -1.28 30.89
N THR B 328 37.06 -1.04 31.61
CA THR B 328 37.68 -2.06 32.46
C THR B 328 37.26 -1.78 33.89
N ILE B 329 36.39 -2.63 34.44
CA ILE B 329 35.78 -2.38 35.75
C ILE B 329 36.80 -2.40 36.88
N ARG B 330 37.09 -1.23 37.43
CA ARG B 330 37.92 -1.09 38.63
C ARG B 330 37.02 -0.77 39.81
N GLY B 331 37.47 -1.15 41.00
CA GLY B 331 36.63 -1.14 42.17
C GLY B 331 35.58 -2.23 42.02
N LEU B 332 34.44 -2.02 42.67
CA LEU B 332 33.31 -2.90 42.55
C LEU B 332 32.34 -2.29 41.54
N PRO B 333 31.54 -3.13 40.86
CA PRO B 333 30.62 -2.58 39.87
C PRO B 333 29.48 -1.76 40.46
N SER B 334 28.60 -1.30 39.59
CA SER B 334 27.36 -0.60 39.96
C SER B 334 26.72 -1.17 41.22
N ASN B 335 26.52 -2.49 41.23
CA ASN B 335 25.81 -3.22 42.31
C ASN B 335 26.40 -3.05 43.70
N ASN B 336 27.74 -3.03 43.78
CA ASN B 336 28.50 -3.35 45.01
C ASN B 336 28.61 -4.88 45.20
N SER B 337 28.55 -5.61 44.09
CA SER B 337 28.40 -7.07 44.11
C SER B 337 29.07 -7.71 42.92
N LEU B 338 29.52 -8.95 43.10
CA LEU B 338 30.21 -9.68 42.05
C LEU B 338 29.35 -10.83 41.51
N ASP B 339 28.04 -10.54 41.36
CA ASP B 339 27.07 -11.48 40.78
C ASP B 339 27.43 -11.85 39.37
N PHE B 340 27.77 -10.82 38.59
CA PHE B 340 27.98 -10.92 37.15
C PHE B 340 29.03 -11.94 36.69
N LEU B 341 29.61 -12.69 37.63
CA LEU B 341 30.58 -13.75 37.32
C LEU B 341 29.89 -15.10 37.49
N ASP B 342 30.63 -16.12 37.93
CA ASP B 342 30.02 -17.40 38.35
C ASP B 342 29.23 -17.20 39.64
N ASP C 13 -30.20 10.75 29.15
CA ASP C 13 -30.43 12.17 29.55
C ASP C 13 -29.12 12.88 29.89
N GLY C 14 -28.14 12.75 28.99
CA GLY C 14 -26.81 13.33 29.15
C GLY C 14 -25.72 12.31 28.89
N ILE C 15 -24.49 12.80 28.76
CA ILE C 15 -23.30 11.94 28.61
C ILE C 15 -22.12 12.65 29.28
N GLN C 16 -21.97 12.41 30.58
CA GLN C 16 -21.10 13.25 31.42
C GLN C 16 -19.64 13.24 30.99
N PRO C 17 -18.95 14.38 31.14
CA PRO C 17 -17.52 14.37 30.86
C PRO C 17 -16.75 13.55 31.90
N VAL C 18 -15.57 13.08 31.52
CA VAL C 18 -14.73 12.26 32.39
C VAL C 18 -14.38 12.96 33.71
N ALA C 19 -14.07 14.25 33.63
CA ALA C 19 -13.71 15.03 34.82
C ALA C 19 -14.85 15.16 35.84
N ALA C 20 -16.10 15.01 35.38
CA ALA C 20 -17.28 15.07 36.26
C ALA C 20 -17.46 13.82 37.15
N ILE C 21 -16.86 12.71 36.74
CA ILE C 21 -16.98 11.45 37.47
C ILE C 21 -15.95 11.45 38.59
N ASP C 22 -14.71 11.81 38.25
CA ASP C 22 -13.62 11.90 39.19
C ASP C 22 -12.51 12.72 38.56
N SER C 23 -11.85 13.55 39.36
CA SER C 23 -10.77 14.40 38.85
C SER C 23 -9.58 13.56 38.37
N ASN C 24 -9.26 12.52 39.13
CA ASN C 24 -8.09 11.69 38.88
C ASN C 24 -8.41 10.45 38.01
N PHE C 25 -9.47 10.55 37.20
CA PHE C 25 -10.04 9.41 36.49
C PHE C 25 -9.13 8.86 35.39
N ALA C 26 -8.29 9.71 34.82
CA ALA C 26 -7.38 9.30 33.73
C ALA C 26 -5.98 8.98 34.24
N SER C 27 -5.84 8.85 35.56
CA SER C 27 -4.58 8.50 36.17
C SER C 27 -4.46 6.99 36.35
N PHE C 28 -3.22 6.49 36.35
CA PHE C 28 -2.91 5.10 36.65
C PHE C 28 -3.02 4.75 38.15
N THR C 29 -3.31 5.74 38.98
CA THR C 29 -3.54 5.50 40.42
C THR C 29 -5.03 5.31 40.72
N TYR C 30 -5.89 5.53 39.73
CA TYR C 30 -7.32 5.45 39.98
C TYR C 30 -7.79 4.00 39.93
N THR C 31 -8.59 3.62 40.94
CA THR C 31 -9.12 2.27 41.07
C THR C 31 -10.60 2.24 40.68
N PRO C 32 -10.91 1.83 39.42
CA PRO C 32 -12.28 1.85 38.91
C PRO C 32 -13.26 1.00 39.71
N ARG C 33 -12.76 0.03 40.47
CA ARG C 33 -13.62 -0.81 41.30
C ARG C 33 -14.29 -0.04 42.45
N SER C 34 -13.77 1.15 42.77
CA SER C 34 -14.40 2.03 43.76
C SER C 34 -15.72 2.59 43.24
N LEU C 35 -15.78 2.85 41.93
CA LEU C 35 -17.00 3.38 41.32
C LEU C 35 -18.14 2.38 41.47
N PRO C 36 -19.27 2.81 42.06
CA PRO C 36 -20.42 1.91 42.18
C PRO C 36 -20.78 1.26 40.85
N GLU C 37 -21.26 0.01 40.92
CA GLU C 37 -21.66 -0.75 39.74
C GLU C 37 -22.77 -0.04 38.93
N ASP C 38 -23.62 0.74 39.59
CA ASP C 38 -24.67 1.53 38.92
C ASP C 38 -24.13 2.61 37.98
N ASP C 39 -22.96 3.14 38.30
CA ASP C 39 -22.39 4.26 37.55
C ASP C 39 -21.40 3.83 36.46
N THR C 40 -21.27 2.53 36.22
CA THR C 40 -20.28 2.04 35.27
C THR C 40 -20.74 2.23 33.82
N SER C 41 -22.02 2.00 33.56
CA SER C 41 -22.57 2.17 32.21
C SER C 41 -22.44 3.59 31.66
N MET C 42 -22.57 4.61 32.51
CA MET C 42 -22.36 5.99 32.05
C MET C 42 -20.86 6.22 31.79
N ALA C 43 -20.02 5.72 32.68
CA ALA C 43 -18.56 5.88 32.55
C ALA C 43 -18.03 5.21 31.30
N ILE C 44 -18.63 4.09 30.91
CA ILE C 44 -18.34 3.47 29.62
C ILE C 44 -18.61 4.48 28.50
N LEU C 45 -19.82 5.04 28.49
CA LEU C 45 -20.20 6.07 27.50
C LEU C 45 -19.29 7.30 27.59
N SER C 46 -18.94 7.67 28.82
CA SER C 46 -18.10 8.83 29.05
C SER C 46 -16.67 8.58 28.58
N MET C 47 -16.18 7.36 28.75
CA MET C 47 -14.86 7.00 28.23
C MET C 47 -14.85 6.99 26.70
N LEU C 48 -15.91 6.44 26.09
CA LEU C 48 -16.02 6.42 24.63
C LEU C 48 -16.13 7.82 24.04
N GLN C 49 -16.94 8.68 24.67
CA GLN C 49 -17.02 10.08 24.27
C GLN C 49 -15.68 10.78 24.41
N ASP C 50 -15.02 10.61 25.56
CA ASP C 50 -13.75 11.31 25.80
C ASP C 50 -12.69 10.96 24.75
N MET C 51 -12.65 9.69 24.35
CA MET C 51 -11.76 9.25 23.27
C MET C 51 -12.33 9.70 21.91
N ASN C 52 -13.64 9.89 21.87
CA ASN C 52 -14.33 10.51 20.74
C ASN C 52 -14.55 9.54 19.57
N PHE C 53 -14.99 8.33 19.91
CA PHE C 53 -15.38 7.34 18.91
C PHE C 53 -16.85 7.48 18.55
N ILE C 54 -17.67 7.96 19.49
CA ILE C 54 -19.09 8.19 19.23
C ILE C 54 -19.26 9.11 18.03
N ASN C 55 -18.54 10.24 18.06
CA ASN C 55 -18.55 11.18 16.94
C ASN C 55 -17.82 10.63 15.72
N ASN C 56 -16.53 10.35 15.86
CA ASN C 56 -15.72 9.96 14.71
C ASN C 56 -16.15 8.67 14.00
N TYR C 57 -17.00 7.87 14.65
CA TYR C 57 -17.66 6.73 14.00
C TYR C 57 -19.17 6.89 14.02
N LYS C 58 -19.64 8.13 14.09
CA LYS C 58 -21.07 8.46 14.07
C LYS C 58 -21.94 7.38 14.68
N ILE C 59 -21.58 6.93 15.88
CA ILE C 59 -22.32 5.85 16.56
C ILE C 59 -23.64 6.41 17.08
N ASP C 60 -24.73 5.67 16.85
CA ASP C 60 -26.03 6.02 17.42
C ASP C 60 -25.97 5.77 18.93
N CYS C 61 -26.29 6.79 19.71
CA CYS C 61 -26.17 6.74 21.17
C CYS C 61 -27.17 5.81 21.87
N PRO C 62 -28.46 5.83 21.45
CA PRO C 62 -29.39 4.88 22.08
C PRO C 62 -29.03 3.43 21.80
N THR C 63 -28.41 3.16 20.66
CA THR C 63 -27.94 1.80 20.32
C THR C 63 -26.73 1.44 21.17
N LEU C 64 -25.87 2.42 21.42
CA LEU C 64 -24.69 2.21 22.24
C LEU C 64 -25.05 1.90 23.69
N ALA C 65 -26.06 2.59 24.21
CA ALA C 65 -26.52 2.37 25.58
C ALA C 65 -27.12 0.97 25.76
N ARG C 66 -27.96 0.56 24.82
CA ARG C 66 -28.61 -0.77 24.87
C ARG C 66 -27.59 -1.91 24.70
N PHE C 67 -26.54 -1.65 23.92
CA PHE C 67 -25.43 -2.58 23.75
C PHE C 67 -24.65 -2.72 25.06
N CYS C 68 -24.24 -1.61 25.64
CA CYS C 68 -23.52 -1.60 26.92
C CYS C 68 -24.32 -2.26 28.05
N LEU C 69 -25.64 -2.07 28.05
CA LEU C 69 -26.53 -2.71 29.02
C LEU C 69 -26.65 -4.21 28.81
N MET C 70 -26.83 -4.62 27.56
CA MET C 70 -26.85 -6.06 27.22
C MET C 70 -25.54 -6.73 27.63
N VAL C 71 -24.41 -6.03 27.44
CA VAL C 71 -23.10 -6.54 27.83
C VAL C 71 -23.00 -6.65 29.33
N LYS C 72 -23.43 -5.59 30.02
CA LYS C 72 -23.48 -5.61 31.49
C LYS C 72 -24.28 -6.78 32.05
N LYS C 73 -25.46 -7.05 31.49
CA LYS C 73 -26.29 -8.14 32.00
C LYS C 73 -25.84 -9.50 31.48
N GLY C 74 -25.04 -9.50 30.41
CA GLY C 74 -24.48 -10.72 29.86
C GLY C 74 -23.48 -11.42 30.77
N TYR C 75 -22.97 -10.70 31.77
CA TYR C 75 -22.10 -11.28 32.79
C TYR C 75 -22.88 -11.87 33.97
N ARG C 76 -22.41 -13.02 34.44
CA ARG C 76 -22.92 -13.65 35.65
C ARG C 76 -22.12 -13.07 36.79
N ASP C 77 -22.35 -13.56 38.01
CA ASP C 77 -21.55 -13.06 39.11
C ASP C 77 -20.86 -14.14 39.97
N PRO C 78 -19.87 -14.83 39.38
CA PRO C 78 -18.89 -15.50 40.21
C PRO C 78 -18.01 -14.45 40.89
N PRO C 79 -17.21 -14.86 41.89
CA PRO C 79 -16.40 -13.92 42.67
C PRO C 79 -15.61 -12.88 41.83
N TYR C 80 -14.88 -13.33 40.81
CA TYR C 80 -13.97 -12.46 40.06
C TYR C 80 -14.37 -12.14 38.62
N HIS C 81 -14.84 -13.14 37.87
CA HIS C 81 -15.18 -12.91 36.45
C HIS C 81 -16.63 -12.46 36.32
N ASN C 82 -16.86 -11.21 36.70
CA ASN C 82 -18.18 -10.58 36.70
C ASN C 82 -18.08 -9.24 35.97
N TRP C 83 -19.18 -8.51 35.83
CA TRP C 83 -19.15 -7.26 35.07
C TRP C 83 -18.08 -6.30 35.57
N MET C 84 -17.92 -6.18 36.89
CA MET C 84 -16.94 -5.24 37.42
C MET C 84 -15.54 -5.56 36.92
N HIS C 85 -15.24 -6.83 36.69
CA HIS C 85 -13.97 -7.19 36.08
C HIS C 85 -13.86 -6.60 34.69
N ALA C 86 -14.89 -6.80 33.89
CA ALA C 86 -14.90 -6.27 32.53
C ALA C 86 -14.81 -4.77 32.52
N PHE C 87 -15.59 -4.12 33.39
CA PHE C 87 -15.58 -2.67 33.44
C PHE C 87 -14.17 -2.13 33.68
N SER C 88 -13.46 -2.71 34.64
CA SER C 88 -12.15 -2.19 35.04
C SER C 88 -11.06 -2.52 34.01
N VAL C 89 -11.21 -3.64 33.31
CA VAL C 89 -10.35 -4.00 32.18
C VAL C 89 -10.56 -2.98 31.05
N SER C 90 -11.83 -2.69 30.78
CA SER C 90 -12.21 -1.65 29.83
C SER C 90 -11.63 -0.32 30.27
N HIS C 91 -11.75 -0.03 31.56
CA HIS C 91 -11.22 1.20 32.11
C HIS C 91 -9.71 1.33 31.92
N PHE C 92 -8.97 0.23 32.03
CA PHE C 92 -7.51 0.28 31.84
C PHE C 92 -7.15 0.54 30.40
N CYS C 93 -7.96 0.03 29.47
CA CYS C 93 -7.79 0.37 28.04
C CYS C 93 -7.83 1.88 27.87
N TYR C 94 -8.79 2.51 28.54
CA TYR C 94 -8.91 3.96 28.54
C TYR C 94 -7.63 4.61 29.04
N LEU C 95 -7.18 4.21 30.22
CA LEU C 95 -5.92 4.74 30.76
C LEU C 95 -4.74 4.54 29.80
N LEU C 96 -4.68 3.42 29.10
CA LEU C 96 -3.58 3.19 28.14
C LEU C 96 -3.65 4.18 26.98
N TYR C 97 -4.87 4.52 26.55
CA TYR C 97 -5.06 5.51 25.49
C TYR C 97 -4.60 6.90 25.93
N LYS C 98 -5.08 7.34 27.08
CA LYS C 98 -4.81 8.68 27.61
C LYS C 98 -3.33 8.91 27.95
N ASN C 99 -2.67 7.88 28.49
CA ASN C 99 -1.34 8.04 29.04
C ASN C 99 -0.19 7.64 28.09
N LEU C 100 -0.40 6.60 27.28
CA LEU C 100 0.63 6.13 26.35
C LEU C 100 0.46 6.65 24.92
N GLU C 101 -0.67 7.29 24.62
CA GLU C 101 -0.96 7.80 23.27
C GLU C 101 -0.89 6.69 22.22
N LEU C 102 -1.95 5.89 22.16
CA LEU C 102 -2.00 4.74 21.26
C LEU C 102 -2.22 5.14 19.81
N THR C 103 -2.65 6.39 19.57
CA THR C 103 -2.77 6.91 18.21
C THR C 103 -1.43 7.05 17.48
N ASN C 104 -0.32 7.13 18.21
CA ASN C 104 1.01 7.18 17.60
C ASN C 104 1.57 5.80 17.26
N TYR C 105 0.84 4.74 17.66
CA TYR C 105 1.27 3.35 17.46
C TYR C 105 0.23 2.53 16.69
N LEU C 106 -1.01 2.57 17.15
CA LEU C 106 -2.09 1.81 16.54
C LEU C 106 -2.96 2.67 15.66
N GLU C 107 -3.70 2.03 14.78
CA GLU C 107 -4.74 2.71 14.02
C GLU C 107 -5.94 2.95 14.93
N ASP C 108 -6.79 3.87 14.50
CA ASP C 108 -7.86 4.38 15.33
C ASP C 108 -8.92 3.31 15.61
N ILE C 109 -9.27 2.54 14.58
CA ILE C 109 -10.29 1.50 14.71
C ILE C 109 -9.82 0.33 15.60
N GLU C 110 -8.52 0.04 15.58
CA GLU C 110 -7.94 -1.02 16.40
C GLU C 110 -8.07 -0.72 17.88
N ILE C 111 -7.95 0.55 18.25
CA ILE C 111 -8.12 0.98 19.64
C ILE C 111 -9.57 0.86 20.05
N PHE C 112 -10.48 1.16 19.13
CA PHE C 112 -11.92 1.06 19.39
C PHE C 112 -12.33 -0.40 19.56
N ALA C 113 -11.85 -1.28 18.69
CA ALA C 113 -12.09 -2.73 18.84
C ALA C 113 -11.46 -3.29 20.12
N LEU C 114 -10.37 -2.70 20.59
CA LEU C 114 -9.73 -3.12 21.82
C LEU C 114 -10.61 -2.78 23.01
N PHE C 115 -11.12 -1.56 23.06
CA PHE C 115 -11.97 -1.15 24.15
C PHE C 115 -13.24 -1.98 24.20
N ILE C 116 -13.84 -2.21 23.04
CA ILE C 116 -15.11 -2.95 22.94
C ILE C 116 -14.91 -4.42 23.31
N SER C 117 -13.76 -4.96 22.93
CA SER C 117 -13.40 -6.32 23.28
C SER C 117 -13.26 -6.50 24.79
N CYS C 118 -12.66 -5.51 25.46
CA CYS C 118 -12.51 -5.56 26.91
C CYS C 118 -13.86 -5.67 27.60
N MET C 119 -14.86 -5.00 27.05
CA MET C 119 -16.22 -5.05 27.59
C MET C 119 -16.81 -6.44 27.41
N CYS C 120 -16.44 -7.12 26.33
CA CYS C 120 -17.02 -8.42 25.99
C CYS C 120 -16.21 -9.64 26.39
N HIS C 121 -14.94 -9.44 26.74
CA HIS C 121 -13.96 -10.54 26.68
C HIS C 121 -14.18 -11.74 27.60
N ASP C 122 -14.98 -11.59 28.67
CA ASP C 122 -15.31 -12.71 29.57
C ASP C 122 -16.82 -12.93 29.69
N LEU C 123 -17.58 -12.49 28.68
CA LEU C 123 -19.04 -12.54 28.71
C LEU C 123 -19.55 -13.92 29.09
N ASP C 124 -20.46 -13.98 30.05
CA ASP C 124 -21.08 -15.23 30.47
C ASP C 124 -20.08 -16.26 31.03
N HIS C 125 -19.00 -15.78 31.67
CA HIS C 125 -18.08 -16.65 32.39
C HIS C 125 -18.86 -17.35 33.50
N ARG C 126 -18.50 -18.59 33.81
CA ARG C 126 -19.22 -19.40 34.79
C ARG C 126 -18.45 -19.64 36.09
N GLY C 127 -17.33 -18.94 36.24
CA GLY C 127 -16.44 -19.14 37.38
C GLY C 127 -15.54 -20.36 37.25
N THR C 128 -15.39 -20.86 36.03
CA THR C 128 -14.53 -22.02 35.80
C THR C 128 -13.65 -21.79 34.59
N ASN C 129 -12.52 -22.49 34.54
CA ASN C 129 -11.58 -22.36 33.42
C ASN C 129 -11.99 -23.26 32.24
N ASN C 130 -11.13 -23.38 31.23
CA ASN C 130 -11.45 -24.16 30.04
C ASN C 130 -11.39 -25.64 30.31
N SER C 131 -10.39 -26.03 31.10
CA SER C 131 -10.18 -27.43 31.46
C SER C 131 -11.46 -28.03 32.02
N PHE C 132 -12.10 -27.31 32.93
CA PHE C 132 -13.31 -27.79 33.59
C PHE C 132 -14.45 -28.05 32.62
N GLN C 133 -14.65 -27.12 31.68
CA GLN C 133 -15.70 -27.30 30.68
C GLN C 133 -15.53 -28.64 29.96
N VAL C 134 -14.29 -28.96 29.58
CA VAL C 134 -14.02 -30.19 28.84
C VAL C 134 -14.20 -31.40 29.73
N ALA C 135 -13.73 -31.31 30.97
CA ALA C 135 -13.92 -32.41 31.91
C ALA C 135 -15.41 -32.65 32.17
N SER C 136 -16.16 -31.60 32.45
CA SER C 136 -17.59 -31.74 32.77
C SER C 136 -18.44 -31.97 31.53
N LYS C 137 -17.86 -31.79 30.34
CA LYS C 137 -18.55 -32.05 29.07
C LYS C 137 -19.78 -31.16 28.90
N SER C 138 -19.62 -29.90 29.26
CA SER C 138 -20.67 -28.90 29.11
C SER C 138 -20.94 -28.64 27.63
N VAL C 139 -22.11 -28.06 27.34
CA VAL C 139 -22.48 -27.69 25.98
C VAL C 139 -21.34 -26.91 25.32
N LEU C 140 -20.71 -26.02 26.08
CA LEU C 140 -19.63 -25.22 25.56
C LEU C 140 -18.43 -26.07 25.13
N ALA C 141 -18.10 -27.07 25.93
CA ALA C 141 -17.05 -28.02 25.55
C ALA C 141 -17.39 -28.67 24.22
N ALA C 142 -18.59 -29.24 24.13
CA ALA C 142 -19.05 -29.92 22.92
C ALA C 142 -18.89 -29.06 21.68
N LEU C 143 -19.26 -27.78 21.80
CA LEU C 143 -19.16 -26.84 20.70
C LEU C 143 -17.73 -26.43 20.36
N TYR C 144 -16.87 -26.32 21.37
CA TYR C 144 -15.55 -25.68 21.21
C TYR C 144 -14.30 -26.53 21.52
N SER C 145 -14.42 -27.61 22.28
CA SER C 145 -13.22 -28.37 22.74
C SER C 145 -12.18 -28.66 21.65
N SER C 146 -12.60 -29.21 20.53
CA SER C 146 -11.69 -29.49 19.41
C SER C 146 -10.81 -28.31 19.00
N GLU C 147 -11.40 -27.11 18.95
CA GLU C 147 -10.70 -25.90 18.51
C GLU C 147 -9.84 -25.23 19.59
N GLY C 148 -10.14 -25.48 20.86
CA GLY C 148 -9.39 -24.87 21.98
C GLY C 148 -9.86 -23.46 22.33
N SER C 149 -9.31 -22.92 23.42
CA SER C 149 -9.77 -21.65 23.96
C SER C 149 -11.29 -21.66 24.10
N VAL C 150 -11.76 -22.55 24.95
CA VAL C 150 -13.19 -22.85 25.03
C VAL C 150 -14.01 -21.63 25.46
N MET C 151 -13.79 -21.16 26.68
CA MET C 151 -14.53 -20.00 27.19
C MET C 151 -14.34 -18.78 26.30
N GLU C 152 -13.11 -18.53 25.87
CA GLU C 152 -12.81 -17.39 24.99
C GLU C 152 -13.67 -17.38 23.71
N ARG C 153 -13.88 -18.55 23.11
CA ARG C 153 -14.72 -18.68 21.92
C ARG C 153 -16.20 -18.48 22.22
N HIS C 154 -16.62 -18.85 23.43
CA HIS C 154 -17.98 -18.58 23.87
C HIS C 154 -18.17 -17.09 24.09
N HIS C 155 -17.24 -16.46 24.80
CA HIS C 155 -17.24 -14.99 24.99
C HIS C 155 -17.40 -14.23 23.66
N PHE C 156 -16.67 -14.64 22.63
CA PHE C 156 -16.81 -14.01 21.31
C PHE C 156 -18.21 -14.26 20.76
N ALA C 157 -18.62 -15.53 20.73
CA ALA C 157 -19.97 -15.92 20.27
C ALA C 157 -21.09 -15.13 20.96
N GLN C 158 -21.00 -15.00 22.28
CA GLN C 158 -21.94 -14.16 23.02
C GLN C 158 -21.93 -12.74 22.47
N ALA C 159 -20.74 -12.18 22.27
CA ALA C 159 -20.58 -10.82 21.74
C ALA C 159 -21.23 -10.66 20.38
N ILE C 160 -21.15 -11.69 19.55
CA ILE C 160 -21.84 -11.67 18.27
C ILE C 160 -23.35 -11.67 18.49
N ALA C 161 -23.82 -12.53 19.40
CA ALA C 161 -25.24 -12.67 19.71
C ALA C 161 -25.86 -11.39 20.28
N ILE C 162 -25.06 -10.61 21.01
CA ILE C 162 -25.53 -9.33 21.53
C ILE C 162 -25.71 -8.34 20.37
N LEU C 163 -24.66 -8.17 19.58
CA LEU C 163 -24.73 -7.33 18.37
C LEU C 163 -25.93 -7.65 17.46
N ASN C 164 -26.41 -8.88 17.49
CA ASN C 164 -27.56 -9.30 16.67
C ASN C 164 -28.92 -9.09 17.31
N THR C 165 -28.96 -8.88 18.61
CA THR C 165 -30.20 -8.48 19.25
C THR C 165 -30.70 -7.22 18.54
N HIS C 166 -32.02 -7.08 18.45
CA HIS C 166 -32.61 -5.94 17.75
C HIS C 166 -32.27 -4.62 18.41
N GLY C 167 -31.80 -3.67 17.63
CA GLY C 167 -31.40 -2.37 18.14
C GLY C 167 -30.15 -2.43 19.01
N CYS C 168 -29.32 -3.44 18.83
CA CYS C 168 -28.08 -3.54 19.60
C CYS C 168 -26.81 -3.37 18.76
N ASN C 169 -26.90 -3.42 17.44
CA ASN C 169 -25.69 -3.36 16.62
C ASN C 169 -25.13 -1.94 16.50
N ILE C 170 -24.13 -1.65 17.31
CA ILE C 170 -23.46 -0.35 17.28
C ILE C 170 -22.67 -0.12 15.99
N PHE C 171 -22.56 -1.14 15.14
CA PHE C 171 -21.91 -0.98 13.81
C PHE C 171 -22.83 -1.22 12.58
N ASP C 172 -24.15 -1.10 12.74
CA ASP C 172 -25.11 -1.18 11.62
C ASP C 172 -24.75 -0.31 10.42
N HIS C 173 -24.33 0.91 10.73
CA HIS C 173 -24.09 1.93 9.72
C HIS C 173 -22.72 1.85 9.05
N PHE C 174 -21.88 0.92 9.50
CA PHE C 174 -20.47 0.84 9.09
C PHE C 174 -20.29 0.37 7.66
N SER C 175 -19.22 0.83 7.03
CA SER C 175 -18.80 0.32 5.72
C SER C 175 -18.38 -1.14 5.88
N ARG C 176 -18.39 -1.87 4.78
CA ARG C 176 -18.16 -3.31 4.83
C ARG C 176 -16.68 -3.63 5.16
N LYS C 177 -15.76 -2.78 4.72
CA LYS C 177 -14.34 -2.91 5.11
C LYS C 177 -14.14 -2.66 6.61
N ASP C 178 -14.83 -1.65 7.14
CA ASP C 178 -14.74 -1.29 8.56
C ASP C 178 -15.53 -2.25 9.45
N TYR C 179 -16.66 -2.76 8.96
CA TYR C 179 -17.49 -3.71 9.72
C TYR C 179 -16.81 -5.08 9.85
N GLN C 180 -16.20 -5.56 8.76
CA GLN C 180 -15.48 -6.84 8.80
C GLN C 180 -14.27 -6.76 9.71
N ARG C 181 -13.55 -5.65 9.67
CA ARG C 181 -12.35 -5.49 10.47
C ARG C 181 -12.70 -5.29 11.94
N MET C 182 -13.92 -4.85 12.21
CA MET C 182 -14.39 -4.78 13.58
C MET C 182 -14.62 -6.21 14.10
N LEU C 183 -15.49 -6.96 13.44
CA LEU C 183 -15.76 -8.35 13.80
C LEU C 183 -14.48 -9.20 13.89
N ASP C 184 -13.53 -8.94 13.00
CA ASP C 184 -12.30 -9.73 12.96
C ASP C 184 -11.38 -9.37 14.10
N LEU C 185 -11.15 -8.08 14.32
CA LEU C 185 -10.35 -7.62 15.45
C LEU C 185 -10.89 -8.11 16.80
N MET C 186 -12.22 -8.15 16.95
CA MET C 186 -12.83 -8.60 18.18
C MET C 186 -12.56 -10.09 18.47
N ARG C 187 -12.46 -10.90 17.42
CA ARG C 187 -12.18 -12.33 17.61
C ARG C 187 -10.71 -12.55 18.00
N ASP C 188 -9.80 -11.89 17.31
CA ASP C 188 -8.36 -11.97 17.64
C ASP C 188 -8.07 -11.48 19.05
N ILE C 189 -8.64 -10.33 19.39
CA ILE C 189 -8.36 -9.69 20.67
C ILE C 189 -8.93 -10.52 21.81
N ILE C 190 -10.17 -10.98 21.65
CA ILE C 190 -10.79 -11.82 22.65
C ILE C 190 -10.06 -13.17 22.76
N LEU C 191 -9.77 -13.79 21.62
CA LEU C 191 -9.00 -15.05 21.61
C LEU C 191 -7.64 -14.90 22.28
N ALA C 192 -7.03 -13.72 22.16
CA ALA C 192 -5.77 -13.44 22.84
C ALA C 192 -5.87 -13.36 24.39
N THR C 193 -7.10 -13.36 24.93
CA THR C 193 -7.28 -13.30 26.40
C THR C 193 -7.04 -14.64 27.06
N ASP C 194 -7.05 -15.72 26.29
CA ASP C 194 -6.58 -17.01 26.79
C ASP C 194 -5.07 -16.91 27.10
N LEU C 195 -4.68 -17.31 28.31
CA LEU C 195 -3.29 -17.24 28.74
C LEU C 195 -2.41 -18.18 27.92
N ALA C 196 -2.96 -19.35 27.57
CA ALA C 196 -2.30 -20.25 26.62
C ALA C 196 -1.85 -19.49 25.36
N HIS C 197 -2.66 -18.56 24.87
CA HIS C 197 -2.30 -17.76 23.69
C HIS C 197 -1.16 -16.78 23.97
N HIS C 198 -1.27 -16.06 25.07
CA HIS C 198 -0.23 -15.13 25.46
C HIS C 198 1.16 -15.77 25.49
N LEU C 199 1.25 -16.99 26.01
CA LEU C 199 2.55 -17.65 26.18
C LEU C 199 3.05 -18.23 24.86
N ARG C 200 2.12 -18.71 24.03
CA ARG C 200 2.44 -19.14 22.68
C ARG C 200 3.12 -18.01 21.90
N ILE C 201 2.62 -16.79 22.04
CA ILE C 201 3.16 -15.65 21.27
C ILE C 201 4.21 -14.81 22.02
N PHE C 202 4.65 -15.27 23.18
CA PHE C 202 5.57 -14.46 24.00
C PHE C 202 6.92 -14.16 23.33
N LYS C 203 7.46 -15.11 22.58
CA LYS C 203 8.74 -14.92 21.90
C LYS C 203 8.62 -13.84 20.81
N ASP C 204 7.52 -13.88 20.06
CA ASP C 204 7.23 -12.85 19.07
C ASP C 204 7.21 -11.47 19.69
N LEU C 205 6.58 -11.36 20.86
CA LEU C 205 6.48 -10.08 21.56
C LEU C 205 7.85 -9.60 22.02
N GLN C 206 8.68 -10.54 22.48
CA GLN C 206 10.08 -10.24 22.81
C GLN C 206 10.85 -9.71 21.59
N LYS C 207 10.62 -10.31 20.42
CA LYS C 207 11.26 -9.86 19.18
C LYS C 207 10.74 -8.50 18.71
N MET C 208 9.45 -8.24 18.90
CA MET C 208 8.87 -6.94 18.54
C MET C 208 9.44 -5.79 19.38
N ALA C 209 9.91 -6.09 20.59
CA ALA C 209 10.57 -5.12 21.45
C ALA C 209 12.07 -4.98 21.15
N GLU C 210 12.72 -6.06 20.72
CA GLU C 210 14.14 -6.03 20.34
C GLU C 210 14.37 -5.10 19.15
N VAL C 211 13.74 -5.44 18.02
CA VAL C 211 13.90 -4.68 16.78
C VAL C 211 13.24 -3.30 16.86
N GLY C 212 12.24 -3.15 17.72
CA GLY C 212 11.52 -1.90 17.91
C GLY C 212 10.21 -1.91 17.16
N TYR C 213 9.17 -1.36 17.77
CA TYR C 213 7.83 -1.35 17.18
C TYR C 213 7.77 -0.48 15.91
N ASP C 214 7.97 -1.12 14.76
CA ASP C 214 7.72 -0.47 13.48
C ASP C 214 6.22 -0.21 13.36
N ARG C 215 5.85 1.07 13.30
CA ARG C 215 4.45 1.49 13.22
C ARG C 215 3.81 1.22 11.87
N ASN C 216 4.55 0.61 10.94
CA ASN C 216 4.05 0.27 9.60
C ASN C 216 3.97 -1.24 9.31
N ASN C 217 4.24 -2.08 10.31
CA ASN C 217 4.10 -3.54 10.16
C ASN C 217 2.80 -4.04 10.80
N LYS C 218 1.93 -4.64 10.00
CA LYS C 218 0.61 -5.05 10.47
C LYS C 218 0.64 -6.24 11.45
N GLN C 219 1.68 -7.08 11.37
CA GLN C 219 1.87 -8.17 12.33
C GLN C 219 2.31 -7.63 13.69
N HIS C 220 2.92 -6.45 13.70
CA HIS C 220 3.24 -5.76 14.96
C HIS C 220 1.96 -5.23 15.60
N HIS C 221 1.08 -4.65 14.78
CA HIS C 221 -0.22 -4.19 15.24
C HIS C 221 -1.02 -5.33 15.88
N ARG C 222 -1.14 -6.44 15.16
CA ARG C 222 -1.77 -7.65 15.70
C ARG C 222 -1.12 -8.07 17.02
N LEU C 223 0.21 -8.11 17.02
CA LEU C 223 0.97 -8.45 18.23
C LEU C 223 0.73 -7.45 19.37
N LEU C 224 0.56 -6.18 19.04
CA LEU C 224 0.38 -5.16 20.08
C LEU C 224 -0.99 -5.26 20.74
N LEU C 225 -2.03 -5.40 19.92
CA LEU C 225 -3.39 -5.59 20.40
C LEU C 225 -3.53 -6.77 21.36
N CYS C 226 -2.66 -7.78 21.21
CA CYS C 226 -2.64 -8.91 22.12
C CYS C 226 -2.00 -8.54 23.47
N LEU C 227 -0.90 -7.81 23.42
CA LEU C 227 -0.20 -7.39 24.64
C LEU C 227 -1.05 -6.42 25.46
N LEU C 228 -1.56 -5.39 24.80
CA LEU C 228 -2.38 -4.39 25.45
C LEU C 228 -3.62 -4.99 26.10
N MET C 229 -4.26 -5.92 25.37
CA MET C 229 -5.42 -6.67 25.87
C MET C 229 -5.06 -7.41 27.14
N THR C 230 -3.95 -8.13 27.10
CA THR C 230 -3.50 -8.90 28.25
C THR C 230 -3.25 -7.97 29.44
N SER C 231 -2.66 -6.81 29.18
CA SER C 231 -2.38 -5.81 30.20
C SER C 231 -3.64 -5.28 30.88
N CYS C 232 -4.71 -5.10 30.12
CA CYS C 232 -5.98 -4.68 30.69
C CYS C 232 -6.60 -5.75 31.57
N ASP C 233 -6.44 -7.00 31.14
CA ASP C 233 -7.00 -8.17 31.82
C ASP C 233 -6.37 -8.38 33.19
N LEU C 234 -5.07 -8.09 33.31
CA LEU C 234 -4.32 -8.24 34.57
C LEU C 234 -4.00 -6.89 35.26
N SER C 235 -4.71 -5.82 34.89
CA SER C 235 -4.40 -4.47 35.38
C SER C 235 -4.61 -4.28 36.89
N ASP C 236 -5.35 -5.17 37.53
CA ASP C 236 -5.52 -5.12 38.98
C ASP C 236 -4.18 -5.20 39.71
N GLN C 237 -3.21 -5.90 39.12
CA GLN C 237 -1.86 -6.00 39.68
C GLN C 237 -1.06 -4.68 39.63
N THR C 238 -1.53 -3.69 38.88
CA THR C 238 -0.83 -2.41 38.72
C THR C 238 -1.33 -1.30 39.66
N LYS C 239 -2.29 -1.63 40.53
CA LYS C 239 -2.84 -0.66 41.48
C LYS C 239 -2.09 -0.78 42.81
N GLY C 240 -2.73 -0.42 43.92
CA GLY C 240 -2.11 -0.55 45.22
C GLY C 240 -2.12 -1.97 45.76
N TRP C 241 -1.36 -2.20 46.82
CA TRP C 241 -1.40 -3.45 47.55
C TRP C 241 -2.81 -3.96 47.83
N LYS C 242 -3.69 -3.09 48.31
CA LYS C 242 -5.05 -3.46 48.72
C LYS C 242 -5.81 -4.18 47.60
N THR C 243 -5.81 -3.55 46.43
CA THR C 243 -6.51 -4.07 45.26
C THR C 243 -6.02 -5.46 44.91
N THR C 244 -4.69 -5.63 44.93
CA THR C 244 -4.10 -6.94 44.71
C THR C 244 -4.52 -7.94 45.79
N ARG C 245 -4.47 -7.54 47.05
CA ARG C 245 -4.90 -8.40 48.15
C ARG C 245 -6.36 -8.81 47.95
N LYS C 246 -7.19 -7.83 47.59
CA LYS C 246 -8.61 -8.06 47.35
C LYS C 246 -8.87 -8.96 46.14
N ILE C 247 -8.11 -8.77 45.06
CA ILE C 247 -8.34 -9.56 43.84
C ILE C 247 -7.90 -11.03 44.00
N ALA C 248 -6.80 -11.24 44.73
CA ALA C 248 -6.39 -12.60 45.06
C ALA C 248 -7.49 -13.30 45.81
N GLU C 249 -8.16 -12.57 46.69
CA GLU C 249 -9.28 -13.11 47.45
C GLU C 249 -10.45 -13.55 46.56
N LEU C 250 -10.77 -12.74 45.56
CA LEU C 250 -11.84 -13.10 44.63
C LEU C 250 -11.44 -14.29 43.73
N ILE C 251 -10.23 -14.23 43.17
CA ILE C 251 -9.72 -15.28 42.29
C ILE C 251 -9.72 -16.67 42.96
N TYR C 252 -9.06 -16.77 44.10
CA TYR C 252 -8.89 -18.08 44.72
C TYR C 252 -10.20 -18.61 45.30
N LYS C 253 -11.05 -17.73 45.83
CA LYS C 253 -12.42 -18.12 46.19
C LYS C 253 -13.12 -18.78 44.98
N GLU C 254 -12.95 -18.17 43.81
CA GLU C 254 -13.50 -18.69 42.56
C GLU C 254 -12.83 -20.02 42.18
N PHE C 255 -11.51 -20.02 42.10
CA PHE C 255 -10.77 -21.25 41.83
C PHE C 255 -11.19 -22.41 42.75
N PHE C 256 -11.36 -22.14 44.04
CA PHE C 256 -11.67 -23.21 44.99
C PHE C 256 -13.09 -23.77 44.87
N SER C 257 -14.02 -22.99 44.33
CA SER C 257 -15.36 -23.50 44.01
C SER C 257 -15.34 -24.53 42.88
N GLN C 258 -14.53 -24.26 41.85
CA GLN C 258 -14.33 -25.22 40.77
C GLN C 258 -13.64 -26.47 41.32
N GLY C 259 -12.59 -26.25 42.11
CA GLY C 259 -11.82 -27.35 42.71
C GLY C 259 -12.67 -28.28 43.57
N ASP C 260 -13.69 -27.72 44.20
CA ASP C 260 -14.66 -28.52 44.97
C ASP C 260 -15.57 -29.36 44.06
N LEU C 261 -16.01 -28.79 42.94
CA LEU C 261 -16.76 -29.56 41.94
C LEU C 261 -15.86 -30.62 41.31
N GLU C 262 -14.60 -30.30 41.05
CA GLU C 262 -13.66 -31.27 40.48
C GLU C 262 -13.48 -32.47 41.41
N LYS C 263 -13.44 -32.23 42.72
CA LYS C 263 -13.37 -33.31 43.71
C LYS C 263 -14.70 -34.08 43.84
N ALA C 264 -15.82 -33.37 43.72
CA ALA C 264 -17.14 -34.01 43.69
C ALA C 264 -17.35 -34.90 42.44
N MET C 265 -16.62 -34.62 41.37
CA MET C 265 -16.65 -35.45 40.16
C MET C 265 -15.76 -36.68 40.26
N GLY C 266 -14.71 -36.59 41.07
CA GLY C 266 -13.75 -37.69 41.24
C GLY C 266 -12.39 -37.42 40.63
N ASN C 267 -12.10 -36.16 40.31
CA ASN C 267 -10.82 -35.76 39.73
C ASN C 267 -9.97 -34.98 40.72
N ARG C 268 -8.66 -34.99 40.49
CA ARG C 268 -7.72 -34.23 41.30
C ARG C 268 -7.50 -32.84 40.67
N PRO C 269 -8.05 -31.78 41.28
CA PRO C 269 -7.82 -30.43 40.75
C PRO C 269 -6.37 -30.00 40.77
N MET C 270 -6.06 -28.97 39.97
CA MET C 270 -4.75 -28.33 40.03
C MET C 270 -4.45 -27.90 41.46
N GLU C 271 -3.17 -27.94 41.84
CA GLU C 271 -2.73 -27.45 43.16
C GLU C 271 -3.45 -26.15 43.54
N MET C 272 -3.49 -25.20 42.60
CA MET C 272 -4.02 -23.85 42.84
C MET C 272 -5.55 -23.75 42.97
N MET C 273 -6.26 -24.83 42.63
CA MET C 273 -7.73 -24.89 42.76
C MET C 273 -8.16 -25.62 44.03
N ASP C 274 -7.23 -26.31 44.68
CA ASP C 274 -7.56 -27.14 45.84
C ASP C 274 -7.35 -26.34 47.12
N ARG C 275 -8.44 -26.11 47.85
CA ARG C 275 -8.40 -25.28 49.05
C ARG C 275 -7.58 -25.88 50.20
N GLU C 276 -7.06 -27.10 50.02
CA GLU C 276 -6.30 -27.78 51.06
C GLU C 276 -4.82 -27.97 50.70
N LYS C 277 -4.49 -27.90 49.42
CA LYS C 277 -3.09 -27.93 48.98
C LYS C 277 -2.55 -26.51 48.75
N ALA C 278 -3.44 -25.58 48.36
CA ALA C 278 -3.01 -24.30 47.84
C ALA C 278 -2.43 -23.36 48.92
N TYR C 279 -1.25 -22.82 48.62
CA TYR C 279 -0.59 -21.85 49.47
C TYR C 279 -0.56 -20.50 48.74
N ILE C 280 -1.55 -19.67 49.03
CA ILE C 280 -1.82 -18.44 48.27
C ILE C 280 -0.60 -17.54 48.07
N PRO C 281 0.21 -17.31 49.12
CA PRO C 281 1.41 -16.48 48.93
C PRO C 281 2.32 -16.91 47.78
N GLU C 282 2.66 -18.19 47.71
CA GLU C 282 3.49 -18.72 46.62
C GLU C 282 2.78 -18.60 45.27
N LEU C 283 1.48 -18.86 45.26
CA LEU C 283 0.70 -18.84 44.02
C LEU C 283 0.56 -17.43 43.47
N GLN C 284 0.34 -16.47 44.36
CA GLN C 284 0.30 -15.06 43.94
C GLN C 284 1.65 -14.65 43.42
N ILE C 285 2.66 -14.83 44.26
CA ILE C 285 4.00 -14.39 43.91
C ILE C 285 4.46 -14.99 42.60
N SER C 286 4.15 -16.26 42.39
CA SER C 286 4.53 -16.98 41.16
C SER C 286 3.85 -16.35 39.95
N PHE C 287 2.54 -16.14 40.08
CA PHE C 287 1.74 -15.52 39.03
C PHE C 287 2.21 -14.10 38.71
N MET C 288 2.63 -13.37 39.74
CA MET C 288 3.19 -12.02 39.54
C MET C 288 4.55 -12.10 38.85
N GLU C 289 5.43 -12.93 39.37
CA GLU C 289 6.81 -13.01 38.86
C GLU C 289 6.86 -13.50 37.43
N HIS C 290 6.13 -14.58 37.15
CA HIS C 290 6.33 -15.34 35.92
C HIS C 290 5.35 -15.04 34.80
N ILE C 291 4.35 -14.21 35.06
CA ILE C 291 3.37 -13.84 34.03
C ILE C 291 3.13 -12.32 33.99
N ALA C 292 2.56 -11.76 35.05
CA ALA C 292 2.21 -10.34 35.09
C ALA C 292 3.41 -9.43 34.85
N MET C 293 4.48 -9.62 35.61
CA MET C 293 5.68 -8.75 35.51
C MET C 293 6.34 -8.76 34.11
N PRO C 294 6.51 -9.94 33.49
CA PRO C 294 6.96 -9.98 32.09
C PRO C 294 6.08 -9.17 31.14
N ILE C 295 4.77 -9.26 31.32
CA ILE C 295 3.84 -8.49 30.50
C ILE C 295 4.06 -6.98 30.63
N TYR C 296 4.23 -6.49 31.86
CA TYR C 296 4.43 -5.07 32.07
C TYR C 296 5.88 -4.65 31.80
N LYS C 297 6.81 -5.60 31.86
CA LYS C 297 8.19 -5.36 31.42
C LYS C 297 8.27 -5.17 29.90
N LEU C 298 7.51 -5.96 29.15
CA LEU C 298 7.38 -5.74 27.71
C LEU C 298 6.74 -4.39 27.42
N LEU C 299 5.71 -4.06 28.18
CA LEU C 299 4.98 -2.81 28.00
C LEU C 299 5.90 -1.61 28.28
N GLN C 300 6.75 -1.76 29.29
CA GLN C 300 7.76 -0.76 29.62
C GLN C 300 8.75 -0.54 28.47
N ASP C 301 9.17 -1.63 27.82
CA ASP C 301 10.14 -1.54 26.74
C ASP C 301 9.53 -0.86 25.50
N LEU C 302 8.30 -1.22 25.15
CA LEU C 302 7.62 -0.65 23.99
C LEU C 302 7.11 0.78 24.22
N PHE C 303 6.90 1.12 25.49
CA PHE C 303 6.44 2.46 25.89
C PHE C 303 7.18 2.88 27.15
N PRO C 304 7.99 3.95 27.07
CA PRO C 304 8.68 4.36 28.30
C PRO C 304 7.74 4.84 29.41
N LYS C 305 6.65 5.51 29.06
CA LYS C 305 5.68 6.02 30.06
C LYS C 305 4.92 4.94 30.87
N ALA C 306 4.97 3.69 30.42
CA ALA C 306 4.37 2.56 31.15
C ALA C 306 5.31 1.95 32.19
N ALA C 307 6.37 2.67 32.54
CA ALA C 307 7.38 2.19 33.49
C ALA C 307 6.86 2.13 34.92
N GLU C 308 5.99 3.07 35.29
CA GLU C 308 5.40 3.06 36.62
C GLU C 308 4.49 1.86 36.84
N LEU C 309 3.94 1.30 35.77
CA LEU C 309 3.11 0.09 35.85
C LEU C 309 3.94 -1.15 36.24
N TYR C 310 5.08 -1.35 35.59
CA TYR C 310 5.97 -2.44 35.96
C TYR C 310 6.48 -2.28 37.39
N GLU C 311 6.92 -1.07 37.72
CA GLU C 311 7.43 -0.73 39.05
C GLU C 311 6.40 -0.99 40.15
N ARG C 312 5.12 -0.74 39.85
CA ARG C 312 4.03 -0.94 40.82
C ARG C 312 3.71 -2.43 41.03
N VAL C 313 3.88 -3.22 39.99
CA VAL C 313 3.69 -4.66 40.08
C VAL C 313 4.83 -5.25 40.90
N ALA C 314 6.06 -4.77 40.67
CA ALA C 314 7.23 -5.19 41.47
C ALA C 314 7.13 -4.73 42.94
N SER C 315 6.49 -3.58 43.18
CA SER C 315 6.20 -3.14 44.54
C SER C 315 5.24 -4.10 45.21
N ASN C 316 4.09 -4.30 44.58
CA ASN C 316 3.06 -5.14 45.14
C ASN C 316 3.56 -6.55 45.40
N ARG C 317 4.49 -7.02 44.57
CA ARG C 317 5.07 -8.36 44.72
C ARG C 317 5.98 -8.51 45.94
N GLU C 318 6.88 -7.54 46.12
CA GLU C 318 7.72 -7.48 47.32
C GLU C 318 6.83 -7.38 48.56
N HIS C 319 5.71 -6.67 48.43
CA HIS C 319 4.70 -6.57 49.49
C HIS C 319 4.16 -7.96 49.88
N TRP C 320 3.92 -8.82 48.89
CA TRP C 320 3.48 -10.20 49.16
C TRP C 320 4.54 -11.03 49.89
N THR C 321 5.82 -10.84 49.57
CA THR C 321 6.87 -11.60 50.26
C THR C 321 7.08 -11.05 51.68
N LYS C 322 6.92 -9.73 51.85
CA LYS C 322 7.00 -9.13 53.18
C LYS C 322 5.83 -9.55 54.08
N VAL C 323 4.68 -9.88 53.48
CA VAL C 323 3.49 -10.28 54.24
C VAL C 323 3.20 -11.79 54.20
N SER C 324 4.08 -12.58 53.58
CA SER C 324 3.90 -14.04 53.47
C SER C 324 3.81 -14.74 54.82
N HIS C 325 4.70 -14.35 55.74
CA HIS C 325 4.80 -14.95 57.07
C HIS C 325 3.49 -14.98 57.85
N LYS C 326 2.60 -14.01 57.58
CA LYS C 326 1.29 -13.98 58.24
C LYS C 326 0.44 -15.22 57.93
N PHE C 327 0.77 -15.92 56.83
CA PHE C 327 0.11 -17.19 56.49
C PHE C 327 0.54 -18.40 57.34
N THR C 328 1.61 -18.26 58.13
CA THR C 328 1.92 -19.23 59.18
C THR C 328 1.45 -18.66 60.52
N ILE C 329 0.77 -19.49 61.31
CA ILE C 329 0.23 -19.09 62.62
C ILE C 329 1.34 -19.09 63.66
N ARG C 330 1.74 -17.89 64.06
CA ARG C 330 2.63 -17.69 65.20
C ARG C 330 1.80 -17.22 66.38
N GLY C 331 2.29 -17.46 67.59
CA GLY C 331 1.49 -17.26 68.79
C GLY C 331 0.25 -18.12 68.78
N LEU C 332 -0.86 -17.58 69.27
CA LEU C 332 -2.15 -18.24 69.20
C LEU C 332 -3.08 -17.42 68.29
N PRO C 333 -4.21 -18.02 67.88
CA PRO C 333 -5.26 -17.25 67.22
C PRO C 333 -5.99 -16.32 68.20
N SER C 334 -6.76 -15.38 67.67
CA SER C 334 -7.42 -14.34 68.47
C SER C 334 -8.20 -14.90 69.67
N ASN C 335 -8.90 -16.02 69.48
CA ASN C 335 -9.65 -16.64 70.59
C ASN C 335 -8.77 -17.34 71.63
N ASN C 336 -7.47 -17.45 71.37
CA ASN C 336 -6.52 -18.18 72.23
C ASN C 336 -6.87 -19.64 72.41
N SER C 337 -7.26 -20.30 71.32
CA SER C 337 -7.56 -21.72 71.36
C SER C 337 -6.73 -22.45 70.35
N LEU C 338 -6.48 -23.73 70.60
CA LEU C 338 -5.86 -24.60 69.62
C LEU C 338 -6.85 -25.67 69.13
N ASP C 339 -8.13 -25.45 69.44
CA ASP C 339 -9.25 -26.31 69.02
C ASP C 339 -9.09 -26.95 67.63
N PHE C 340 -8.76 -26.12 66.65
CA PHE C 340 -8.59 -26.56 65.27
C PHE C 340 -7.57 -27.70 65.06
N LEU C 341 -6.70 -27.96 66.05
CA LEU C 341 -5.81 -29.11 66.00
C LEU C 341 -6.47 -30.38 66.53
N ILE D 15 -38.83 2.49 -4.66
CA ILE D 15 -37.68 2.17 -5.55
C ILE D 15 -38.01 0.97 -6.43
N GLN D 16 -38.26 1.23 -7.71
CA GLN D 16 -38.53 0.15 -8.66
C GLN D 16 -37.22 -0.42 -9.20
N PRO D 17 -37.25 -1.67 -9.69
CA PRO D 17 -36.09 -2.23 -10.38
C PRO D 17 -35.99 -1.65 -11.79
N VAL D 18 -34.79 -1.69 -12.36
CA VAL D 18 -34.54 -1.08 -13.67
C VAL D 18 -35.33 -1.75 -14.80
N ALA D 19 -35.66 -3.03 -14.64
CA ALA D 19 -36.44 -3.75 -15.64
C ALA D 19 -37.88 -3.22 -15.74
N ALA D 20 -38.39 -2.64 -14.65
CA ALA D 20 -39.73 -2.02 -14.65
C ALA D 20 -39.74 -0.59 -15.17
N ILE D 21 -38.57 -0.06 -15.52
CA ILE D 21 -38.45 1.23 -16.21
C ILE D 21 -38.43 0.98 -17.71
N ASP D 22 -37.56 0.06 -18.14
CA ASP D 22 -37.46 -0.32 -19.55
C ASP D 22 -36.74 -1.66 -19.66
N SER D 23 -37.00 -2.37 -20.75
CA SER D 23 -36.33 -3.64 -21.04
C SER D 23 -34.81 -3.52 -21.11
N ASN D 24 -34.33 -2.54 -21.88
CA ASN D 24 -32.89 -2.37 -22.15
C ASN D 24 -32.32 -1.11 -21.50
N PHE D 25 -32.72 -0.87 -20.25
CA PHE D 25 -32.25 0.28 -19.45
C PHE D 25 -30.76 0.23 -19.11
N ALA D 26 -30.18 -0.98 -19.08
CA ALA D 26 -28.74 -1.16 -18.83
C ALA D 26 -27.93 -1.28 -20.12
N SER D 27 -28.56 -1.07 -21.26
CA SER D 27 -27.88 -1.15 -22.54
C SER D 27 -27.45 0.25 -22.98
N PHE D 28 -26.42 0.30 -23.81
CA PHE D 28 -25.98 1.54 -24.46
C PHE D 28 -27.01 2.05 -25.48
N THR D 29 -27.87 1.14 -25.97
CA THR D 29 -28.96 1.49 -26.89
C THR D 29 -29.93 2.49 -26.25
N TYR D 30 -30.12 2.38 -24.93
CA TYR D 30 -31.08 3.21 -24.23
C TYR D 30 -30.73 4.69 -24.30
N THR D 31 -31.73 5.48 -24.68
CA THR D 31 -31.61 6.92 -24.85
C THR D 31 -32.36 7.57 -23.70
N PRO D 32 -31.68 7.74 -22.55
CA PRO D 32 -32.34 8.22 -21.34
C PRO D 32 -33.23 9.46 -21.50
N ARG D 33 -32.95 10.33 -22.47
CA ARG D 33 -33.81 11.50 -22.73
C ARG D 33 -35.25 11.13 -23.11
N SER D 34 -35.45 9.92 -23.64
CA SER D 34 -36.78 9.39 -23.93
C SER D 34 -37.62 9.18 -22.67
N LEU D 35 -36.98 9.02 -21.53
CA LEU D 35 -37.71 8.88 -20.27
C LEU D 35 -38.28 10.24 -19.93
N PRO D 36 -39.55 10.29 -19.48
CA PRO D 36 -40.13 11.57 -19.03
C PRO D 36 -39.38 12.16 -17.85
N GLU D 37 -39.28 13.50 -17.82
CA GLU D 37 -38.51 14.21 -16.79
C GLU D 37 -39.04 14.02 -15.36
N ASP D 38 -40.36 13.88 -15.23
CA ASP D 38 -40.98 13.68 -13.91
C ASP D 38 -40.56 12.36 -13.22
N ASP D 39 -40.19 11.36 -14.02
CA ASP D 39 -39.76 10.05 -13.49
C ASP D 39 -38.24 9.90 -13.36
N THR D 40 -37.48 10.97 -13.55
CA THR D 40 -36.02 10.86 -13.55
C THR D 40 -35.48 10.65 -12.14
N SER D 41 -36.06 11.34 -11.17
CA SER D 41 -35.62 11.25 -9.77
C SER D 41 -35.56 9.81 -9.26
N MET D 42 -36.61 9.06 -9.52
CA MET D 42 -36.70 7.70 -9.00
C MET D 42 -35.79 6.75 -9.78
N ALA D 43 -35.51 7.08 -11.04
CA ALA D 43 -34.55 6.33 -11.85
C ALA D 43 -33.12 6.49 -11.32
N ILE D 44 -32.82 7.66 -10.75
CA ILE D 44 -31.55 7.89 -10.08
C ILE D 44 -31.43 6.92 -8.91
N LEU D 45 -32.51 6.77 -8.14
CA LEU D 45 -32.55 5.82 -7.03
C LEU D 45 -32.42 4.36 -7.52
N SER D 46 -33.11 4.03 -8.61
CA SER D 46 -33.10 2.68 -9.14
C SER D 46 -31.70 2.27 -9.58
N MET D 47 -30.98 3.19 -10.20
CA MET D 47 -29.62 2.91 -10.65
C MET D 47 -28.65 2.77 -9.45
N LEU D 48 -28.87 3.56 -8.41
CA LEU D 48 -28.08 3.40 -7.18
C LEU D 48 -28.39 2.08 -6.46
N GLN D 49 -29.63 1.60 -6.57
CA GLN D 49 -30.00 0.30 -5.99
C GLN D 49 -29.44 -0.84 -6.82
N ASP D 50 -29.56 -0.73 -8.15
CA ASP D 50 -29.06 -1.76 -9.05
C ASP D 50 -27.52 -1.79 -9.11
N MET D 51 -26.85 -0.72 -8.68
CA MET D 51 -25.41 -0.75 -8.43
C MET D 51 -25.13 -1.12 -6.96
N ASN D 52 -26.15 -0.99 -6.13
CA ASN D 52 -26.15 -1.48 -4.75
C ASN D 52 -25.32 -0.59 -3.82
N PHE D 53 -25.27 0.70 -4.11
CA PHE D 53 -24.55 1.67 -3.26
C PHE D 53 -25.37 2.14 -2.06
N ILE D 54 -26.67 1.82 -2.03
CA ILE D 54 -27.52 2.22 -0.91
C ILE D 54 -27.23 1.30 0.29
N ASN D 55 -27.27 0.00 0.06
CA ASN D 55 -26.94 -0.98 1.09
C ASN D 55 -25.46 -1.00 1.45
N ASN D 56 -24.60 -0.98 0.43
CA ASN D 56 -23.14 -1.07 0.67
C ASN D 56 -22.55 0.15 1.38
N TYR D 57 -23.20 1.31 1.25
CA TYR D 57 -22.79 2.51 1.99
C TYR D 57 -23.85 2.97 2.96
N LYS D 58 -24.88 2.15 3.17
CA LYS D 58 -25.91 2.40 4.18
C LYS D 58 -26.44 3.82 4.09
N ILE D 59 -26.84 4.22 2.89
CA ILE D 59 -27.41 5.55 2.67
C ILE D 59 -28.84 5.53 3.20
N ASP D 60 -29.23 6.57 3.92
CA ASP D 60 -30.62 6.73 4.33
C ASP D 60 -31.45 7.20 3.14
N CYS D 61 -32.34 6.34 2.66
CA CYS D 61 -33.08 6.58 1.42
C CYS D 61 -33.96 7.84 1.42
N PRO D 62 -34.54 8.19 2.59
CA PRO D 62 -35.17 9.51 2.71
C PRO D 62 -34.20 10.68 2.45
N THR D 63 -33.03 10.66 3.08
CA THR D 63 -32.01 11.69 2.84
C THR D 63 -31.49 11.63 1.40
N LEU D 64 -31.37 10.43 0.83
CA LEU D 64 -30.97 10.27 -0.58
C LEU D 64 -31.99 10.89 -1.51
N ALA D 65 -33.27 10.70 -1.16
CA ALA D 65 -34.39 11.22 -1.94
C ALA D 65 -34.43 12.75 -1.96
N ARG D 66 -34.07 13.40 -0.86
CA ARG D 66 -34.08 14.86 -0.81
C ARG D 66 -32.89 15.44 -1.58
N PHE D 67 -31.76 14.74 -1.53
CA PHE D 67 -30.59 15.11 -2.32
C PHE D 67 -30.90 15.04 -3.82
N CYS D 68 -31.53 13.96 -4.25
CA CYS D 68 -31.89 13.78 -5.66
C CYS D 68 -32.78 14.88 -6.21
N LEU D 69 -33.64 15.46 -5.37
CA LEU D 69 -34.57 16.51 -5.79
C LEU D 69 -33.96 17.90 -5.67
N MET D 70 -33.15 18.12 -4.63
CA MET D 70 -32.42 19.39 -4.49
C MET D 70 -31.49 19.60 -5.67
N VAL D 71 -30.86 18.52 -6.13
CA VAL D 71 -29.97 18.57 -7.28
C VAL D 71 -30.80 18.93 -8.50
N LYS D 72 -31.85 18.15 -8.76
CA LYS D 72 -32.80 18.41 -9.85
C LYS D 72 -33.23 19.89 -9.88
N LYS D 73 -33.71 20.41 -8.76
CA LYS D 73 -34.15 21.81 -8.69
C LYS D 73 -32.99 22.79 -8.79
N GLY D 74 -31.76 22.31 -8.57
CA GLY D 74 -30.56 23.15 -8.65
C GLY D 74 -30.10 23.48 -10.06
N TYR D 75 -30.66 22.80 -11.05
CA TYR D 75 -30.40 23.14 -12.45
C TYR D 75 -31.37 24.19 -12.93
N ARG D 76 -30.88 25.09 -13.78
CA ARG D 76 -31.75 26.05 -14.46
C ARG D 76 -32.26 25.42 -15.76
N ASP D 77 -32.87 26.24 -16.61
CA ASP D 77 -33.55 25.74 -17.81
C ASP D 77 -33.04 26.34 -19.12
N PRO D 78 -31.71 26.39 -19.33
CA PRO D 78 -31.24 26.77 -20.66
C PRO D 78 -31.42 25.60 -21.65
N PRO D 79 -31.22 25.85 -22.94
CA PRO D 79 -31.47 24.81 -23.95
C PRO D 79 -30.77 23.45 -23.72
N TYR D 80 -29.51 23.48 -23.29
CA TYR D 80 -28.74 22.24 -23.14
C TYR D 80 -28.36 21.90 -21.70
N HIS D 81 -27.74 22.84 -20.98
CA HIS D 81 -27.21 22.56 -19.62
C HIS D 81 -28.30 22.64 -18.57
N ASN D 82 -29.14 21.60 -18.54
CA ASN D 82 -30.30 21.54 -17.67
C ASN D 82 -30.32 20.16 -17.04
N TRP D 83 -31.22 19.94 -16.07
CA TRP D 83 -31.25 18.66 -15.35
C TRP D 83 -31.19 17.43 -16.27
N MET D 84 -31.89 17.48 -17.40
CA MET D 84 -31.94 16.35 -18.31
C MET D 84 -30.57 16.00 -18.85
N HIS D 85 -29.69 17.00 -18.93
CA HIS D 85 -28.29 16.75 -19.29
C HIS D 85 -27.60 15.99 -18.17
N ALA D 86 -27.77 16.45 -16.93
CA ALA D 86 -27.16 15.80 -15.79
C ALA D 86 -27.69 14.38 -15.70
N PHE D 87 -29.02 14.24 -15.71
CA PHE D 87 -29.66 12.94 -15.63
C PHE D 87 -29.07 11.95 -16.62
N SER D 88 -29.07 12.30 -17.90
CA SER D 88 -28.57 11.39 -18.94
C SER D 88 -27.05 11.17 -18.87
N VAL D 89 -26.32 12.14 -18.31
CA VAL D 89 -24.89 11.98 -18.06
C VAL D 89 -24.67 11.03 -16.89
N SER D 90 -25.52 11.15 -15.87
CA SER D 90 -25.54 10.21 -14.75
C SER D 90 -25.95 8.81 -15.20
N HIS D 91 -26.88 8.74 -16.16
CA HIS D 91 -27.29 7.46 -16.72
C HIS D 91 -26.13 6.75 -17.40
N PHE D 92 -25.34 7.49 -18.18
CA PHE D 92 -24.21 6.89 -18.89
C PHE D 92 -23.19 6.30 -17.93
N CYS D 93 -23.07 6.90 -16.75
CA CYS D 93 -22.18 6.37 -15.72
C CYS D 93 -22.64 4.95 -15.33
N TYR D 94 -23.90 4.83 -14.93
CA TYR D 94 -24.53 3.54 -14.67
C TYR D 94 -24.29 2.54 -15.81
N LEU D 95 -24.38 3.01 -17.05
CA LEU D 95 -24.19 2.13 -18.20
C LEU D 95 -22.75 1.61 -18.32
N LEU D 96 -21.78 2.41 -17.91
CA LEU D 96 -20.37 2.00 -17.96
C LEU D 96 -20.12 0.89 -16.95
N TYR D 97 -20.55 1.13 -15.72
CA TYR D 97 -20.52 0.13 -14.63
C TYR D 97 -21.00 -1.22 -15.13
N LYS D 98 -22.24 -1.25 -15.60
CA LYS D 98 -22.91 -2.49 -16.01
C LYS D 98 -22.25 -3.17 -17.19
N ASN D 99 -21.67 -2.41 -18.10
CA ASN D 99 -21.20 -2.95 -19.40
C ASN D 99 -19.68 -3.08 -19.57
N LEU D 100 -18.88 -2.56 -18.63
CA LEU D 100 -17.43 -2.54 -18.83
C LEU D 100 -16.58 -3.22 -17.74
N GLU D 101 -17.17 -3.55 -16.58
CA GLU D 101 -16.40 -4.11 -15.47
C GLU D 101 -15.39 -3.08 -14.94
N LEU D 102 -15.92 -1.99 -14.40
CA LEU D 102 -15.13 -0.94 -13.82
C LEU D 102 -14.60 -1.33 -12.45
N THR D 103 -15.23 -2.35 -11.85
CA THR D 103 -14.84 -2.84 -10.53
C THR D 103 -13.47 -3.50 -10.55
N ASN D 104 -13.04 -3.98 -11.72
CA ASN D 104 -11.65 -4.44 -11.91
C ASN D 104 -10.60 -3.35 -11.72
N TYR D 105 -10.90 -2.15 -12.23
CA TYR D 105 -9.94 -1.05 -12.29
C TYR D 105 -10.17 0.09 -11.29
N LEU D 106 -11.33 0.15 -10.64
CA LEU D 106 -11.64 1.26 -9.73
C LEU D 106 -12.23 0.77 -8.42
N GLU D 107 -11.93 1.47 -7.34
CA GLU D 107 -12.53 1.17 -6.05
C GLU D 107 -14.00 1.57 -6.08
N ASP D 108 -14.82 0.84 -5.33
CA ASP D 108 -16.28 1.01 -5.40
C ASP D 108 -16.71 2.42 -4.99
N ILE D 109 -15.97 3.04 -4.06
CA ILE D 109 -16.22 4.42 -3.67
C ILE D 109 -15.89 5.43 -4.78
N GLU D 110 -14.93 5.08 -5.64
CA GLU D 110 -14.53 5.95 -6.75
C GLU D 110 -15.61 6.00 -7.83
N ILE D 111 -16.15 4.83 -8.14
CA ILE D 111 -17.26 4.72 -9.07
C ILE D 111 -18.52 5.40 -8.52
N PHE D 112 -18.68 5.38 -7.20
CA PHE D 112 -19.83 5.97 -6.55
C PHE D 112 -19.71 7.49 -6.54
N ALA D 113 -18.51 7.99 -6.24
CA ALA D 113 -18.19 9.42 -6.31
C ALA D 113 -18.44 9.99 -7.71
N LEU D 114 -18.13 9.19 -8.72
CA LEU D 114 -18.35 9.56 -10.12
C LEU D 114 -19.84 9.77 -10.42
N PHE D 115 -20.66 8.79 -10.06
CA PHE D 115 -22.10 8.89 -10.33
C PHE D 115 -22.74 10.12 -9.69
N ILE D 116 -22.32 10.43 -8.47
CA ILE D 116 -22.80 11.64 -7.79
C ILE D 116 -22.25 12.88 -8.48
N SER D 117 -20.99 12.84 -8.92
CA SER D 117 -20.39 13.97 -9.62
C SER D 117 -21.19 14.30 -10.86
N CYS D 118 -21.57 13.28 -11.61
CA CYS D 118 -22.40 13.45 -12.78
C CYS D 118 -23.71 14.21 -12.48
N MET D 119 -24.37 13.84 -11.39
CA MET D 119 -25.62 14.51 -11.00
C MET D 119 -25.41 16.00 -10.77
N CYS D 120 -24.27 16.35 -10.19
CA CYS D 120 -23.98 17.71 -9.77
C CYS D 120 -23.12 18.55 -10.72
N HIS D 121 -22.47 17.91 -11.69
CA HIS D 121 -21.36 18.56 -12.40
C HIS D 121 -21.67 19.81 -13.22
N ASP D 122 -22.93 20.08 -13.53
CA ASP D 122 -23.27 21.32 -14.22
C ASP D 122 -24.26 22.15 -13.41
N LEU D 123 -24.29 21.93 -12.10
CA LEU D 123 -25.27 22.59 -11.24
C LEU D 123 -25.31 24.11 -11.43
N ASP D 124 -26.49 24.63 -11.76
CA ASP D 124 -26.72 26.06 -11.89
C ASP D 124 -25.94 26.69 -13.06
N HIS D 125 -25.89 25.99 -14.18
CA HIS D 125 -25.33 26.54 -15.44
C HIS D 125 -26.30 27.62 -15.96
N ARG D 126 -25.73 28.75 -16.40
CA ARG D 126 -26.49 29.88 -16.91
C ARG D 126 -26.51 29.90 -18.44
N GLY D 127 -26.10 28.79 -19.06
CA GLY D 127 -25.98 28.69 -20.50
C GLY D 127 -24.82 29.45 -21.11
N THR D 128 -23.85 29.85 -20.29
CA THR D 128 -22.67 30.52 -20.81
C THR D 128 -21.41 29.78 -20.36
N ASN D 129 -20.30 30.00 -21.06
CA ASN D 129 -19.04 29.36 -20.73
C ASN D 129 -18.23 30.22 -19.73
N ASN D 130 -17.01 29.78 -19.44
CA ASN D 130 -16.15 30.42 -18.45
C ASN D 130 -15.64 31.79 -18.85
N SER D 131 -15.23 31.90 -20.10
CA SER D 131 -14.77 33.15 -20.69
C SER D 131 -15.82 34.25 -20.51
N PHE D 132 -17.10 33.90 -20.66
CA PHE D 132 -18.18 34.87 -20.53
C PHE D 132 -18.28 35.42 -19.12
N GLN D 133 -18.12 34.56 -18.13
CA GLN D 133 -18.15 35.03 -16.73
C GLN D 133 -17.12 36.14 -16.53
N VAL D 134 -15.93 35.96 -17.13
CA VAL D 134 -14.83 36.89 -16.94
C VAL D 134 -15.11 38.19 -17.70
N ALA D 135 -15.46 38.06 -18.98
CA ALA D 135 -15.81 39.21 -19.80
C ALA D 135 -16.95 40.03 -19.22
N SER D 136 -18.02 39.37 -18.81
CA SER D 136 -19.19 40.05 -18.25
C SER D 136 -18.95 40.47 -16.80
N LYS D 137 -17.88 39.95 -16.21
CA LYS D 137 -17.49 40.26 -14.83
C LYS D 137 -18.59 39.95 -13.84
N SER D 138 -19.10 38.72 -13.89
CA SER D 138 -20.13 38.28 -12.97
C SER D 138 -19.53 37.93 -11.59
N VAL D 139 -20.40 37.63 -10.64
CA VAL D 139 -19.97 37.28 -9.29
C VAL D 139 -19.07 36.03 -9.30
N LEU D 140 -19.40 35.06 -10.16
CA LEU D 140 -18.62 33.82 -10.25
C LEU D 140 -17.19 34.10 -10.72
N ALA D 141 -17.03 35.07 -11.62
CA ALA D 141 -15.70 35.50 -12.06
C ALA D 141 -14.95 36.21 -10.96
N ALA D 142 -15.65 37.05 -10.20
CA ALA D 142 -15.06 37.72 -9.04
C ALA D 142 -14.45 36.71 -8.08
N LEU D 143 -15.23 35.68 -7.74
CA LEU D 143 -14.75 34.61 -6.86
C LEU D 143 -13.65 33.75 -7.50
N TYR D 144 -13.86 33.31 -8.73
CA TYR D 144 -13.09 32.17 -9.27
C TYR D 144 -12.13 32.46 -10.45
N SER D 145 -12.18 33.64 -11.07
CA SER D 145 -11.43 33.90 -12.32
C SER D 145 -9.93 33.63 -12.27
N SER D 146 -9.30 33.97 -11.15
CA SER D 146 -7.85 33.87 -11.01
C SER D 146 -7.33 32.42 -10.97
N GLU D 147 -8.19 31.49 -10.56
CA GLU D 147 -7.83 30.08 -10.45
C GLU D 147 -8.27 29.20 -11.63
N GLY D 148 -9.15 29.73 -12.49
CA GLY D 148 -9.59 29.00 -13.69
C GLY D 148 -10.87 28.21 -13.43
N SER D 149 -11.43 27.63 -14.49
CA SER D 149 -12.62 26.79 -14.39
C SER D 149 -13.76 27.41 -13.57
N VAL D 150 -14.14 28.63 -13.93
CA VAL D 150 -15.10 29.40 -13.13
C VAL D 150 -16.41 28.64 -12.90
N MET D 151 -16.97 28.07 -13.95
CA MET D 151 -18.28 27.42 -13.82
C MET D 151 -18.17 26.14 -13.03
N GLU D 152 -17.06 25.44 -13.21
CA GLU D 152 -16.86 24.16 -12.56
C GLU D 152 -16.67 24.36 -11.07
N ARG D 153 -15.80 25.29 -10.70
CA ARG D 153 -15.67 25.71 -9.30
C ARG D 153 -17.00 26.17 -8.70
N HIS D 154 -17.87 26.76 -9.52
CA HIS D 154 -19.22 27.11 -9.09
C HIS D 154 -20.05 25.85 -8.87
N HIS D 155 -20.06 24.97 -9.86
CA HIS D 155 -20.84 23.74 -9.77
C HIS D 155 -20.52 22.97 -8.49
N PHE D 156 -19.23 22.72 -8.24
CA PHE D 156 -18.78 22.04 -7.04
C PHE D 156 -19.28 22.73 -5.76
N ALA D 157 -19.16 24.06 -5.71
CA ALA D 157 -19.57 24.81 -4.51
C ALA D 157 -21.08 24.69 -4.23
N GLN D 158 -21.87 24.54 -5.29
CA GLN D 158 -23.30 24.33 -5.16
C GLN D 158 -23.64 22.95 -4.63
N ALA D 159 -22.94 21.92 -5.11
CA ALA D 159 -23.04 20.57 -4.53
C ALA D 159 -22.79 20.60 -3.02
N ILE D 160 -21.73 21.28 -2.62
CA ILE D 160 -21.41 21.46 -1.22
C ILE D 160 -22.59 22.12 -0.50
N ALA D 161 -23.13 23.19 -1.09
CA ALA D 161 -24.27 23.91 -0.53
C ALA D 161 -25.50 23.02 -0.36
N ILE D 162 -25.67 22.04 -1.24
CA ILE D 162 -26.79 21.09 -1.16
C ILE D 162 -26.57 20.09 -0.02
N LEU D 163 -25.38 19.48 0.01
CA LEU D 163 -25.00 18.58 1.09
C LEU D 163 -25.09 19.26 2.45
N ASN D 164 -24.81 20.56 2.50
CA ASN D 164 -24.93 21.32 3.76
C ASN D 164 -26.30 21.99 3.95
N THR D 165 -27.35 21.28 3.53
CA THR D 165 -28.73 21.66 3.80
C THR D 165 -29.30 20.57 4.70
N HIS D 166 -30.12 20.95 5.67
CA HIS D 166 -30.68 19.98 6.61
C HIS D 166 -31.33 18.80 5.87
N GLY D 167 -30.96 17.59 6.27
CA GLY D 167 -31.55 16.36 5.72
C GLY D 167 -31.11 15.97 4.32
N CYS D 168 -30.08 16.64 3.80
CA CYS D 168 -29.59 16.40 2.44
C CYS D 168 -28.20 15.74 2.36
N ASN D 169 -27.40 15.82 3.43
CA ASN D 169 -26.08 15.21 3.44
C ASN D 169 -26.16 13.68 3.40
N ILE D 170 -25.95 13.10 2.23
CA ILE D 170 -25.98 11.65 2.06
C ILE D 170 -24.74 10.94 2.64
N PHE D 171 -23.65 11.69 2.84
CA PHE D 171 -22.41 11.15 3.41
C PHE D 171 -22.29 11.51 4.89
N ASP D 172 -23.43 11.80 5.52
CA ASP D 172 -23.49 12.31 6.88
C ASP D 172 -22.91 11.33 7.91
N HIS D 173 -23.03 10.04 7.61
CA HIS D 173 -22.65 8.95 8.51
C HIS D 173 -21.33 8.24 8.13
N PHE D 174 -20.68 8.69 7.05
CA PHE D 174 -19.42 8.10 6.59
C PHE D 174 -18.32 8.36 7.60
N SER D 175 -17.31 7.50 7.57
CA SER D 175 -16.13 7.69 8.41
C SER D 175 -15.36 8.94 8.00
N ARG D 176 -14.63 9.50 8.96
CA ARG D 176 -13.75 10.65 8.72
C ARG D 176 -13.08 10.51 7.35
N LYS D 177 -12.35 9.41 7.17
CA LYS D 177 -11.58 9.17 5.95
C LYS D 177 -12.47 9.04 4.73
N ASP D 178 -13.53 8.24 4.84
CA ASP D 178 -14.48 8.04 3.72
C ASP D 178 -15.13 9.35 3.26
N TYR D 179 -15.59 10.15 4.22
CA TYR D 179 -16.29 11.40 3.92
C TYR D 179 -15.42 12.34 3.12
N GLN D 180 -14.22 12.58 3.64
CA GLN D 180 -13.26 13.49 3.02
C GLN D 180 -12.84 12.99 1.63
N ARG D 181 -12.75 11.67 1.47
CA ARG D 181 -12.36 11.11 0.17
C ARG D 181 -13.44 11.29 -0.88
N MET D 182 -14.70 11.34 -0.44
CA MET D 182 -15.82 11.56 -1.34
C MET D 182 -15.81 12.98 -1.89
N LEU D 183 -15.55 13.93 -0.99
CA LEU D 183 -15.40 15.34 -1.36
C LEU D 183 -14.21 15.57 -2.28
N ASP D 184 -13.07 14.94 -1.96
CA ASP D 184 -11.85 15.06 -2.77
C ASP D 184 -12.03 14.53 -4.18
N LEU D 185 -12.77 13.42 -4.29
CA LEU D 185 -13.11 12.83 -5.58
C LEU D 185 -14.06 13.75 -6.35
N MET D 186 -15.12 14.19 -5.69
CA MET D 186 -16.10 15.08 -6.33
C MET D 186 -15.46 16.34 -6.90
N ARG D 187 -14.58 16.98 -6.13
CA ARG D 187 -13.90 18.19 -6.59
C ARG D 187 -13.04 17.92 -7.83
N ASP D 188 -12.18 16.91 -7.77
CA ASP D 188 -11.38 16.51 -8.92
C ASP D 188 -12.24 16.20 -10.15
N ILE D 189 -13.23 15.36 -9.96
CA ILE D 189 -14.09 14.91 -11.07
C ILE D 189 -14.92 16.07 -11.64
N ILE D 190 -15.46 16.93 -10.77
CA ILE D 190 -16.26 18.07 -11.24
C ILE D 190 -15.38 19.11 -11.94
N LEU D 191 -14.18 19.33 -11.43
CA LEU D 191 -13.23 20.24 -12.08
C LEU D 191 -12.69 19.67 -13.39
N ALA D 192 -12.68 18.36 -13.51
CA ALA D 192 -12.23 17.70 -14.75
C ALA D 192 -13.21 17.86 -15.92
N THR D 193 -14.43 18.31 -15.64
CA THR D 193 -15.43 18.56 -16.67
C THR D 193 -15.10 19.77 -17.54
N ASP D 194 -14.24 20.65 -17.05
CA ASP D 194 -13.74 21.75 -17.86
C ASP D 194 -12.91 21.18 -19.02
N LEU D 195 -13.31 21.47 -20.27
CA LEU D 195 -12.62 20.90 -21.43
C LEU D 195 -11.21 21.48 -21.63
N ALA D 196 -10.89 22.57 -20.94
CA ALA D 196 -9.51 23.06 -20.88
C ALA D 196 -8.63 22.11 -20.07
N HIS D 197 -9.18 21.59 -18.97
CA HIS D 197 -8.49 20.59 -18.15
C HIS D 197 -8.22 19.34 -18.98
N HIS D 198 -9.29 18.72 -19.48
CA HIS D 198 -9.19 17.52 -20.31
C HIS D 198 -8.10 17.60 -21.40
N LEU D 199 -7.96 18.76 -22.05
CA LEU D 199 -6.98 18.91 -23.12
C LEU D 199 -5.56 19.14 -22.62
N ARG D 200 -5.42 19.82 -21.47
CA ARG D 200 -4.14 19.88 -20.77
C ARG D 200 -3.63 18.48 -20.41
N ILE D 201 -4.53 17.62 -19.91
CA ILE D 201 -4.16 16.29 -19.43
C ILE D 201 -4.24 15.18 -20.47
N PHE D 202 -4.61 15.50 -21.71
CA PHE D 202 -4.82 14.46 -22.71
C PHE D 202 -3.57 13.63 -22.93
N LYS D 203 -2.42 14.31 -22.98
CA LYS D 203 -1.12 13.66 -23.08
C LYS D 203 -0.97 12.61 -21.99
N ASP D 204 -1.33 12.96 -20.76
CA ASP D 204 -1.21 12.04 -19.63
C ASP D 204 -2.14 10.82 -19.74
N LEU D 205 -3.32 11.01 -20.33
CA LEU D 205 -4.26 9.91 -20.56
C LEU D 205 -3.75 8.94 -21.64
N GLN D 206 -2.97 9.45 -22.58
CA GLN D 206 -2.32 8.60 -23.57
C GLN D 206 -1.21 7.76 -22.94
N LYS D 207 -0.35 8.39 -22.13
CA LYS D 207 0.75 7.68 -21.46
C LYS D 207 0.24 6.49 -20.66
N MET D 208 -0.84 6.72 -19.91
CA MET D 208 -1.47 5.65 -19.12
C MET D 208 -1.92 4.50 -20.02
N ALA D 209 -2.57 4.83 -21.13
CA ALA D 209 -3.00 3.82 -22.10
C ALA D 209 -1.79 3.10 -22.69
N GLU D 210 -0.75 3.84 -23.04
CA GLU D 210 0.44 3.25 -23.65
C GLU D 210 1.12 2.24 -22.74
N VAL D 211 1.41 2.65 -21.49
CA VAL D 211 2.03 1.73 -20.53
C VAL D 211 1.03 0.70 -20.01
N GLY D 212 -0.25 0.97 -20.17
CA GLY D 212 -1.29 0.08 -19.72
C GLY D 212 -1.68 0.46 -18.32
N TYR D 213 -2.96 0.34 -18.01
CA TYR D 213 -3.51 0.77 -16.73
C TYR D 213 -2.91 -0.02 -15.56
N ASP D 214 -2.76 0.62 -14.42
CA ASP D 214 -2.11 0.04 -13.25
C ASP D 214 -2.99 0.23 -12.00
N ARG D 215 -3.55 -0.88 -11.52
CA ARG D 215 -4.49 -0.89 -10.38
C ARG D 215 -3.95 -0.21 -9.13
N ASN D 216 -2.65 -0.36 -8.89
CA ASN D 216 -2.01 0.14 -7.69
C ASN D 216 -1.37 1.50 -7.85
N ASN D 217 -1.61 2.15 -9.00
CA ASN D 217 -1.10 3.47 -9.28
C ASN D 217 -2.23 4.47 -9.09
N LYS D 218 -2.20 5.18 -7.96
CA LYS D 218 -3.24 6.15 -7.61
C LYS D 218 -3.40 7.26 -8.65
N GLN D 219 -2.34 7.58 -9.38
CA GLN D 219 -2.41 8.59 -10.43
C GLN D 219 -3.28 8.09 -11.61
N HIS D 220 -3.26 6.79 -11.86
CA HIS D 220 -4.06 6.17 -12.91
C HIS D 220 -5.54 6.10 -12.51
N HIS D 221 -5.81 5.98 -11.21
CA HIS D 221 -7.18 6.11 -10.72
C HIS D 221 -7.71 7.53 -10.98
N ARG D 222 -6.90 8.53 -10.68
CA ARG D 222 -7.29 9.93 -10.92
C ARG D 222 -7.59 10.18 -12.40
N LEU D 223 -6.66 9.80 -13.27
CA LEU D 223 -6.80 10.04 -14.72
C LEU D 223 -8.05 9.41 -15.35
N LEU D 224 -8.22 8.10 -15.10
CA LEU D 224 -9.34 7.32 -15.62
C LEU D 224 -10.70 7.85 -15.18
N LEU D 225 -10.80 8.32 -13.94
CA LEU D 225 -12.01 8.97 -13.45
C LEU D 225 -12.31 10.25 -14.23
N CYS D 226 -11.27 11.01 -14.57
CA CYS D 226 -11.44 12.17 -15.43
C CYS D 226 -11.95 11.75 -16.80
N LEU D 227 -11.32 10.71 -17.36
CA LEU D 227 -11.72 10.20 -18.68
C LEU D 227 -13.17 9.75 -18.72
N LEU D 228 -13.59 8.96 -17.73
CA LEU D 228 -14.95 8.46 -17.66
C LEU D 228 -15.98 9.56 -17.41
N MET D 229 -15.60 10.58 -16.63
CA MET D 229 -16.42 11.76 -16.45
C MET D 229 -16.71 12.42 -17.80
N THR D 230 -15.64 12.61 -18.58
CA THR D 230 -15.77 13.25 -19.88
C THR D 230 -16.55 12.36 -20.88
N SER D 231 -16.37 11.05 -20.77
CA SER D 231 -17.09 10.12 -21.64
C SER D 231 -18.59 10.11 -21.31
N CYS D 232 -18.93 10.44 -20.07
CA CYS D 232 -20.31 10.60 -19.65
C CYS D 232 -20.86 11.97 -20.11
N ASP D 233 -20.06 13.03 -19.96
CA ASP D 233 -20.48 14.39 -20.34
C ASP D 233 -20.88 14.44 -21.82
N LEU D 234 -20.11 13.72 -22.65
CA LEU D 234 -20.27 13.71 -24.11
C LEU D 234 -21.03 12.48 -24.63
N SER D 235 -21.75 11.78 -23.76
CA SER D 235 -22.37 10.51 -24.12
C SER D 235 -23.60 10.62 -25.03
N ASP D 236 -24.15 11.83 -25.22
CA ASP D 236 -25.19 12.00 -26.25
C ASP D 236 -24.66 11.67 -27.64
N GLN D 237 -23.34 11.72 -27.80
CA GLN D 237 -22.70 11.41 -29.08
C GLN D 237 -22.64 9.92 -29.39
N THR D 238 -22.88 9.07 -28.40
CA THR D 238 -22.78 7.61 -28.55
C THR D 238 -24.12 6.93 -28.82
N LYS D 239 -25.21 7.70 -28.77
CA LYS D 239 -26.55 7.18 -29.05
C LYS D 239 -26.81 7.19 -30.57
N GLY D 240 -28.06 7.34 -31.00
CA GLY D 240 -28.39 7.41 -32.42
C GLY D 240 -28.25 8.79 -33.06
N TRP D 241 -28.46 8.84 -34.38
CA TRP D 241 -28.44 10.09 -35.14
C TRP D 241 -29.45 11.10 -34.62
N LYS D 242 -30.70 10.68 -34.47
CA LYS D 242 -31.73 11.55 -33.91
C LYS D 242 -31.24 12.32 -32.68
N THR D 243 -30.45 11.65 -31.81
CA THR D 243 -29.95 12.26 -30.57
C THR D 243 -28.85 13.30 -30.82
N THR D 244 -27.88 12.96 -31.66
CA THR D 244 -26.81 13.90 -32.01
C THR D 244 -27.39 15.17 -32.64
N ARG D 245 -28.34 14.99 -33.55
CA ARG D 245 -29.01 16.09 -34.25
C ARG D 245 -29.77 16.95 -33.26
N LYS D 246 -30.51 16.30 -32.37
CA LYS D 246 -31.27 16.98 -31.33
C LYS D 246 -30.35 17.74 -30.38
N ILE D 247 -29.19 17.15 -30.05
CA ILE D 247 -28.22 17.84 -29.19
C ILE D 247 -27.53 18.99 -29.91
N ALA D 248 -27.13 18.78 -31.16
CA ALA D 248 -26.53 19.87 -31.93
C ALA D 248 -27.44 21.09 -31.88
N GLU D 249 -28.72 20.86 -32.14
CA GLU D 249 -29.76 21.87 -32.05
C GLU D 249 -29.76 22.63 -30.70
N LEU D 250 -29.77 21.89 -29.60
CA LEU D 250 -29.81 22.49 -28.27
C LEU D 250 -28.50 23.21 -27.88
N ILE D 251 -27.35 22.63 -28.19
CA ILE D 251 -26.06 23.26 -27.90
C ILE D 251 -25.92 24.60 -28.58
N TYR D 252 -26.05 24.61 -29.90
CA TYR D 252 -25.82 25.83 -30.65
C TYR D 252 -26.87 26.89 -30.35
N LYS D 253 -28.10 26.49 -30.05
CA LYS D 253 -29.09 27.46 -29.62
C LYS D 253 -28.55 28.19 -28.39
N GLU D 254 -28.04 27.41 -27.45
CA GLU D 254 -27.46 27.93 -26.22
C GLU D 254 -26.24 28.79 -26.53
N PHE D 255 -25.29 28.25 -27.27
CA PHE D 255 -24.11 29.00 -27.73
C PHE D 255 -24.51 30.33 -28.38
N PHE D 256 -25.45 30.28 -29.32
CA PHE D 256 -25.82 31.48 -30.07
C PHE D 256 -26.43 32.58 -29.19
N SER D 257 -27.06 32.18 -28.09
CA SER D 257 -27.54 33.15 -27.10
C SER D 257 -26.39 33.91 -26.45
N GLN D 258 -25.33 33.19 -26.11
CA GLN D 258 -24.16 33.83 -25.53
C GLN D 258 -23.59 34.83 -26.53
N GLY D 259 -23.35 34.35 -27.74
CA GLY D 259 -22.84 35.20 -28.81
C GLY D 259 -23.58 36.52 -28.94
N ASP D 260 -24.92 36.44 -28.92
CA ASP D 260 -25.77 37.65 -29.04
C ASP D 260 -25.49 38.60 -27.89
N LEU D 261 -25.48 38.10 -26.66
CA LEU D 261 -25.09 38.89 -25.48
C LEU D 261 -23.66 39.45 -25.61
N GLU D 262 -22.75 38.67 -26.17
CA GLU D 262 -21.38 39.15 -26.38
C GLU D 262 -21.36 40.34 -27.32
N LYS D 263 -22.04 40.20 -28.45
CA LYS D 263 -22.10 41.28 -29.44
C LYS D 263 -22.67 42.54 -28.82
N ALA D 264 -23.76 42.41 -28.08
CA ALA D 264 -24.37 43.54 -27.38
C ALA D 264 -23.36 44.28 -26.49
N MET D 265 -22.46 43.53 -25.86
CA MET D 265 -21.38 44.12 -25.06
C MET D 265 -20.19 44.58 -25.93
N GLY D 266 -20.42 44.88 -27.21
CA GLY D 266 -19.34 45.33 -28.09
C GLY D 266 -18.17 44.38 -28.24
N ASN D 267 -18.44 43.07 -28.18
CA ASN D 267 -17.39 42.06 -28.30
C ASN D 267 -17.58 41.19 -29.53
N ARG D 268 -16.49 40.57 -29.96
CA ARG D 268 -16.48 39.63 -31.08
C ARG D 268 -16.49 38.21 -30.53
N PRO D 269 -17.67 37.54 -30.57
CA PRO D 269 -17.73 36.17 -30.04
C PRO D 269 -16.99 35.17 -30.91
N MET D 270 -16.65 34.03 -30.33
CA MET D 270 -15.97 32.97 -31.07
C MET D 270 -16.87 32.43 -32.17
N GLU D 271 -16.26 32.00 -33.27
CA GLU D 271 -17.00 31.53 -34.46
C GLU D 271 -18.23 30.73 -34.07
N MET D 272 -18.04 29.73 -33.23
CA MET D 272 -19.10 28.78 -32.85
C MET D 272 -20.22 29.39 -32.01
N MET D 273 -19.97 30.54 -31.39
CA MET D 273 -20.98 31.29 -30.65
C MET D 273 -21.79 32.20 -31.59
N ASP D 274 -21.24 32.45 -32.78
CA ASP D 274 -21.74 33.47 -33.66
C ASP D 274 -22.63 32.84 -34.73
N ARG D 275 -23.93 33.11 -34.63
CA ARG D 275 -24.91 32.54 -35.56
C ARG D 275 -24.79 33.09 -36.98
N GLU D 276 -24.03 34.16 -37.17
CA GLU D 276 -23.67 34.65 -38.50
C GLU D 276 -22.50 33.90 -39.16
N LYS D 277 -21.55 33.41 -38.36
CA LYS D 277 -20.36 32.72 -38.91
C LYS D 277 -20.34 31.20 -38.73
N ALA D 278 -21.03 30.69 -37.71
CA ALA D 278 -20.99 29.27 -37.35
C ALA D 278 -21.64 28.34 -38.38
N TYR D 279 -20.81 27.48 -38.98
CA TYR D 279 -21.25 26.49 -39.94
C TYR D 279 -21.36 25.12 -39.24
N ILE D 280 -22.53 24.89 -38.63
CA ILE D 280 -22.75 23.76 -37.72
C ILE D 280 -22.16 22.43 -38.20
N PRO D 281 -22.33 22.08 -39.47
CA PRO D 281 -21.82 20.78 -39.90
C PRO D 281 -20.32 20.58 -39.68
N GLU D 282 -19.51 21.59 -40.01
CA GLU D 282 -18.07 21.53 -39.79
C GLU D 282 -17.72 21.49 -38.30
N LEU D 283 -18.47 22.25 -37.51
CA LEU D 283 -18.20 22.34 -36.08
C LEU D 283 -18.61 21.06 -35.35
N GLN D 284 -19.76 20.50 -35.69
CA GLN D 284 -20.13 19.17 -35.19
C GLN D 284 -19.07 18.15 -35.52
N ILE D 285 -18.71 18.08 -36.80
CA ILE D 285 -17.75 17.10 -37.29
C ILE D 285 -16.37 17.29 -36.63
N SER D 286 -15.97 18.54 -36.41
CA SER D 286 -14.66 18.83 -35.85
C SER D 286 -14.64 18.46 -34.36
N PHE D 287 -15.73 18.77 -33.67
CA PHE D 287 -15.88 18.37 -32.28
C PHE D 287 -15.86 16.85 -32.12
N MET D 288 -16.45 16.13 -33.07
CA MET D 288 -16.54 14.68 -33.00
C MET D 288 -15.21 14.01 -33.32
N GLU D 289 -14.56 14.44 -34.39
CA GLU D 289 -13.27 13.90 -34.78
C GLU D 289 -12.16 14.18 -33.79
N HIS D 290 -12.11 15.41 -33.26
CA HIS D 290 -10.95 15.91 -32.54
C HIS D 290 -11.10 16.01 -31.02
N ILE D 291 -12.33 15.92 -30.53
CA ILE D 291 -12.55 15.86 -29.08
C ILE D 291 -13.20 14.53 -28.70
N ALA D 292 -14.40 14.26 -29.22
CA ALA D 292 -15.19 13.11 -28.76
C ALA D 292 -14.55 11.77 -29.12
N MET D 293 -14.26 11.57 -30.42
CA MET D 293 -13.74 10.28 -30.86
C MET D 293 -12.45 9.89 -30.11
N PRO D 294 -11.51 10.83 -29.94
CA PRO D 294 -10.30 10.46 -29.20
C PRO D 294 -10.59 10.00 -27.77
N ILE D 295 -11.52 10.66 -27.09
CA ILE D 295 -11.96 10.24 -25.77
C ILE D 295 -12.43 8.79 -25.80
N TYR D 296 -13.37 8.47 -26.69
CA TYR D 296 -13.90 7.09 -26.77
C TYR D 296 -12.92 6.09 -27.41
N LYS D 297 -11.91 6.56 -28.12
CA LYS D 297 -10.80 5.69 -28.55
C LYS D 297 -9.93 5.27 -27.35
N LEU D 298 -9.58 6.24 -26.50
CA LEU D 298 -8.89 5.91 -25.27
C LEU D 298 -9.74 4.96 -24.42
N LEU D 299 -11.04 5.25 -24.30
CA LEU D 299 -11.95 4.40 -23.54
C LEU D 299 -11.98 2.95 -24.06
N GLN D 300 -11.79 2.78 -25.37
CA GLN D 300 -11.71 1.46 -26.01
C GLN D 300 -10.34 0.80 -25.82
N ASP D 301 -9.29 1.61 -25.79
CA ASP D 301 -7.95 1.11 -25.51
C ASP D 301 -7.85 0.44 -24.13
N LEU D 302 -8.60 0.93 -23.15
CA LEU D 302 -8.59 0.41 -21.78
C LEU D 302 -9.66 -0.67 -21.53
N PHE D 303 -10.85 -0.42 -22.06
CA PHE D 303 -11.99 -1.34 -21.92
C PHE D 303 -12.34 -1.86 -23.30
N PRO D 304 -12.08 -3.16 -23.57
CA PRO D 304 -12.32 -3.68 -24.92
C PRO D 304 -13.80 -3.71 -25.32
N LYS D 305 -14.68 -3.83 -24.32
CA LYS D 305 -16.13 -3.83 -24.56
C LYS D 305 -16.68 -2.43 -24.88
N ALA D 306 -15.81 -1.42 -24.85
CA ALA D 306 -16.19 -0.05 -25.19
C ALA D 306 -15.93 0.28 -26.67
N ALA D 307 -15.58 -0.72 -27.45
CA ALA D 307 -15.37 -0.53 -28.89
C ALA D 307 -16.64 -0.04 -29.55
N GLU D 308 -17.79 -0.59 -29.18
CA GLU D 308 -19.05 -0.19 -29.84
C GLU D 308 -19.45 1.25 -29.57
N LEU D 309 -18.95 1.84 -28.49
CA LEU D 309 -19.20 3.26 -28.23
C LEU D 309 -18.40 4.12 -29.19
N TYR D 310 -17.14 3.77 -29.41
CA TYR D 310 -16.33 4.45 -30.42
C TYR D 310 -16.91 4.29 -31.83
N GLU D 311 -17.47 3.11 -32.12
CA GLU D 311 -18.09 2.83 -33.41
C GLU D 311 -19.24 3.77 -33.72
N ARG D 312 -20.21 3.85 -32.80
CA ARG D 312 -21.38 4.71 -33.00
C ARG D 312 -21.00 6.18 -33.19
N VAL D 313 -20.06 6.67 -32.39
CA VAL D 313 -19.60 8.05 -32.54
C VAL D 313 -18.99 8.24 -33.94
N ALA D 314 -18.23 7.25 -34.41
CA ALA D 314 -17.71 7.27 -35.79
C ALA D 314 -18.84 7.21 -36.85
N SER D 315 -19.87 6.41 -36.59
CA SER D 315 -21.04 6.35 -37.47
C SER D 315 -21.74 7.69 -37.55
N ASN D 316 -22.17 8.21 -36.40
CA ASN D 316 -22.86 9.51 -36.33
C ASN D 316 -22.08 10.61 -37.07
N ARG D 317 -20.76 10.58 -36.95
CA ARG D 317 -19.90 11.53 -37.65
C ARG D 317 -19.97 11.37 -39.17
N GLU D 318 -19.97 10.14 -39.66
CA GLU D 318 -20.12 9.89 -41.11
C GLU D 318 -21.50 10.34 -41.57
N HIS D 319 -22.49 10.18 -40.69
CA HIS D 319 -23.85 10.64 -40.97
C HIS D 319 -23.90 12.16 -41.15
N TRP D 320 -23.26 12.90 -40.25
CA TRP D 320 -23.16 14.37 -40.36
C TRP D 320 -22.47 14.80 -41.65
N THR D 321 -21.51 14.01 -42.10
CA THR D 321 -20.80 14.23 -43.36
C THR D 321 -21.75 14.01 -44.55
N LYS D 322 -22.56 12.96 -44.49
CA LYS D 322 -23.49 12.66 -45.57
C LYS D 322 -24.56 13.74 -45.66
N VAL D 323 -25.14 14.10 -44.52
CA VAL D 323 -26.23 15.05 -44.50
C VAL D 323 -25.73 16.51 -44.45
N SER D 324 -24.45 16.72 -44.76
CA SER D 324 -23.84 18.04 -44.69
C SER D 324 -24.27 18.96 -45.81
N HIS D 325 -24.19 18.48 -47.05
CA HIS D 325 -24.58 19.26 -48.23
C HIS D 325 -25.93 19.95 -48.06
N LYS D 326 -26.86 19.33 -47.34
CA LYS D 326 -28.19 19.91 -47.09
C LYS D 326 -28.19 21.34 -46.53
N PHE D 327 -27.11 21.75 -45.87
CA PHE D 327 -26.97 23.11 -45.36
C PHE D 327 -26.69 24.13 -46.47
N THR D 328 -26.47 23.67 -47.70
CA THR D 328 -26.38 24.55 -48.85
C THR D 328 -27.72 24.60 -49.57
N ILE D 329 -28.38 25.77 -49.56
CA ILE D 329 -29.70 25.89 -50.16
C ILE D 329 -29.58 25.80 -51.69
N ARG D 330 -29.96 24.65 -52.22
CA ARG D 330 -30.03 24.43 -53.66
C ARG D 330 -31.45 24.58 -54.14
N GLY D 331 -31.60 25.22 -55.31
CA GLY D 331 -32.92 25.59 -55.82
C GLY D 331 -33.54 26.66 -54.96
N LEU D 332 -34.86 26.62 -54.84
CA LEU D 332 -35.56 27.52 -53.94
C LEU D 332 -35.74 26.89 -52.55
N PRO D 333 -35.84 27.72 -51.50
CA PRO D 333 -36.28 27.22 -50.20
C PRO D 333 -37.64 26.53 -50.28
N SER D 334 -38.00 25.83 -49.22
CA SER D 334 -39.23 25.02 -49.18
C SER D 334 -40.51 25.84 -49.30
N ASN D 335 -40.46 27.11 -48.89
CA ASN D 335 -41.58 28.05 -49.14
C ASN D 335 -41.56 28.69 -50.53
N ASN D 336 -40.53 28.37 -51.32
CA ASN D 336 -40.35 28.92 -52.68
C ASN D 336 -40.20 30.44 -52.71
N SER D 337 -39.48 30.98 -51.74
CA SER D 337 -39.32 32.43 -51.60
C SER D 337 -37.84 32.80 -51.50
N LEU D 338 -37.52 34.04 -51.85
CA LEU D 338 -36.19 34.59 -51.60
C LEU D 338 -36.22 35.75 -50.60
N ASP D 339 -37.28 35.83 -49.81
CA ASP D 339 -37.42 36.89 -48.79
C ASP D 339 -36.26 36.91 -47.79
N PHE D 340 -35.69 35.73 -47.50
CA PHE D 340 -34.63 35.59 -46.49
C PHE D 340 -33.30 36.24 -46.89
#